data_4D9V
# 
_entry.id   4D9V 
# 
_audit_conform.dict_name       mmcif_pdbx.dic 
_audit_conform.dict_version    5.387 
_audit_conform.dict_location   http://mmcif.pdb.org/dictionaries/ascii/mmcif_pdbx.dic 
# 
loop_
_database_2.database_id 
_database_2.database_code 
_database_2.pdbx_database_accession 
_database_2.pdbx_DOI 
PDB   4D9V         pdb_00004d9v 10.2210/pdb4d9v/pdb 
RCSB  RCSB070064   ?            ?                   
WWPDB D_1000070064 ?            ?                   
# 
loop_
_pdbx_audit_revision_history.ordinal 
_pdbx_audit_revision_history.data_content_type 
_pdbx_audit_revision_history.major_revision 
_pdbx_audit_revision_history.minor_revision 
_pdbx_audit_revision_history.revision_date 
1 'Structure model' 1 0 2012-09-26 
2 'Structure model' 1 1 2013-01-09 
3 'Structure model' 1 2 2024-02-28 
# 
_pdbx_audit_revision_details.ordinal             1 
_pdbx_audit_revision_details.revision_ordinal    1 
_pdbx_audit_revision_details.data_content_type   'Structure model' 
_pdbx_audit_revision_details.provider            repository 
_pdbx_audit_revision_details.type                'Initial release' 
_pdbx_audit_revision_details.description         ? 
_pdbx_audit_revision_details.details             ? 
# 
loop_
_pdbx_audit_revision_group.ordinal 
_pdbx_audit_revision_group.revision_ordinal 
_pdbx_audit_revision_group.data_content_type 
_pdbx_audit_revision_group.group 
1 2 'Structure model' 'Database references' 
2 3 'Structure model' 'Data collection'     
3 3 'Structure model' 'Database references' 
# 
loop_
_pdbx_audit_revision_category.ordinal 
_pdbx_audit_revision_category.revision_ordinal 
_pdbx_audit_revision_category.data_content_type 
_pdbx_audit_revision_category.category 
1 3 'Structure model' chem_comp_atom     
2 3 'Structure model' chem_comp_bond     
3 3 'Structure model' database_2         
4 3 'Structure model' struct_ref_seq_dif 
# 
loop_
_pdbx_audit_revision_item.ordinal 
_pdbx_audit_revision_item.revision_ordinal 
_pdbx_audit_revision_item.data_content_type 
_pdbx_audit_revision_item.item 
1 3 'Structure model' '_database_2.pdbx_DOI'                
2 3 'Structure model' '_database_2.pdbx_database_accession' 
3 3 'Structure model' '_struct_ref_seq_dif.details'         
# 
_pdbx_database_status.status_code                     REL 
_pdbx_database_status.entry_id                        4D9V 
_pdbx_database_status.recvd_initial_deposition_date   2012-01-12 
_pdbx_database_status.deposit_site                    RCSB 
_pdbx_database_status.process_site                    RCSB 
_pdbx_database_status.status_code_sf                  REL 
_pdbx_database_status.status_code_mr                  ? 
_pdbx_database_status.SG_entry                        ? 
_pdbx_database_status.status_code_cs                  ? 
_pdbx_database_status.methods_development_category    ? 
_pdbx_database_status.pdb_format_compatible           Y 
_pdbx_database_status.status_code_nmr_data            ? 
# 
_pdbx_database_related.db_name        PDB 
_pdbx_database_related.db_id          2XXS 
_pdbx_database_related.details        'Type III Secretion FHA domain containing protein' 
_pdbx_database_related.content_type   unspecified 
# 
loop_
_audit_author.name 
_audit_author.pdbx_ordinal 
'Gamez, A.M.' 1 
'Ghosh, P.'   2 
# 
_citation.id                        primary 
_citation.title                     
'Structure and interactions of the cytoplasmic domain of the Yersinia type III secretion protein YscD.' 
_citation.journal_abbrev            J.Bacteriol. 
_citation.journal_volume            194 
_citation.page_first                5949 
_citation.page_last                 5958 
_citation.year                      2012 
_citation.journal_id_ASTM           JOBAAY 
_citation.country                   US 
_citation.journal_id_ISSN           0021-9193 
_citation.journal_id_CSD            0767 
_citation.book_publisher            ? 
_citation.pdbx_database_id_PubMed   22942247 
_citation.pdbx_database_id_DOI      10.1128/JB.00513-12 
# 
loop_
_citation_author.citation_id 
_citation_author.name 
_citation_author.ordinal 
_citation_author.identifier_ORCID 
primary 'Gamez, A.'      1 ? 
primary 'Mukerjea, R.'   2 ? 
primary 'Alayyoubi, M.'  3 ? 
primary 'Ghassemian, M.' 4 ? 
primary 'Ghosh, P.'      5 ? 
# 
loop_
_entity.id 
_entity.type 
_entity.src_method 
_entity.pdbx_description 
_entity.formula_weight 
_entity.pdbx_number_of_molecules 
_entity.pdbx_ec 
_entity.pdbx_mutation 
_entity.pdbx_fragment 
_entity.details 
1 polymer man 'YscD; putative type III secretion protein' 13565.556 2  ? ? 'Cytoplasmic domain, FHA domain' ? 
2 water   nat water                                       18.015    16 ? ? ?                                ? 
# 
_entity_poly.entity_id                      1 
_entity_poly.type                           'polypeptide(L)' 
_entity_poly.nstd_linkage                   no 
_entity_poly.nstd_monomer                   no 
_entity_poly.pdbx_seq_one_letter_code       
;GPVSWVCRFYQGKHRGVEVELPHGRCVFGSDPLQSDIVLSDSEIAPVHLVLMVDEEGIRLTDSAEPLLQEGLPVPLGTLL
RAGSCLEVGFLLWTFVAVGQPLPETLQVPTQRKEPTDRLPRSR
;
_entity_poly.pdbx_seq_one_letter_code_can   
;GPVSWVCRFYQGKHRGVEVELPHGRCVFGSDPLQSDIVLSDSEIAPVHLVLMVDEEGIRLTDSAEPLLQEGLPVPLGTLL
RAGSCLEVGFLLWTFVAVGQPLPETLQVPTQRKEPTDRLPRSR
;
_entity_poly.pdbx_strand_id                 A,B 
_entity_poly.pdbx_target_identifier         ? 
# 
_pdbx_entity_nonpoly.entity_id   2 
_pdbx_entity_nonpoly.name        water 
_pdbx_entity_nonpoly.comp_id     HOH 
# 
loop_
_entity_poly_seq.entity_id 
_entity_poly_seq.num 
_entity_poly_seq.mon_id 
_entity_poly_seq.hetero 
1 1   GLY n 
1 2   PRO n 
1 3   VAL n 
1 4   SER n 
1 5   TRP n 
1 6   VAL n 
1 7   CYS n 
1 8   ARG n 
1 9   PHE n 
1 10  TYR n 
1 11  GLN n 
1 12  GLY n 
1 13  LYS n 
1 14  HIS n 
1 15  ARG n 
1 16  GLY n 
1 17  VAL n 
1 18  GLU n 
1 19  VAL n 
1 20  GLU n 
1 21  LEU n 
1 22  PRO n 
1 23  HIS n 
1 24  GLY n 
1 25  ARG n 
1 26  CYS n 
1 27  VAL n 
1 28  PHE n 
1 29  GLY n 
1 30  SER n 
1 31  ASP n 
1 32  PRO n 
1 33  LEU n 
1 34  GLN n 
1 35  SER n 
1 36  ASP n 
1 37  ILE n 
1 38  VAL n 
1 39  LEU n 
1 40  SER n 
1 41  ASP n 
1 42  SER n 
1 43  GLU n 
1 44  ILE n 
1 45  ALA n 
1 46  PRO n 
1 47  VAL n 
1 48  HIS n 
1 49  LEU n 
1 50  VAL n 
1 51  LEU n 
1 52  MET n 
1 53  VAL n 
1 54  ASP n 
1 55  GLU n 
1 56  GLU n 
1 57  GLY n 
1 58  ILE n 
1 59  ARG n 
1 60  LEU n 
1 61  THR n 
1 62  ASP n 
1 63  SER n 
1 64  ALA n 
1 65  GLU n 
1 66  PRO n 
1 67  LEU n 
1 68  LEU n 
1 69  GLN n 
1 70  GLU n 
1 71  GLY n 
1 72  LEU n 
1 73  PRO n 
1 74  VAL n 
1 75  PRO n 
1 76  LEU n 
1 77  GLY n 
1 78  THR n 
1 79  LEU n 
1 80  LEU n 
1 81  ARG n 
1 82  ALA n 
1 83  GLY n 
1 84  SER n 
1 85  CYS n 
1 86  LEU n 
1 87  GLU n 
1 88  VAL n 
1 89  GLY n 
1 90  PHE n 
1 91  LEU n 
1 92  LEU n 
1 93  TRP n 
1 94  THR n 
1 95  PHE n 
1 96  VAL n 
1 97  ALA n 
1 98  VAL n 
1 99  GLY n 
1 100 GLN n 
1 101 PRO n 
1 102 LEU n 
1 103 PRO n 
1 104 GLU n 
1 105 THR n 
1 106 LEU n 
1 107 GLN n 
1 108 VAL n 
1 109 PRO n 
1 110 THR n 
1 111 GLN n 
1 112 ARG n 
1 113 LYS n 
1 114 GLU n 
1 115 PRO n 
1 116 THR n 
1 117 ASP n 
1 118 ARG n 
1 119 LEU n 
1 120 PRO n 
1 121 ARG n 
1 122 SER n 
1 123 ARG n 
# 
_entity_src_gen.entity_id                          1 
_entity_src_gen.pdbx_src_id                        1 
_entity_src_gen.pdbx_alt_source_flag               sample 
_entity_src_gen.pdbx_seq_type                      ? 
_entity_src_gen.pdbx_beg_seq_num                   ? 
_entity_src_gen.pdbx_end_seq_num                   ? 
_entity_src_gen.gene_src_common_name               ? 
_entity_src_gen.gene_src_genus                     ? 
_entity_src_gen.pdbx_gene_src_gene                 'pYV0080, yscD' 
_entity_src_gen.gene_src_species                   ? 
_entity_src_gen.gene_src_strain                    126 
_entity_src_gen.gene_src_tissue                    ? 
_entity_src_gen.gene_src_tissue_fraction           ? 
_entity_src_gen.gene_src_details                   ? 
_entity_src_gen.pdbx_gene_src_fragment             ? 
_entity_src_gen.pdbx_gene_src_scientific_name      'Yersinia pseudotuberculosis' 
_entity_src_gen.pdbx_gene_src_ncbi_taxonomy_id     633 
_entity_src_gen.pdbx_gene_src_variant              ? 
_entity_src_gen.pdbx_gene_src_cell_line            ? 
_entity_src_gen.pdbx_gene_src_atcc                 ? 
_entity_src_gen.pdbx_gene_src_organ                ? 
_entity_src_gen.pdbx_gene_src_organelle            ? 
_entity_src_gen.pdbx_gene_src_cell                 ? 
_entity_src_gen.pdbx_gene_src_cellular_location    ? 
_entity_src_gen.host_org_common_name               ? 
_entity_src_gen.pdbx_host_org_scientific_name      'Escherichia coli' 
_entity_src_gen.pdbx_host_org_ncbi_taxonomy_id     511693 
_entity_src_gen.host_org_genus                     ? 
_entity_src_gen.pdbx_host_org_gene                 ? 
_entity_src_gen.pdbx_host_org_organ                ? 
_entity_src_gen.host_org_species                   ? 
_entity_src_gen.pdbx_host_org_tissue               ? 
_entity_src_gen.pdbx_host_org_tissue_fraction      ? 
_entity_src_gen.pdbx_host_org_strain               BL21 
_entity_src_gen.pdbx_host_org_variant              ? 
_entity_src_gen.pdbx_host_org_cell_line            ? 
_entity_src_gen.pdbx_host_org_atcc                 ? 
_entity_src_gen.pdbx_host_org_culture_collection   ? 
_entity_src_gen.pdbx_host_org_cell                 ? 
_entity_src_gen.pdbx_host_org_organelle            ? 
_entity_src_gen.pdbx_host_org_cellular_location    ? 
_entity_src_gen.pdbx_host_org_vector_type          plasmid 
_entity_src_gen.pdbx_host_org_vector               ? 
_entity_src_gen.host_org_details                   ? 
_entity_src_gen.expression_system_id               ? 
_entity_src_gen.plasmid_name                       pET28b 
_entity_src_gen.plasmid_details                    ? 
_entity_src_gen.pdbx_description                   ? 
# 
loop_
_chem_comp.id 
_chem_comp.type 
_chem_comp.mon_nstd_flag 
_chem_comp.name 
_chem_comp.pdbx_synonyms 
_chem_comp.formula 
_chem_comp.formula_weight 
ALA 'L-peptide linking' y ALANINE         ? 'C3 H7 N O2'     89.093  
ARG 'L-peptide linking' y ARGININE        ? 'C6 H15 N4 O2 1' 175.209 
ASP 'L-peptide linking' y 'ASPARTIC ACID' ? 'C4 H7 N O4'     133.103 
CYS 'L-peptide linking' y CYSTEINE        ? 'C3 H7 N O2 S'   121.158 
GLN 'L-peptide linking' y GLUTAMINE       ? 'C5 H10 N2 O3'   146.144 
GLU 'L-peptide linking' y 'GLUTAMIC ACID' ? 'C5 H9 N O4'     147.129 
GLY 'peptide linking'   y GLYCINE         ? 'C2 H5 N O2'     75.067  
HIS 'L-peptide linking' y HISTIDINE       ? 'C6 H10 N3 O2 1' 156.162 
HOH non-polymer         . WATER           ? 'H2 O'           18.015  
ILE 'L-peptide linking' y ISOLEUCINE      ? 'C6 H13 N O2'    131.173 
LEU 'L-peptide linking' y LEUCINE         ? 'C6 H13 N O2'    131.173 
LYS 'L-peptide linking' y LYSINE          ? 'C6 H15 N2 O2 1' 147.195 
MET 'L-peptide linking' y METHIONINE      ? 'C5 H11 N O2 S'  149.211 
PHE 'L-peptide linking' y PHENYLALANINE   ? 'C9 H11 N O2'    165.189 
PRO 'L-peptide linking' y PROLINE         ? 'C5 H9 N O2'     115.130 
SER 'L-peptide linking' y SERINE          ? 'C3 H7 N O3'     105.093 
THR 'L-peptide linking' y THREONINE       ? 'C4 H9 N O3'     119.119 
TRP 'L-peptide linking' y TRYPTOPHAN      ? 'C11 H12 N2 O2'  204.225 
TYR 'L-peptide linking' y TYROSINE        ? 'C9 H11 N O3'    181.189 
VAL 'L-peptide linking' y VALINE          ? 'C5 H11 N O2'    117.146 
# 
loop_
_pdbx_poly_seq_scheme.asym_id 
_pdbx_poly_seq_scheme.entity_id 
_pdbx_poly_seq_scheme.seq_id 
_pdbx_poly_seq_scheme.mon_id 
_pdbx_poly_seq_scheme.ndb_seq_num 
_pdbx_poly_seq_scheme.pdb_seq_num 
_pdbx_poly_seq_scheme.auth_seq_num 
_pdbx_poly_seq_scheme.pdb_mon_id 
_pdbx_poly_seq_scheme.auth_mon_id 
_pdbx_poly_seq_scheme.pdb_strand_id 
_pdbx_poly_seq_scheme.pdb_ins_code 
_pdbx_poly_seq_scheme.hetero 
A 1 1   GLY 1   -1  ?   ?   ?   A . n 
A 1 2   PRO 2   0   ?   ?   ?   A . n 
A 1 3   VAL 3   1   ?   ?   ?   A . n 
A 1 4   SER 4   2   2   SER SER A . n 
A 1 5   TRP 5   3   3   TRP TRP A . n 
A 1 6   VAL 6   4   4   VAL VAL A . n 
A 1 7   CYS 7   5   5   CYS CYS A . n 
A 1 8   ARG 8   6   6   ARG ARG A . n 
A 1 9   PHE 9   7   7   PHE PHE A . n 
A 1 10  TYR 10  8   8   TYR TYR A . n 
A 1 11  GLN 11  9   9   GLN GLN A . n 
A 1 12  GLY 12  10  10  GLY GLY A . n 
A 1 13  LYS 13  11  11  LYS LYS A . n 
A 1 14  HIS 14  12  12  HIS HIS A . n 
A 1 15  ARG 15  13  13  ARG ARG A . n 
A 1 16  GLY 16  14  14  GLY GLY A . n 
A 1 17  VAL 17  15  15  VAL VAL A . n 
A 1 18  GLU 18  16  16  GLU GLU A . n 
A 1 19  VAL 19  17  17  VAL VAL A . n 
A 1 20  GLU 20  18  18  GLU GLU A . n 
A 1 21  LEU 21  19  19  LEU LEU A . n 
A 1 22  PRO 22  20  20  PRO PRO A . n 
A 1 23  HIS 23  21  21  HIS HIS A . n 
A 1 24  GLY 24  22  22  GLY GLY A . n 
A 1 25  ARG 25  23  23  ARG ARG A . n 
A 1 26  CYS 26  24  24  CYS CYS A . n 
A 1 27  VAL 27  25  25  VAL VAL A . n 
A 1 28  PHE 28  26  26  PHE PHE A . n 
A 1 29  GLY 29  27  27  GLY GLY A . n 
A 1 30  SER 30  28  28  SER SER A . n 
A 1 31  ASP 31  29  29  ASP ASP A . n 
A 1 32  PRO 32  30  30  PRO PRO A . n 
A 1 33  LEU 33  31  31  LEU LEU A . n 
A 1 34  GLN 34  32  32  GLN GLN A . n 
A 1 35  SER 35  33  33  SER SER A . n 
A 1 36  ASP 36  34  34  ASP ASP A . n 
A 1 37  ILE 37  35  35  ILE ILE A . n 
A 1 38  VAL 38  36  36  VAL VAL A . n 
A 1 39  LEU 39  37  37  LEU LEU A . n 
A 1 40  SER 40  38  38  SER SER A . n 
A 1 41  ASP 41  39  39  ASP ASP A . n 
A 1 42  SER 42  40  40  SER SER A . n 
A 1 43  GLU 43  41  41  GLU GLU A . n 
A 1 44  ILE 44  42  42  ILE ILE A . n 
A 1 45  ALA 45  43  43  ALA ALA A . n 
A 1 46  PRO 46  44  44  PRO PRO A . n 
A 1 47  VAL 47  45  45  VAL VAL A . n 
A 1 48  HIS 48  46  46  HIS HIS A . n 
A 1 49  LEU 49  47  47  LEU LEU A . n 
A 1 50  VAL 50  48  48  VAL VAL A . n 
A 1 51  LEU 51  49  49  LEU LEU A . n 
A 1 52  MET 52  50  50  MET MET A . n 
A 1 53  VAL 53  51  51  VAL VAL A . n 
A 1 54  ASP 54  52  52  ASP ASP A . n 
A 1 55  GLU 55  53  53  GLU GLU A . n 
A 1 56  GLU 56  54  54  GLU GLU A . n 
A 1 57  GLY 57  55  55  GLY GLY A . n 
A 1 58  ILE 58  56  56  ILE ILE A . n 
A 1 59  ARG 59  57  57  ARG ARG A . n 
A 1 60  LEU 60  58  58  LEU LEU A . n 
A 1 61  THR 61  59  59  THR THR A . n 
A 1 62  ASP 62  60  60  ASP ASP A . n 
A 1 63  SER 63  61  61  SER SER A . n 
A 1 64  ALA 64  62  62  ALA ALA A . n 
A 1 65  GLU 65  63  63  GLU GLU A . n 
A 1 66  PRO 66  64  64  PRO PRO A . n 
A 1 67  LEU 67  65  65  LEU LEU A . n 
A 1 68  LEU 68  66  66  LEU LEU A . n 
A 1 69  GLN 69  67  67  GLN GLN A . n 
A 1 70  GLU 70  68  68  GLU GLU A . n 
A 1 71  GLY 71  69  69  GLY GLY A . n 
A 1 72  LEU 72  70  70  LEU LEU A . n 
A 1 73  PRO 73  71  71  PRO PRO A . n 
A 1 74  VAL 74  72  72  VAL VAL A . n 
A 1 75  PRO 75  73  73  PRO PRO A . n 
A 1 76  LEU 76  74  74  LEU LEU A . n 
A 1 77  GLY 77  75  75  GLY GLY A . n 
A 1 78  THR 78  76  76  THR THR A . n 
A 1 79  LEU 79  77  77  LEU LEU A . n 
A 1 80  LEU 80  78  78  LEU LEU A . n 
A 1 81  ARG 81  79  79  ARG ARG A . n 
A 1 82  ALA 82  80  80  ALA ALA A . n 
A 1 83  GLY 83  81  81  GLY GLY A . n 
A 1 84  SER 84  82  82  SER SER A . n 
A 1 85  CYS 85  83  83  CYS CYS A . n 
A 1 86  LEU 86  84  84  LEU LEU A . n 
A 1 87  GLU 87  85  85  GLU GLU A . n 
A 1 88  VAL 88  86  86  VAL VAL A . n 
A 1 89  GLY 89  87  87  GLY GLY A . n 
A 1 90  PHE 90  88  88  PHE PHE A . n 
A 1 91  LEU 91  89  89  LEU LEU A . n 
A 1 92  LEU 92  90  90  LEU LEU A . n 
A 1 93  TRP 93  91  91  TRP TRP A . n 
A 1 94  THR 94  92  92  THR THR A . n 
A 1 95  PHE 95  93  93  PHE PHE A . n 
A 1 96  VAL 96  94  94  VAL VAL A . n 
A 1 97  ALA 97  95  95  ALA ALA A . n 
A 1 98  VAL 98  96  96  VAL VAL A . n 
A 1 99  GLY 99  97  97  GLY GLY A . n 
A 1 100 GLN 100 98  98  GLN GLN A . n 
A 1 101 PRO 101 99  99  PRO PRO A . n 
A 1 102 LEU 102 100 100 LEU LEU A . n 
A 1 103 PRO 103 101 101 PRO PRO A . n 
A 1 104 GLU 104 102 102 GLU GLU A . n 
A 1 105 THR 105 103 103 THR THR A . n 
A 1 106 LEU 106 104 104 LEU LEU A . n 
A 1 107 GLN 107 105 105 GLN GLN A . n 
A 1 108 VAL 108 106 106 VAL VAL A . n 
A 1 109 PRO 109 107 107 PRO PRO A . n 
A 1 110 THR 110 108 108 THR THR A . n 
A 1 111 GLN 111 109 ?   ?   ?   A . n 
A 1 112 ARG 112 110 ?   ?   ?   A . n 
A 1 113 LYS 113 111 ?   ?   ?   A . n 
A 1 114 GLU 114 112 ?   ?   ?   A . n 
A 1 115 PRO 115 113 ?   ?   ?   A . n 
A 1 116 THR 116 114 ?   ?   ?   A . n 
A 1 117 ASP 117 115 ?   ?   ?   A . n 
A 1 118 ARG 118 116 ?   ?   ?   A . n 
A 1 119 LEU 119 117 ?   ?   ?   A . n 
A 1 120 PRO 120 118 ?   ?   ?   A . n 
A 1 121 ARG 121 119 ?   ?   ?   A . n 
A 1 122 SER 122 120 ?   ?   ?   A . n 
A 1 123 ARG 123 121 ?   ?   ?   A . n 
B 1 1   GLY 1   -1  ?   ?   ?   B . n 
B 1 2   PRO 2   0   ?   ?   ?   B . n 
B 1 3   VAL 3   1   1   VAL VAL B . n 
B 1 4   SER 4   2   2   SER SER B . n 
B 1 5   TRP 5   3   3   TRP TRP B . n 
B 1 6   VAL 6   4   4   VAL VAL B . n 
B 1 7   CYS 7   5   5   CYS CYS B . n 
B 1 8   ARG 8   6   6   ARG ARG B . n 
B 1 9   PHE 9   7   7   PHE PHE B . n 
B 1 10  TYR 10  8   8   TYR TYR B . n 
B 1 11  GLN 11  9   9   GLN GLN B . n 
B 1 12  GLY 12  10  10  GLY GLY B . n 
B 1 13  LYS 13  11  11  LYS LYS B . n 
B 1 14  HIS 14  12  12  HIS HIS B . n 
B 1 15  ARG 15  13  13  ARG ARG B . n 
B 1 16  GLY 16  14  14  GLY GLY B . n 
B 1 17  VAL 17  15  15  VAL VAL B . n 
B 1 18  GLU 18  16  16  GLU GLU B . n 
B 1 19  VAL 19  17  17  VAL VAL B . n 
B 1 20  GLU 20  18  18  GLU GLU B . n 
B 1 21  LEU 21  19  19  LEU LEU B . n 
B 1 22  PRO 22  20  20  PRO PRO B . n 
B 1 23  HIS 23  21  21  HIS HIS B . n 
B 1 24  GLY 24  22  22  GLY GLY B . n 
B 1 25  ARG 25  23  23  ARG ARG B . n 
B 1 26  CYS 26  24  24  CYS CYS B . n 
B 1 27  VAL 27  25  25  VAL VAL B . n 
B 1 28  PHE 28  26  26  PHE PHE B . n 
B 1 29  GLY 29  27  27  GLY GLY B . n 
B 1 30  SER 30  28  28  SER SER B . n 
B 1 31  ASP 31  29  29  ASP ASP B . n 
B 1 32  PRO 32  30  30  PRO PRO B . n 
B 1 33  LEU 33  31  31  LEU LEU B . n 
B 1 34  GLN 34  32  32  GLN GLN B . n 
B 1 35  SER 35  33  33  SER SER B . n 
B 1 36  ASP 36  34  34  ASP ASP B . n 
B 1 37  ILE 37  35  35  ILE ILE B . n 
B 1 38  VAL 38  36  36  VAL VAL B . n 
B 1 39  LEU 39  37  37  LEU LEU B . n 
B 1 40  SER 40  38  38  SER SER B . n 
B 1 41  ASP 41  39  39  ASP ASP B . n 
B 1 42  SER 42  40  40  SER SER B . n 
B 1 43  GLU 43  41  41  GLU GLU B . n 
B 1 44  ILE 44  42  42  ILE ILE B . n 
B 1 45  ALA 45  43  43  ALA ALA B . n 
B 1 46  PRO 46  44  44  PRO PRO B . n 
B 1 47  VAL 47  45  45  VAL VAL B . n 
B 1 48  HIS 48  46  46  HIS HIS B . n 
B 1 49  LEU 49  47  47  LEU LEU B . n 
B 1 50  VAL 50  48  48  VAL VAL B . n 
B 1 51  LEU 51  49  49  LEU LEU B . n 
B 1 52  MET 52  50  50  MET MET B . n 
B 1 53  VAL 53  51  51  VAL VAL B . n 
B 1 54  ASP 54  52  52  ASP ASP B . n 
B 1 55  GLU 55  53  53  GLU GLU B . n 
B 1 56  GLU 56  54  54  GLU GLU B . n 
B 1 57  GLY 57  55  55  GLY GLY B . n 
B 1 58  ILE 58  56  56  ILE ILE B . n 
B 1 59  ARG 59  57  57  ARG ARG B . n 
B 1 60  LEU 60  58  58  LEU LEU B . n 
B 1 61  THR 61  59  59  THR THR B . n 
B 1 62  ASP 62  60  60  ASP ASP B . n 
B 1 63  SER 63  61  61  SER SER B . n 
B 1 64  ALA 64  62  62  ALA ALA B . n 
B 1 65  GLU 65  63  63  GLU GLU B . n 
B 1 66  PRO 66  64  64  PRO PRO B . n 
B 1 67  LEU 67  65  65  LEU LEU B . n 
B 1 68  LEU 68  66  66  LEU LEU B . n 
B 1 69  GLN 69  67  67  GLN GLN B . n 
B 1 70  GLU 70  68  68  GLU GLU B . n 
B 1 71  GLY 71  69  69  GLY GLY B . n 
B 1 72  LEU 72  70  70  LEU LEU B . n 
B 1 73  PRO 73  71  71  PRO PRO B . n 
B 1 74  VAL 74  72  72  VAL VAL B . n 
B 1 75  PRO 75  73  73  PRO PRO B . n 
B 1 76  LEU 76  74  74  LEU LEU B . n 
B 1 77  GLY 77  75  75  GLY GLY B . n 
B 1 78  THR 78  76  76  THR THR B . n 
B 1 79  LEU 79  77  77  LEU LEU B . n 
B 1 80  LEU 80  78  78  LEU LEU B . n 
B 1 81  ARG 81  79  79  ARG ARG B . n 
B 1 82  ALA 82  80  80  ALA ALA B . n 
B 1 83  GLY 83  81  81  GLY GLY B . n 
B 1 84  SER 84  82  82  SER SER B . n 
B 1 85  CYS 85  83  83  CYS CYS B . n 
B 1 86  LEU 86  84  84  LEU LEU B . n 
B 1 87  GLU 87  85  85  GLU GLU B . n 
B 1 88  VAL 88  86  86  VAL VAL B . n 
B 1 89  GLY 89  87  87  GLY GLY B . n 
B 1 90  PHE 90  88  88  PHE PHE B . n 
B 1 91  LEU 91  89  89  LEU LEU B . n 
B 1 92  LEU 92  90  90  LEU LEU B . n 
B 1 93  TRP 93  91  91  TRP TRP B . n 
B 1 94  THR 94  92  92  THR THR B . n 
B 1 95  PHE 95  93  93  PHE PHE B . n 
B 1 96  VAL 96  94  94  VAL VAL B . n 
B 1 97  ALA 97  95  95  ALA ALA B . n 
B 1 98  VAL 98  96  96  VAL VAL B . n 
B 1 99  GLY 99  97  97  GLY GLY B . n 
B 1 100 GLN 100 98  98  GLN GLN B . n 
B 1 101 PRO 101 99  99  PRO PRO B . n 
B 1 102 LEU 102 100 100 LEU LEU B . n 
B 1 103 PRO 103 101 101 PRO PRO B . n 
B 1 104 GLU 104 102 102 GLU GLU B . n 
B 1 105 THR 105 103 103 THR THR B . n 
B 1 106 LEU 106 104 104 LEU LEU B . n 
B 1 107 GLN 107 105 105 GLN GLN B . n 
B 1 108 VAL 108 106 106 VAL VAL B . n 
B 1 109 PRO 109 107 107 PRO PRO B . n 
B 1 110 THR 110 108 108 THR THR B . n 
B 1 111 GLN 111 109 ?   ?   ?   B . n 
B 1 112 ARG 112 110 ?   ?   ?   B . n 
B 1 113 LYS 113 111 ?   ?   ?   B . n 
B 1 114 GLU 114 112 ?   ?   ?   B . n 
B 1 115 PRO 115 113 ?   ?   ?   B . n 
B 1 116 THR 116 114 ?   ?   ?   B . n 
B 1 117 ASP 117 115 ?   ?   ?   B . n 
B 1 118 ARG 118 116 ?   ?   ?   B . n 
B 1 119 LEU 119 117 ?   ?   ?   B . n 
B 1 120 PRO 120 118 ?   ?   ?   B . n 
B 1 121 ARG 121 119 ?   ?   ?   B . n 
B 1 122 SER 122 120 ?   ?   ?   B . n 
B 1 123 ARG 123 121 ?   ?   ?   B . n 
# 
loop_
_pdbx_nonpoly_scheme.asym_id 
_pdbx_nonpoly_scheme.entity_id 
_pdbx_nonpoly_scheme.mon_id 
_pdbx_nonpoly_scheme.ndb_seq_num 
_pdbx_nonpoly_scheme.pdb_seq_num 
_pdbx_nonpoly_scheme.auth_seq_num 
_pdbx_nonpoly_scheme.pdb_mon_id 
_pdbx_nonpoly_scheme.auth_mon_id 
_pdbx_nonpoly_scheme.pdb_strand_id 
_pdbx_nonpoly_scheme.pdb_ins_code 
C 2 HOH 1  201 201 HOH HOH A . 
C 2 HOH 2  202 202 HOH HOH A . 
C 2 HOH 3  203 203 HOH HOH A . 
C 2 HOH 4  204 204 HOH HOH A . 
C 2 HOH 5  205 205 HOH HOH A . 
C 2 HOH 6  206 206 HOH HOH A . 
C 2 HOH 7  207 207 HOH HOH A . 
C 2 HOH 8  208 208 HOH HOH A . 
C 2 HOH 9  209 209 HOH HOH A . 
C 2 HOH 10 210 210 HOH HOH A . 
D 2 HOH 1  201 201 HOH HOH B . 
D 2 HOH 2  202 202 HOH HOH B . 
D 2 HOH 3  203 203 HOH HOH B . 
D 2 HOH 4  204 204 HOH HOH B . 
D 2 HOH 5  205 205 HOH HOH B . 
D 2 HOH 6  206 206 HOH HOH B . 
# 
loop_
_pdbx_unobs_or_zero_occ_atoms.id 
_pdbx_unobs_or_zero_occ_atoms.PDB_model_num 
_pdbx_unobs_or_zero_occ_atoms.polymer_flag 
_pdbx_unobs_or_zero_occ_atoms.occupancy_flag 
_pdbx_unobs_or_zero_occ_atoms.auth_asym_id 
_pdbx_unobs_or_zero_occ_atoms.auth_comp_id 
_pdbx_unobs_or_zero_occ_atoms.auth_seq_id 
_pdbx_unobs_or_zero_occ_atoms.PDB_ins_code 
_pdbx_unobs_or_zero_occ_atoms.auth_atom_id 
_pdbx_unobs_or_zero_occ_atoms.label_alt_id 
_pdbx_unobs_or_zero_occ_atoms.label_asym_id 
_pdbx_unobs_or_zero_occ_atoms.label_comp_id 
_pdbx_unobs_or_zero_occ_atoms.label_seq_id 
_pdbx_unobs_or_zero_occ_atoms.label_atom_id 
1 1 Y 1 B ARG 6 ? NH1 ? B ARG 8 NH1 
2 1 Y 1 B PHE 7 ? CE2 ? B PHE 9 CE2 
# 
loop_
_software.name 
_software.classification 
_software.version 
_software.citation_id 
_software.pdbx_ordinal 
HKL-2000 'data collection' .                          ? 1 
SOLVE    phasing           .                          ? 2 
PHENIX   refinement        '(phenix.refine: 1.6_289)' ? 3 
HKL-2000 'data reduction'  .                          ? 4 
HKL-2000 'data scaling'    .                          ? 5 
# 
_cell.entry_id           4D9V 
_cell.length_a           117.105 
_cell.length_b           117.105 
_cell.length_c           117.105 
_cell.angle_alpha        90.00 
_cell.angle_beta         90.00 
_cell.angle_gamma        90.00 
_cell.Z_PDB              48 
_cell.pdbx_unique_axis   ? 
_cell.length_a_esd       ? 
_cell.length_b_esd       ? 
_cell.length_c_esd       ? 
_cell.angle_alpha_esd    ? 
_cell.angle_beta_esd     ? 
_cell.angle_gamma_esd    ? 
# 
_symmetry.entry_id                         4D9V 
_symmetry.space_group_name_H-M             'P 4 3 2' 
_symmetry.pdbx_full_space_group_name_H-M   ? 
_symmetry.cell_setting                     ? 
_symmetry.Int_Tables_number                207 
_symmetry.space_group_name_Hall            ? 
# 
_exptl.entry_id          4D9V 
_exptl.method            'X-RAY DIFFRACTION' 
_exptl.crystals_number   1 
# 
_exptl_crystal.id                    1 
_exptl_crystal.density_meas          ? 
_exptl_crystal.density_Matthews      2.47 
_exptl_crystal.density_percent_sol   50.13 
_exptl_crystal.description           ? 
_exptl_crystal.F_000                 ? 
_exptl_crystal.preparation           ? 
# 
_exptl_crystal_grow.crystal_id      1 
_exptl_crystal_grow.method          'VAPOR DIFFUSION, SITTING DROP' 
_exptl_crystal_grow.temp            293 
_exptl_crystal_grow.temp_details    ? 
_exptl_crystal_grow.pH              7.5 
_exptl_crystal_grow.pdbx_pH_range   ? 
_exptl_crystal_grow.pdbx_details    '3.5 M NaHCOO, pH 7.5, VAPOR DIFFUSION, SITTING DROP, temperature 293K' 
# 
_diffrn.id                     1 
_diffrn.ambient_temp           100 
_diffrn.ambient_temp_details   ? 
_diffrn.crystal_id             1 
# 
_diffrn_detector.diffrn_id              1 
_diffrn_detector.detector               CCD 
_diffrn_detector.type                   'MARMOSAIC 300 mm CCD' 
_diffrn_detector.pdbx_collection_date   2010-03-21 
_diffrn_detector.details                ? 
# 
_diffrn_radiation.diffrn_id                        1 
_diffrn_radiation.wavelength_id                    1 
_diffrn_radiation.pdbx_monochromatic_or_laue_m_l   M 
_diffrn_radiation.monochromator                    ? 
_diffrn_radiation.pdbx_diffrn_protocol             'SINGLE WAVELENGTH' 
_diffrn_radiation.pdbx_scattering_type             x-ray 
# 
_diffrn_radiation_wavelength.id           1 
_diffrn_radiation_wavelength.wavelength   0.97961 
_diffrn_radiation_wavelength.wt           1.0 
# 
_diffrn_source.diffrn_id                   1 
_diffrn_source.source                      SYNCHROTRON 
_diffrn_source.type                        'APS BEAMLINE 23-ID-B' 
_diffrn_source.pdbx_synchrotron_site       APS 
_diffrn_source.pdbx_synchrotron_beamline   23-ID-B 
_diffrn_source.pdbx_wavelength             ? 
_diffrn_source.pdbx_wavelength_list        0.97961 
# 
_reflns.pdbx_diffrn_id               1 
_reflns.pdbx_ordinal                 1 
_reflns.entry_id                     4D9V 
_reflns.observed_criterion_sigma_I   0 
_reflns.observed_criterion_sigma_F   0 
_reflns.d_resolution_low             35.31 
_reflns.d_resolution_high            2.51 
_reflns.number_obs                   9819 
_reflns.number_all                   9825 
_reflns.percent_possible_obs         99.9 
_reflns.pdbx_Rmerge_I_obs            0.076 
_reflns.pdbx_Rsym_value              ? 
_reflns.pdbx_netI_over_sigmaI        46.8 
_reflns.B_iso_Wilson_estimate        ? 
_reflns.pdbx_redundancy              41.5 
_reflns.R_free_details               ? 
_reflns.limit_h_max                  ? 
_reflns.limit_h_min                  ? 
_reflns.limit_k_max                  ? 
_reflns.limit_k_min                  ? 
_reflns.limit_l_max                  ? 
_reflns.limit_l_min                  ? 
_reflns.observed_criterion_F_max     ? 
_reflns.observed_criterion_F_min     ? 
_reflns.pdbx_chi_squared             ? 
_reflns.pdbx_scaling_rejects         ? 
# 
_reflns_shell.pdbx_diffrn_id         1 
_reflns_shell.pdbx_ordinal           1 
_reflns_shell.d_res_high             2.50 
_reflns_shell.d_res_low              2.59 
_reflns_shell.percent_possible_all   80.5 
_reflns_shell.Rmerge_I_obs           0.578 
_reflns_shell.pdbx_Rsym_value        ? 
_reflns_shell.meanI_over_sigI_obs    8.37 
_reflns_shell.pdbx_redundancy        35.6 
_reflns_shell.percent_possible_obs   ? 
_reflns_shell.number_unique_all      ? 
_reflns_shell.number_measured_all    ? 
_reflns_shell.number_measured_obs    ? 
_reflns_shell.number_unique_obs      ? 
_reflns_shell.pdbx_chi_squared       ? 
# 
_refine.pdbx_refine_id                           'X-RAY DIFFRACTION' 
_refine.entry_id                                 4D9V 
_refine.pdbx_diffrn_id                           1 
_refine.pdbx_TLS_residual_ADP_flag               ? 
_refine.ls_number_reflns_obs                     9819 
_refine.ls_number_reflns_all                     ? 
_refine.pdbx_ls_sigma_I                          ? 
_refine.pdbx_ls_sigma_F                          1.34 
_refine.pdbx_data_cutoff_high_absF               ? 
_refine.pdbx_data_cutoff_low_absF                ? 
_refine.pdbx_data_cutoff_high_rms_absF           ? 
_refine.ls_d_res_low                             35.308 
_refine.ls_d_res_high                            2.519 
_refine.ls_percent_reflns_obs                    99.94 
_refine.ls_R_factor_obs                          0.2093 
_refine.ls_R_factor_all                          ? 
_refine.ls_R_factor_R_work                       0.2038 
_refine.ls_R_factor_R_free                       0.2568 
_refine.ls_R_factor_R_free_error                 ? 
_refine.ls_R_factor_R_free_error_details         ? 
_refine.ls_percent_reflns_R_free                 10.10 
_refine.ls_number_reflns_R_free                  992 
_refine.ls_number_parameters                     ? 
_refine.ls_number_restraints                     ? 
_refine.occupancy_min                            ? 
_refine.occupancy_max                            ? 
_refine.correlation_coeff_Fo_to_Fc               ? 
_refine.correlation_coeff_Fo_to_Fc_free          ? 
_refine.B_iso_mean                               ? 
_refine.aniso_B[1][1]                            -0.0000 
_refine.aniso_B[2][2]                            0.0000 
_refine.aniso_B[3][3]                            0.0000 
_refine.aniso_B[1][2]                            0.0000 
_refine.aniso_B[1][3]                            0.0000 
_refine.aniso_B[2][3]                            -0.0000 
_refine.solvent_model_details                    'FLAT BULK SOLVENT MODEL' 
_refine.solvent_model_param_ksol                 0.388 
_refine.solvent_model_param_bsol                 61.056 
_refine.pdbx_solvent_vdw_probe_radii             1.11 
_refine.pdbx_solvent_ion_probe_radii             ? 
_refine.pdbx_solvent_shrinkage_radii             0.90 
_refine.pdbx_ls_cross_valid_method               ? 
_refine.details                                  ? 
_refine.pdbx_starting_model                      ? 
_refine.pdbx_method_to_determine_struct          SAD 
_refine.pdbx_isotropic_thermal_model             ? 
_refine.pdbx_stereochemistry_target_values       ML 
_refine.pdbx_stereochem_target_val_spec_case     ? 
_refine.pdbx_R_Free_selection_details            ? 
_refine.pdbx_overall_ESU_R                       ? 
_refine.pdbx_overall_ESU_R_Free                  ? 
_refine.overall_SU_ML                            0.36 
_refine.pdbx_overall_phase_error                 23.60 
_refine.overall_SU_B                             ? 
_refine.overall_SU_R_Cruickshank_DPI             ? 
_refine.pdbx_overall_SU_R_free_Cruickshank_DPI   ? 
_refine.pdbx_overall_SU_R_Blow_DPI               ? 
_refine.pdbx_overall_SU_R_free_Blow_DPI          ? 
_refine.ls_redundancy_reflns_obs                 ? 
_refine.B_iso_min                                ? 
_refine.B_iso_max                                ? 
_refine.overall_SU_R_free                        ? 
_refine.ls_wR_factor_R_free                      ? 
_refine.ls_wR_factor_R_work                      ? 
_refine.overall_FOM_free_R_set                   ? 
_refine.overall_FOM_work_R_set                   ? 
# 
_refine_hist.pdbx_refine_id                   'X-RAY DIFFRACTION' 
_refine_hist.cycle_id                         LAST 
_refine_hist.pdbx_number_atoms_protein        1647 
_refine_hist.pdbx_number_atoms_nucleic_acid   0 
_refine_hist.pdbx_number_atoms_ligand         0 
_refine_hist.number_atoms_solvent             16 
_refine_hist.number_atoms_total               1663 
_refine_hist.d_res_high                       2.519 
_refine_hist.d_res_low                        35.308 
# 
loop_
_refine_ls_restr.type 
_refine_ls_restr.dev_ideal 
_refine_ls_restr.dev_ideal_target 
_refine_ls_restr.weight 
_refine_ls_restr.number 
_refine_ls_restr.pdbx_refine_id 
_refine_ls_restr.pdbx_restraint_function 
f_bond_d           0.009  ? ? 1686 'X-RAY DIFFRACTION' ? 
f_angle_d          1.315  ? ? 2305 'X-RAY DIFFRACTION' ? 
f_dihedral_angle_d 17.310 ? ? 612  'X-RAY DIFFRACTION' ? 
f_chiral_restr     0.082  ? ? 272  'X-RAY DIFFRACTION' ? 
f_plane_restr      0.006  ? ? 299  'X-RAY DIFFRACTION' ? 
# 
loop_
_refine_ls_shell.pdbx_refine_id 
_refine_ls_shell.pdbx_total_number_of_bins_used 
_refine_ls_shell.d_res_high 
_refine_ls_shell.d_res_low 
_refine_ls_shell.number_reflns_R_work 
_refine_ls_shell.R_factor_R_work 
_refine_ls_shell.percent_reflns_obs 
_refine_ls_shell.R_factor_R_free 
_refine_ls_shell.R_factor_R_free_error 
_refine_ls_shell.percent_reflns_R_free 
_refine_ls_shell.number_reflns_R_free 
_refine_ls_shell.number_reflns_all 
_refine_ls_shell.R_factor_all 
_refine_ls_shell.redundancy_reflns_obs 
_refine_ls_shell.number_reflns_obs 
'X-RAY DIFFRACTION' . 2.5185 2.6513  1207 0.2160 100.00 0.2751 . . 141 . . . . 
'X-RAY DIFFRACTION' . 2.6513 2.8173  1228 0.2349 100.00 0.3171 . . 145 . . . . 
'X-RAY DIFFRACTION' . 2.8173 3.0347  1231 0.2369 100.00 0.3631 . . 133 . . . . 
'X-RAY DIFFRACTION' . 3.0347 3.3399  1238 0.2329 100.00 0.2665 . . 137 . . . . 
'X-RAY DIFFRACTION' . 3.3399 3.8227  1254 0.1830 100.00 0.2375 . . 142 . . . . 
'X-RAY DIFFRACTION' . 3.8227 4.8143  1283 0.1588 100.00 0.2019 . . 141 . . . . 
'X-RAY DIFFRACTION' . 4.8143 35.3119 1386 0.2097 100.00 0.2509 . . 153 . . . . 
# 
_struct.entry_id                  4D9V 
_struct.title                     'Structure of the Type III Secretion System Protein' 
_struct.pdbx_model_details        ? 
_struct.pdbx_CASP_flag            ? 
_struct.pdbx_model_type_details   ? 
# 
_struct_keywords.entry_id        4D9V 
_struct_keywords.pdbx_keywords   'UNKNOWN FUNCTION' 
_struct_keywords.text            'FHA domain, Type III Secretion Protein, UNKNOWN FUNCTION' 
# 
loop_
_struct_asym.id 
_struct_asym.pdbx_blank_PDB_chainid_flag 
_struct_asym.pdbx_modified 
_struct_asym.entity_id 
_struct_asym.details 
A N N 1 ? 
B N N 1 ? 
C N N 2 ? 
D N N 2 ? 
# 
_struct_ref.id                         1 
_struct_ref.db_name                    UNP 
_struct_ref.db_code                    Q663I6_YERPS 
_struct_ref.pdbx_db_accession          Q663I6 
_struct_ref.entity_id                  1 
_struct_ref.pdbx_seq_one_letter_code   
;SWVCRFYQGKHRGVEVELPHGRCVFGSDPLQSDIVLSDSEIAPVHLVLMVDEEGIRLTDSAEPLLQEGLPVPLGTLLRAG
SCLEVGFLLWTFVAVGQPLPETLQVPTQRKEPTDRLPRSR
;
_struct_ref.pdbx_align_begin           2 
_struct_ref.pdbx_db_isoform            ? 
# 
loop_
_struct_ref_seq.align_id 
_struct_ref_seq.ref_id 
_struct_ref_seq.pdbx_PDB_id_code 
_struct_ref_seq.pdbx_strand_id 
_struct_ref_seq.seq_align_beg 
_struct_ref_seq.pdbx_seq_align_beg_ins_code 
_struct_ref_seq.seq_align_end 
_struct_ref_seq.pdbx_seq_align_end_ins_code 
_struct_ref_seq.pdbx_db_accession 
_struct_ref_seq.db_align_beg 
_struct_ref_seq.pdbx_db_align_beg_ins_code 
_struct_ref_seq.db_align_end 
_struct_ref_seq.pdbx_db_align_end_ins_code 
_struct_ref_seq.pdbx_auth_seq_align_beg 
_struct_ref_seq.pdbx_auth_seq_align_end 
1 1 4D9V A 4 ? 123 ? Q663I6 2 ? 121 ? 2 121 
2 1 4D9V B 4 ? 123 ? Q663I6 2 ? 121 ? 2 121 
# 
loop_
_struct_ref_seq_dif.align_id 
_struct_ref_seq_dif.pdbx_pdb_id_code 
_struct_ref_seq_dif.mon_id 
_struct_ref_seq_dif.pdbx_pdb_strand_id 
_struct_ref_seq_dif.seq_num 
_struct_ref_seq_dif.pdbx_pdb_ins_code 
_struct_ref_seq_dif.pdbx_seq_db_name 
_struct_ref_seq_dif.pdbx_seq_db_accession_code 
_struct_ref_seq_dif.db_mon_id 
_struct_ref_seq_dif.pdbx_seq_db_seq_num 
_struct_ref_seq_dif.details 
_struct_ref_seq_dif.pdbx_auth_seq_num 
_struct_ref_seq_dif.pdbx_ordinal 
1 4D9V GLY A 1 ? UNP Q663I6 ? ? 'expression tag' -1 1 
1 4D9V PRO A 2 ? UNP Q663I6 ? ? 'expression tag' 0  2 
1 4D9V VAL A 3 ? UNP Q663I6 ? ? 'expression tag' 1  3 
2 4D9V GLY B 1 ? UNP Q663I6 ? ? 'expression tag' -1 4 
2 4D9V PRO B 2 ? UNP Q663I6 ? ? 'expression tag' 0  5 
2 4D9V VAL B 3 ? UNP Q663I6 ? ? 'expression tag' 1  6 
# 
loop_
_pdbx_struct_assembly.id 
_pdbx_struct_assembly.details 
_pdbx_struct_assembly.method_details 
_pdbx_struct_assembly.oligomeric_details 
_pdbx_struct_assembly.oligomeric_count 
1 author_and_software_defined_assembly PISA monomeric 1 
2 author_and_software_defined_assembly PISA monomeric 1 
# 
loop_
_pdbx_struct_assembly_gen.assembly_id 
_pdbx_struct_assembly_gen.oper_expression 
_pdbx_struct_assembly_gen.asym_id_list 
1 1 A,C 
2 1 B,D 
# 
_pdbx_struct_oper_list.id                   1 
_pdbx_struct_oper_list.type                 'identity operation' 
_pdbx_struct_oper_list.name                 1_555 
_pdbx_struct_oper_list.symmetry_operation   x,y,z 
_pdbx_struct_oper_list.matrix[1][1]         1.0000000000 
_pdbx_struct_oper_list.matrix[1][2]         0.0000000000 
_pdbx_struct_oper_list.matrix[1][3]         0.0000000000 
_pdbx_struct_oper_list.vector[1]            0.0000000000 
_pdbx_struct_oper_list.matrix[2][1]         0.0000000000 
_pdbx_struct_oper_list.matrix[2][2]         1.0000000000 
_pdbx_struct_oper_list.matrix[2][3]         0.0000000000 
_pdbx_struct_oper_list.vector[2]            0.0000000000 
_pdbx_struct_oper_list.matrix[3][1]         0.0000000000 
_pdbx_struct_oper_list.matrix[3][2]         0.0000000000 
_pdbx_struct_oper_list.matrix[3][3]         1.0000000000 
_pdbx_struct_oper_list.vector[3]            0.0000000000 
# 
_struct_biol.id        1 
_struct_biol.details   ? 
# 
loop_
_struct_conf.conf_type_id 
_struct_conf.id 
_struct_conf.pdbx_PDB_helix_id 
_struct_conf.beg_label_comp_id 
_struct_conf.beg_label_asym_id 
_struct_conf.beg_label_seq_id 
_struct_conf.pdbx_beg_PDB_ins_code 
_struct_conf.end_label_comp_id 
_struct_conf.end_label_asym_id 
_struct_conf.end_label_seq_id 
_struct_conf.pdbx_end_PDB_ins_code 
_struct_conf.beg_auth_comp_id 
_struct_conf.beg_auth_asym_id 
_struct_conf.beg_auth_seq_id 
_struct_conf.end_auth_comp_id 
_struct_conf.end_auth_asym_id 
_struct_conf.end_auth_seq_id 
_struct_conf.pdbx_PDB_helix_class 
_struct_conf.details 
_struct_conf.pdbx_PDB_helix_length 
HELX_P HELX_P1 1 GLN A 11 ? ARG A 15 ? GLN A 9 ARG A 13 5 ? 5 
HELX_P HELX_P2 2 GLN B 11 ? ARG B 15 ? GLN B 9 ARG B 13 5 ? 5 
# 
_struct_conf_type.id          HELX_P 
_struct_conf_type.criteria    ? 
_struct_conf_type.reference   ? 
# 
_struct_mon_prot_cis.pdbx_id                1 
_struct_mon_prot_cis.label_comp_id          HIS 
_struct_mon_prot_cis.label_seq_id           23 
_struct_mon_prot_cis.label_asym_id          A 
_struct_mon_prot_cis.label_alt_id           . 
_struct_mon_prot_cis.pdbx_PDB_ins_code      ? 
_struct_mon_prot_cis.auth_comp_id           HIS 
_struct_mon_prot_cis.auth_seq_id            21 
_struct_mon_prot_cis.auth_asym_id           A 
_struct_mon_prot_cis.pdbx_label_comp_id_2   GLY 
_struct_mon_prot_cis.pdbx_label_seq_id_2    24 
_struct_mon_prot_cis.pdbx_label_asym_id_2   A 
_struct_mon_prot_cis.pdbx_PDB_ins_code_2    ? 
_struct_mon_prot_cis.pdbx_auth_comp_id_2    GLY 
_struct_mon_prot_cis.pdbx_auth_seq_id_2     22 
_struct_mon_prot_cis.pdbx_auth_asym_id_2    A 
_struct_mon_prot_cis.pdbx_PDB_model_num     1 
_struct_mon_prot_cis.pdbx_omega_angle       1.87 
# 
loop_
_struct_sheet.id 
_struct_sheet.type 
_struct_sheet.number_strands 
_struct_sheet.details 
A ? 6 ? 
B ? 4 ? 
C ? 6 ? 
D ? 4 ? 
# 
loop_
_struct_sheet_order.sheet_id 
_struct_sheet_order.range_id_1 
_struct_sheet_order.range_id_2 
_struct_sheet_order.offset 
_struct_sheet_order.sense 
A 1 2 ? anti-parallel 
A 2 3 ? anti-parallel 
A 3 4 ? anti-parallel 
A 4 5 ? anti-parallel 
A 5 6 ? anti-parallel 
B 1 2 ? parallel      
B 2 3 ? anti-parallel 
B 3 4 ? anti-parallel 
C 1 2 ? anti-parallel 
C 2 3 ? anti-parallel 
C 3 4 ? anti-parallel 
C 4 5 ? anti-parallel 
C 5 6 ? anti-parallel 
D 1 2 ? parallel      
D 2 3 ? anti-parallel 
D 3 4 ? anti-parallel 
# 
loop_
_struct_sheet_range.sheet_id 
_struct_sheet_range.id 
_struct_sheet_range.beg_label_comp_id 
_struct_sheet_range.beg_label_asym_id 
_struct_sheet_range.beg_label_seq_id 
_struct_sheet_range.pdbx_beg_PDB_ins_code 
_struct_sheet_range.end_label_comp_id 
_struct_sheet_range.end_label_asym_id 
_struct_sheet_range.end_label_seq_id 
_struct_sheet_range.pdbx_end_PDB_ins_code 
_struct_sheet_range.beg_auth_comp_id 
_struct_sheet_range.beg_auth_asym_id 
_struct_sheet_range.beg_auth_seq_id 
_struct_sheet_range.end_auth_comp_id 
_struct_sheet_range.end_auth_asym_id 
_struct_sheet_range.end_auth_seq_id 
A 1 GLU A 18 ? LEU A 21 ? GLU A 16 LEU A 19 
A 2 TRP A 5  ? PHE A 9  ? TRP A 3  PHE A 7  
A 3 LEU A 91 ? ALA A 97 ? LEU A 89 ALA A 95 
A 4 LEU A 86 ? VAL A 88 ? LEU A 84 VAL A 86 
A 5 LEU A 67 ? GLN A 69 ? LEU A 65 GLN A 67 
A 6 LEU A 72 ? PRO A 73 ? LEU A 70 PRO A 71 
B 1 ILE A 37 ? VAL A 38 ? ILE A 35 VAL A 36 
B 2 GLY A 24 ? GLY A 29 ? GLY A 22 GLY A 27 
B 3 LEU A 49 ? VAL A 53 ? LEU A 47 VAL A 51 
B 4 ILE A 58 ? SER A 63 ? ILE A 56 SER A 61 
C 1 GLU B 18 ? LEU B 21 ? GLU B 16 LEU B 19 
C 2 TRP B 5  ? PHE B 9  ? TRP B 3  PHE B 7  
C 3 LEU B 91 ? ALA B 97 ? LEU B 89 ALA B 95 
C 4 LEU B 86 ? VAL B 88 ? LEU B 84 VAL B 86 
C 5 LEU B 68 ? GLN B 69 ? LEU B 66 GLN B 67 
C 6 LEU B 72 ? PRO B 73 ? LEU B 70 PRO B 71 
D 1 ILE B 37 ? VAL B 38 ? ILE B 35 VAL B 36 
D 2 GLY B 24 ? GLY B 29 ? GLY B 22 GLY B 27 
D 3 LEU B 49 ? ASP B 54 ? LEU B 47 ASP B 52 
D 4 GLY B 57 ? SER B 63 ? GLY B 55 SER B 61 
# 
loop_
_pdbx_struct_sheet_hbond.sheet_id 
_pdbx_struct_sheet_hbond.range_id_1 
_pdbx_struct_sheet_hbond.range_id_2 
_pdbx_struct_sheet_hbond.range_1_label_atom_id 
_pdbx_struct_sheet_hbond.range_1_label_comp_id 
_pdbx_struct_sheet_hbond.range_1_label_asym_id 
_pdbx_struct_sheet_hbond.range_1_label_seq_id 
_pdbx_struct_sheet_hbond.range_1_PDB_ins_code 
_pdbx_struct_sheet_hbond.range_1_auth_atom_id 
_pdbx_struct_sheet_hbond.range_1_auth_comp_id 
_pdbx_struct_sheet_hbond.range_1_auth_asym_id 
_pdbx_struct_sheet_hbond.range_1_auth_seq_id 
_pdbx_struct_sheet_hbond.range_2_label_atom_id 
_pdbx_struct_sheet_hbond.range_2_label_comp_id 
_pdbx_struct_sheet_hbond.range_2_label_asym_id 
_pdbx_struct_sheet_hbond.range_2_label_seq_id 
_pdbx_struct_sheet_hbond.range_2_PDB_ins_code 
_pdbx_struct_sheet_hbond.range_2_auth_atom_id 
_pdbx_struct_sheet_hbond.range_2_auth_comp_id 
_pdbx_struct_sheet_hbond.range_2_auth_asym_id 
_pdbx_struct_sheet_hbond.range_2_auth_seq_id 
A 1 2 O VAL A 19 ? O VAL A 17 N CYS A 7  ? N CYS A 5  
A 2 3 N VAL A 6  ? N VAL A 4  O VAL A 96 ? O VAL A 94 
A 3 4 O TRP A 93 ? O TRP A 91 N LEU A 86 ? N LEU A 84 
A 4 5 O GLU A 87 ? O GLU A 85 N LEU A 68 ? N LEU A 66 
A 5 6 N GLN A 69 ? N GLN A 67 O LEU A 72 ? O LEU A 70 
B 1 2 O ILE A 37 ? O ILE A 35 N VAL A 27 ? N VAL A 25 
B 2 3 N PHE A 28 ? N PHE A 26 O LEU A 49 ? O LEU A 47 
B 3 4 N VAL A 50 ? N VAL A 48 O ASP A 62 ? O ASP A 60 
C 1 2 O LEU B 21 ? O LEU B 19 N TRP B 5  ? N TRP B 3  
C 2 3 N VAL B 6  ? N VAL B 4  O VAL B 96 ? O VAL B 94 
C 3 4 O TRP B 93 ? O TRP B 91 N LEU B 86 ? N LEU B 84 
C 4 5 O GLU B 87 ? O GLU B 85 N LEU B 68 ? N LEU B 66 
C 5 6 N GLN B 69 ? N GLN B 67 O LEU B 72 ? O LEU B 70 
D 1 2 O ILE B 37 ? O ILE B 35 N VAL B 27 ? N VAL B 25 
D 2 3 N GLY B 24 ? N GLY B 22 O VAL B 53 ? O VAL B 51 
D 3 4 N VAL B 50 ? N VAL B 48 O ASP B 62 ? O ASP B 60 
# 
_pdbx_validate_close_contact.id               1 
_pdbx_validate_close_contact.PDB_model_num    1 
_pdbx_validate_close_contact.auth_atom_id_1   O 
_pdbx_validate_close_contact.auth_asym_id_1   A 
_pdbx_validate_close_contact.auth_comp_id_1   LEU 
_pdbx_validate_close_contact.auth_seq_id_1    58 
_pdbx_validate_close_contact.PDB_ins_code_1   ? 
_pdbx_validate_close_contact.label_alt_id_1   ? 
_pdbx_validate_close_contact.auth_atom_id_2   O 
_pdbx_validate_close_contact.auth_asym_id_2   A 
_pdbx_validate_close_contact.auth_comp_id_2   LEU 
_pdbx_validate_close_contact.auth_seq_id_2    74 
_pdbx_validate_close_contact.PDB_ins_code_2   ? 
_pdbx_validate_close_contact.label_alt_id_2   ? 
_pdbx_validate_close_contact.dist             2.13 
# 
loop_
_pdbx_validate_torsion.id 
_pdbx_validate_torsion.PDB_model_num 
_pdbx_validate_torsion.auth_comp_id 
_pdbx_validate_torsion.auth_asym_id 
_pdbx_validate_torsion.auth_seq_id 
_pdbx_validate_torsion.PDB_ins_code 
_pdbx_validate_torsion.label_alt_id 
_pdbx_validate_torsion.phi 
_pdbx_validate_torsion.psi 
1 1 GLU A 68  ? ? 48.00  27.47 
2 1 PRO A 107 ? ? -89.85 49.26 
# 
loop_
_pdbx_unobs_or_zero_occ_residues.id 
_pdbx_unobs_or_zero_occ_residues.PDB_model_num 
_pdbx_unobs_or_zero_occ_residues.polymer_flag 
_pdbx_unobs_or_zero_occ_residues.occupancy_flag 
_pdbx_unobs_or_zero_occ_residues.auth_asym_id 
_pdbx_unobs_or_zero_occ_residues.auth_comp_id 
_pdbx_unobs_or_zero_occ_residues.auth_seq_id 
_pdbx_unobs_or_zero_occ_residues.PDB_ins_code 
_pdbx_unobs_or_zero_occ_residues.label_asym_id 
_pdbx_unobs_or_zero_occ_residues.label_comp_id 
_pdbx_unobs_or_zero_occ_residues.label_seq_id 
1  1 Y 1 A GLY -1  ? A GLY 1   
2  1 Y 1 A PRO 0   ? A PRO 2   
3  1 Y 1 A VAL 1   ? A VAL 3   
4  1 Y 1 A GLN 109 ? A GLN 111 
5  1 Y 1 A ARG 110 ? A ARG 112 
6  1 Y 1 A LYS 111 ? A LYS 113 
7  1 Y 1 A GLU 112 ? A GLU 114 
8  1 Y 1 A PRO 113 ? A PRO 115 
9  1 Y 1 A THR 114 ? A THR 116 
10 1 Y 1 A ASP 115 ? A ASP 117 
11 1 Y 1 A ARG 116 ? A ARG 118 
12 1 Y 1 A LEU 117 ? A LEU 119 
13 1 Y 1 A PRO 118 ? A PRO 120 
14 1 Y 1 A ARG 119 ? A ARG 121 
15 1 Y 1 A SER 120 ? A SER 122 
16 1 Y 1 A ARG 121 ? A ARG 123 
17 1 Y 1 B GLY -1  ? B GLY 1   
18 1 Y 1 B PRO 0   ? B PRO 2   
19 1 Y 1 B GLN 109 ? B GLN 111 
20 1 Y 1 B ARG 110 ? B ARG 112 
21 1 Y 1 B LYS 111 ? B LYS 113 
22 1 Y 1 B GLU 112 ? B GLU 114 
23 1 Y 1 B PRO 113 ? B PRO 115 
24 1 Y 1 B THR 114 ? B THR 116 
25 1 Y 1 B ASP 115 ? B ASP 117 
26 1 Y 1 B ARG 116 ? B ARG 118 
27 1 Y 1 B LEU 117 ? B LEU 119 
28 1 Y 1 B PRO 118 ? B PRO 120 
29 1 Y 1 B ARG 119 ? B ARG 121 
30 1 Y 1 B SER 120 ? B SER 122 
31 1 Y 1 B ARG 121 ? B ARG 123 
# 
loop_
_chem_comp_atom.comp_id 
_chem_comp_atom.atom_id 
_chem_comp_atom.type_symbol 
_chem_comp_atom.pdbx_aromatic_flag 
_chem_comp_atom.pdbx_stereo_config 
_chem_comp_atom.pdbx_ordinal 
ALA N    N N N 1   
ALA CA   C N S 2   
ALA C    C N N 3   
ALA O    O N N 4   
ALA CB   C N N 5   
ALA OXT  O N N 6   
ALA H    H N N 7   
ALA H2   H N N 8   
ALA HA   H N N 9   
ALA HB1  H N N 10  
ALA HB2  H N N 11  
ALA HB3  H N N 12  
ALA HXT  H N N 13  
ARG N    N N N 14  
ARG CA   C N S 15  
ARG C    C N N 16  
ARG O    O N N 17  
ARG CB   C N N 18  
ARG CG   C N N 19  
ARG CD   C N N 20  
ARG NE   N N N 21  
ARG CZ   C N N 22  
ARG NH1  N N N 23  
ARG NH2  N N N 24  
ARG OXT  O N N 25  
ARG H    H N N 26  
ARG H2   H N N 27  
ARG HA   H N N 28  
ARG HB2  H N N 29  
ARG HB3  H N N 30  
ARG HG2  H N N 31  
ARG HG3  H N N 32  
ARG HD2  H N N 33  
ARG HD3  H N N 34  
ARG HE   H N N 35  
ARG HH11 H N N 36  
ARG HH12 H N N 37  
ARG HH21 H N N 38  
ARG HH22 H N N 39  
ARG HXT  H N N 40  
ASP N    N N N 41  
ASP CA   C N S 42  
ASP C    C N N 43  
ASP O    O N N 44  
ASP CB   C N N 45  
ASP CG   C N N 46  
ASP OD1  O N N 47  
ASP OD2  O N N 48  
ASP OXT  O N N 49  
ASP H    H N N 50  
ASP H2   H N N 51  
ASP HA   H N N 52  
ASP HB2  H N N 53  
ASP HB3  H N N 54  
ASP HD2  H N N 55  
ASP HXT  H N N 56  
CYS N    N N N 57  
CYS CA   C N R 58  
CYS C    C N N 59  
CYS O    O N N 60  
CYS CB   C N N 61  
CYS SG   S N N 62  
CYS OXT  O N N 63  
CYS H    H N N 64  
CYS H2   H N N 65  
CYS HA   H N N 66  
CYS HB2  H N N 67  
CYS HB3  H N N 68  
CYS HG   H N N 69  
CYS HXT  H N N 70  
GLN N    N N N 71  
GLN CA   C N S 72  
GLN C    C N N 73  
GLN O    O N N 74  
GLN CB   C N N 75  
GLN CG   C N N 76  
GLN CD   C N N 77  
GLN OE1  O N N 78  
GLN NE2  N N N 79  
GLN OXT  O N N 80  
GLN H    H N N 81  
GLN H2   H N N 82  
GLN HA   H N N 83  
GLN HB2  H N N 84  
GLN HB3  H N N 85  
GLN HG2  H N N 86  
GLN HG3  H N N 87  
GLN HE21 H N N 88  
GLN HE22 H N N 89  
GLN HXT  H N N 90  
GLU N    N N N 91  
GLU CA   C N S 92  
GLU C    C N N 93  
GLU O    O N N 94  
GLU CB   C N N 95  
GLU CG   C N N 96  
GLU CD   C N N 97  
GLU OE1  O N N 98  
GLU OE2  O N N 99  
GLU OXT  O N N 100 
GLU H    H N N 101 
GLU H2   H N N 102 
GLU HA   H N N 103 
GLU HB2  H N N 104 
GLU HB3  H N N 105 
GLU HG2  H N N 106 
GLU HG3  H N N 107 
GLU HE2  H N N 108 
GLU HXT  H N N 109 
GLY N    N N N 110 
GLY CA   C N N 111 
GLY C    C N N 112 
GLY O    O N N 113 
GLY OXT  O N N 114 
GLY H    H N N 115 
GLY H2   H N N 116 
GLY HA2  H N N 117 
GLY HA3  H N N 118 
GLY HXT  H N N 119 
HIS N    N N N 120 
HIS CA   C N S 121 
HIS C    C N N 122 
HIS O    O N N 123 
HIS CB   C N N 124 
HIS CG   C Y N 125 
HIS ND1  N Y N 126 
HIS CD2  C Y N 127 
HIS CE1  C Y N 128 
HIS NE2  N Y N 129 
HIS OXT  O N N 130 
HIS H    H N N 131 
HIS H2   H N N 132 
HIS HA   H N N 133 
HIS HB2  H N N 134 
HIS HB3  H N N 135 
HIS HD1  H N N 136 
HIS HD2  H N N 137 
HIS HE1  H N N 138 
HIS HE2  H N N 139 
HIS HXT  H N N 140 
HOH O    O N N 141 
HOH H1   H N N 142 
HOH H2   H N N 143 
ILE N    N N N 144 
ILE CA   C N S 145 
ILE C    C N N 146 
ILE O    O N N 147 
ILE CB   C N S 148 
ILE CG1  C N N 149 
ILE CG2  C N N 150 
ILE CD1  C N N 151 
ILE OXT  O N N 152 
ILE H    H N N 153 
ILE H2   H N N 154 
ILE HA   H N N 155 
ILE HB   H N N 156 
ILE HG12 H N N 157 
ILE HG13 H N N 158 
ILE HG21 H N N 159 
ILE HG22 H N N 160 
ILE HG23 H N N 161 
ILE HD11 H N N 162 
ILE HD12 H N N 163 
ILE HD13 H N N 164 
ILE HXT  H N N 165 
LEU N    N N N 166 
LEU CA   C N S 167 
LEU C    C N N 168 
LEU O    O N N 169 
LEU CB   C N N 170 
LEU CG   C N N 171 
LEU CD1  C N N 172 
LEU CD2  C N N 173 
LEU OXT  O N N 174 
LEU H    H N N 175 
LEU H2   H N N 176 
LEU HA   H N N 177 
LEU HB2  H N N 178 
LEU HB3  H N N 179 
LEU HG   H N N 180 
LEU HD11 H N N 181 
LEU HD12 H N N 182 
LEU HD13 H N N 183 
LEU HD21 H N N 184 
LEU HD22 H N N 185 
LEU HD23 H N N 186 
LEU HXT  H N N 187 
LYS N    N N N 188 
LYS CA   C N S 189 
LYS C    C N N 190 
LYS O    O N N 191 
LYS CB   C N N 192 
LYS CG   C N N 193 
LYS CD   C N N 194 
LYS CE   C N N 195 
LYS NZ   N N N 196 
LYS OXT  O N N 197 
LYS H    H N N 198 
LYS H2   H N N 199 
LYS HA   H N N 200 
LYS HB2  H N N 201 
LYS HB3  H N N 202 
LYS HG2  H N N 203 
LYS HG3  H N N 204 
LYS HD2  H N N 205 
LYS HD3  H N N 206 
LYS HE2  H N N 207 
LYS HE3  H N N 208 
LYS HZ1  H N N 209 
LYS HZ2  H N N 210 
LYS HZ3  H N N 211 
LYS HXT  H N N 212 
MET N    N N N 213 
MET CA   C N S 214 
MET C    C N N 215 
MET O    O N N 216 
MET CB   C N N 217 
MET CG   C N N 218 
MET SD   S N N 219 
MET CE   C N N 220 
MET OXT  O N N 221 
MET H    H N N 222 
MET H2   H N N 223 
MET HA   H N N 224 
MET HB2  H N N 225 
MET HB3  H N N 226 
MET HG2  H N N 227 
MET HG3  H N N 228 
MET HE1  H N N 229 
MET HE2  H N N 230 
MET HE3  H N N 231 
MET HXT  H N N 232 
PHE N    N N N 233 
PHE CA   C N S 234 
PHE C    C N N 235 
PHE O    O N N 236 
PHE CB   C N N 237 
PHE CG   C Y N 238 
PHE CD1  C Y N 239 
PHE CD2  C Y N 240 
PHE CE1  C Y N 241 
PHE CE2  C Y N 242 
PHE CZ   C Y N 243 
PHE OXT  O N N 244 
PHE H    H N N 245 
PHE H2   H N N 246 
PHE HA   H N N 247 
PHE HB2  H N N 248 
PHE HB3  H N N 249 
PHE HD1  H N N 250 
PHE HD2  H N N 251 
PHE HE1  H N N 252 
PHE HE2  H N N 253 
PHE HZ   H N N 254 
PHE HXT  H N N 255 
PRO N    N N N 256 
PRO CA   C N S 257 
PRO C    C N N 258 
PRO O    O N N 259 
PRO CB   C N N 260 
PRO CG   C N N 261 
PRO CD   C N N 262 
PRO OXT  O N N 263 
PRO H    H N N 264 
PRO HA   H N N 265 
PRO HB2  H N N 266 
PRO HB3  H N N 267 
PRO HG2  H N N 268 
PRO HG3  H N N 269 
PRO HD2  H N N 270 
PRO HD3  H N N 271 
PRO HXT  H N N 272 
SER N    N N N 273 
SER CA   C N S 274 
SER C    C N N 275 
SER O    O N N 276 
SER CB   C N N 277 
SER OG   O N N 278 
SER OXT  O N N 279 
SER H    H N N 280 
SER H2   H N N 281 
SER HA   H N N 282 
SER HB2  H N N 283 
SER HB3  H N N 284 
SER HG   H N N 285 
SER HXT  H N N 286 
THR N    N N N 287 
THR CA   C N S 288 
THR C    C N N 289 
THR O    O N N 290 
THR CB   C N R 291 
THR OG1  O N N 292 
THR CG2  C N N 293 
THR OXT  O N N 294 
THR H    H N N 295 
THR H2   H N N 296 
THR HA   H N N 297 
THR HB   H N N 298 
THR HG1  H N N 299 
THR HG21 H N N 300 
THR HG22 H N N 301 
THR HG23 H N N 302 
THR HXT  H N N 303 
TRP N    N N N 304 
TRP CA   C N S 305 
TRP C    C N N 306 
TRP O    O N N 307 
TRP CB   C N N 308 
TRP CG   C Y N 309 
TRP CD1  C Y N 310 
TRP CD2  C Y N 311 
TRP NE1  N Y N 312 
TRP CE2  C Y N 313 
TRP CE3  C Y N 314 
TRP CZ2  C Y N 315 
TRP CZ3  C Y N 316 
TRP CH2  C Y N 317 
TRP OXT  O N N 318 
TRP H    H N N 319 
TRP H2   H N N 320 
TRP HA   H N N 321 
TRP HB2  H N N 322 
TRP HB3  H N N 323 
TRP HD1  H N N 324 
TRP HE1  H N N 325 
TRP HE3  H N N 326 
TRP HZ2  H N N 327 
TRP HZ3  H N N 328 
TRP HH2  H N N 329 
TRP HXT  H N N 330 
TYR N    N N N 331 
TYR CA   C N S 332 
TYR C    C N N 333 
TYR O    O N N 334 
TYR CB   C N N 335 
TYR CG   C Y N 336 
TYR CD1  C Y N 337 
TYR CD2  C Y N 338 
TYR CE1  C Y N 339 
TYR CE2  C Y N 340 
TYR CZ   C Y N 341 
TYR OH   O N N 342 
TYR OXT  O N N 343 
TYR H    H N N 344 
TYR H2   H N N 345 
TYR HA   H N N 346 
TYR HB2  H N N 347 
TYR HB3  H N N 348 
TYR HD1  H N N 349 
TYR HD2  H N N 350 
TYR HE1  H N N 351 
TYR HE2  H N N 352 
TYR HH   H N N 353 
TYR HXT  H N N 354 
VAL N    N N N 355 
VAL CA   C N S 356 
VAL C    C N N 357 
VAL O    O N N 358 
VAL CB   C N N 359 
VAL CG1  C N N 360 
VAL CG2  C N N 361 
VAL OXT  O N N 362 
VAL H    H N N 363 
VAL H2   H N N 364 
VAL HA   H N N 365 
VAL HB   H N N 366 
VAL HG11 H N N 367 
VAL HG12 H N N 368 
VAL HG13 H N N 369 
VAL HG21 H N N 370 
VAL HG22 H N N 371 
VAL HG23 H N N 372 
VAL HXT  H N N 373 
# 
loop_
_chem_comp_bond.comp_id 
_chem_comp_bond.atom_id_1 
_chem_comp_bond.atom_id_2 
_chem_comp_bond.value_order 
_chem_comp_bond.pdbx_aromatic_flag 
_chem_comp_bond.pdbx_stereo_config 
_chem_comp_bond.pdbx_ordinal 
ALA N   CA   sing N N 1   
ALA N   H    sing N N 2   
ALA N   H2   sing N N 3   
ALA CA  C    sing N N 4   
ALA CA  CB   sing N N 5   
ALA CA  HA   sing N N 6   
ALA C   O    doub N N 7   
ALA C   OXT  sing N N 8   
ALA CB  HB1  sing N N 9   
ALA CB  HB2  sing N N 10  
ALA CB  HB3  sing N N 11  
ALA OXT HXT  sing N N 12  
ARG N   CA   sing N N 13  
ARG N   H    sing N N 14  
ARG N   H2   sing N N 15  
ARG CA  C    sing N N 16  
ARG CA  CB   sing N N 17  
ARG CA  HA   sing N N 18  
ARG C   O    doub N N 19  
ARG C   OXT  sing N N 20  
ARG CB  CG   sing N N 21  
ARG CB  HB2  sing N N 22  
ARG CB  HB3  sing N N 23  
ARG CG  CD   sing N N 24  
ARG CG  HG2  sing N N 25  
ARG CG  HG3  sing N N 26  
ARG CD  NE   sing N N 27  
ARG CD  HD2  sing N N 28  
ARG CD  HD3  sing N N 29  
ARG NE  CZ   sing N N 30  
ARG NE  HE   sing N N 31  
ARG CZ  NH1  sing N N 32  
ARG CZ  NH2  doub N N 33  
ARG NH1 HH11 sing N N 34  
ARG NH1 HH12 sing N N 35  
ARG NH2 HH21 sing N N 36  
ARG NH2 HH22 sing N N 37  
ARG OXT HXT  sing N N 38  
ASP N   CA   sing N N 39  
ASP N   H    sing N N 40  
ASP N   H2   sing N N 41  
ASP CA  C    sing N N 42  
ASP CA  CB   sing N N 43  
ASP CA  HA   sing N N 44  
ASP C   O    doub N N 45  
ASP C   OXT  sing N N 46  
ASP CB  CG   sing N N 47  
ASP CB  HB2  sing N N 48  
ASP CB  HB3  sing N N 49  
ASP CG  OD1  doub N N 50  
ASP CG  OD2  sing N N 51  
ASP OD2 HD2  sing N N 52  
ASP OXT HXT  sing N N 53  
CYS N   CA   sing N N 54  
CYS N   H    sing N N 55  
CYS N   H2   sing N N 56  
CYS CA  C    sing N N 57  
CYS CA  CB   sing N N 58  
CYS CA  HA   sing N N 59  
CYS C   O    doub N N 60  
CYS C   OXT  sing N N 61  
CYS CB  SG   sing N N 62  
CYS CB  HB2  sing N N 63  
CYS CB  HB3  sing N N 64  
CYS SG  HG   sing N N 65  
CYS OXT HXT  sing N N 66  
GLN N   CA   sing N N 67  
GLN N   H    sing N N 68  
GLN N   H2   sing N N 69  
GLN CA  C    sing N N 70  
GLN CA  CB   sing N N 71  
GLN CA  HA   sing N N 72  
GLN C   O    doub N N 73  
GLN C   OXT  sing N N 74  
GLN CB  CG   sing N N 75  
GLN CB  HB2  sing N N 76  
GLN CB  HB3  sing N N 77  
GLN CG  CD   sing N N 78  
GLN CG  HG2  sing N N 79  
GLN CG  HG3  sing N N 80  
GLN CD  OE1  doub N N 81  
GLN CD  NE2  sing N N 82  
GLN NE2 HE21 sing N N 83  
GLN NE2 HE22 sing N N 84  
GLN OXT HXT  sing N N 85  
GLU N   CA   sing N N 86  
GLU N   H    sing N N 87  
GLU N   H2   sing N N 88  
GLU CA  C    sing N N 89  
GLU CA  CB   sing N N 90  
GLU CA  HA   sing N N 91  
GLU C   O    doub N N 92  
GLU C   OXT  sing N N 93  
GLU CB  CG   sing N N 94  
GLU CB  HB2  sing N N 95  
GLU CB  HB3  sing N N 96  
GLU CG  CD   sing N N 97  
GLU CG  HG2  sing N N 98  
GLU CG  HG3  sing N N 99  
GLU CD  OE1  doub N N 100 
GLU CD  OE2  sing N N 101 
GLU OE2 HE2  sing N N 102 
GLU OXT HXT  sing N N 103 
GLY N   CA   sing N N 104 
GLY N   H    sing N N 105 
GLY N   H2   sing N N 106 
GLY CA  C    sing N N 107 
GLY CA  HA2  sing N N 108 
GLY CA  HA3  sing N N 109 
GLY C   O    doub N N 110 
GLY C   OXT  sing N N 111 
GLY OXT HXT  sing N N 112 
HIS N   CA   sing N N 113 
HIS N   H    sing N N 114 
HIS N   H2   sing N N 115 
HIS CA  C    sing N N 116 
HIS CA  CB   sing N N 117 
HIS CA  HA   sing N N 118 
HIS C   O    doub N N 119 
HIS C   OXT  sing N N 120 
HIS CB  CG   sing N N 121 
HIS CB  HB2  sing N N 122 
HIS CB  HB3  sing N N 123 
HIS CG  ND1  sing Y N 124 
HIS CG  CD2  doub Y N 125 
HIS ND1 CE1  doub Y N 126 
HIS ND1 HD1  sing N N 127 
HIS CD2 NE2  sing Y N 128 
HIS CD2 HD2  sing N N 129 
HIS CE1 NE2  sing Y N 130 
HIS CE1 HE1  sing N N 131 
HIS NE2 HE2  sing N N 132 
HIS OXT HXT  sing N N 133 
HOH O   H1   sing N N 134 
HOH O   H2   sing N N 135 
ILE N   CA   sing N N 136 
ILE N   H    sing N N 137 
ILE N   H2   sing N N 138 
ILE CA  C    sing N N 139 
ILE CA  CB   sing N N 140 
ILE CA  HA   sing N N 141 
ILE C   O    doub N N 142 
ILE C   OXT  sing N N 143 
ILE CB  CG1  sing N N 144 
ILE CB  CG2  sing N N 145 
ILE CB  HB   sing N N 146 
ILE CG1 CD1  sing N N 147 
ILE CG1 HG12 sing N N 148 
ILE CG1 HG13 sing N N 149 
ILE CG2 HG21 sing N N 150 
ILE CG2 HG22 sing N N 151 
ILE CG2 HG23 sing N N 152 
ILE CD1 HD11 sing N N 153 
ILE CD1 HD12 sing N N 154 
ILE CD1 HD13 sing N N 155 
ILE OXT HXT  sing N N 156 
LEU N   CA   sing N N 157 
LEU N   H    sing N N 158 
LEU N   H2   sing N N 159 
LEU CA  C    sing N N 160 
LEU CA  CB   sing N N 161 
LEU CA  HA   sing N N 162 
LEU C   O    doub N N 163 
LEU C   OXT  sing N N 164 
LEU CB  CG   sing N N 165 
LEU CB  HB2  sing N N 166 
LEU CB  HB3  sing N N 167 
LEU CG  CD1  sing N N 168 
LEU CG  CD2  sing N N 169 
LEU CG  HG   sing N N 170 
LEU CD1 HD11 sing N N 171 
LEU CD1 HD12 sing N N 172 
LEU CD1 HD13 sing N N 173 
LEU CD2 HD21 sing N N 174 
LEU CD2 HD22 sing N N 175 
LEU CD2 HD23 sing N N 176 
LEU OXT HXT  sing N N 177 
LYS N   CA   sing N N 178 
LYS N   H    sing N N 179 
LYS N   H2   sing N N 180 
LYS CA  C    sing N N 181 
LYS CA  CB   sing N N 182 
LYS CA  HA   sing N N 183 
LYS C   O    doub N N 184 
LYS C   OXT  sing N N 185 
LYS CB  CG   sing N N 186 
LYS CB  HB2  sing N N 187 
LYS CB  HB3  sing N N 188 
LYS CG  CD   sing N N 189 
LYS CG  HG2  sing N N 190 
LYS CG  HG3  sing N N 191 
LYS CD  CE   sing N N 192 
LYS CD  HD2  sing N N 193 
LYS CD  HD3  sing N N 194 
LYS CE  NZ   sing N N 195 
LYS CE  HE2  sing N N 196 
LYS CE  HE3  sing N N 197 
LYS NZ  HZ1  sing N N 198 
LYS NZ  HZ2  sing N N 199 
LYS NZ  HZ3  sing N N 200 
LYS OXT HXT  sing N N 201 
MET N   CA   sing N N 202 
MET N   H    sing N N 203 
MET N   H2   sing N N 204 
MET CA  C    sing N N 205 
MET CA  CB   sing N N 206 
MET CA  HA   sing N N 207 
MET C   O    doub N N 208 
MET C   OXT  sing N N 209 
MET CB  CG   sing N N 210 
MET CB  HB2  sing N N 211 
MET CB  HB3  sing N N 212 
MET CG  SD   sing N N 213 
MET CG  HG2  sing N N 214 
MET CG  HG3  sing N N 215 
MET SD  CE   sing N N 216 
MET CE  HE1  sing N N 217 
MET CE  HE2  sing N N 218 
MET CE  HE3  sing N N 219 
MET OXT HXT  sing N N 220 
PHE N   CA   sing N N 221 
PHE N   H    sing N N 222 
PHE N   H2   sing N N 223 
PHE CA  C    sing N N 224 
PHE CA  CB   sing N N 225 
PHE CA  HA   sing N N 226 
PHE C   O    doub N N 227 
PHE C   OXT  sing N N 228 
PHE CB  CG   sing N N 229 
PHE CB  HB2  sing N N 230 
PHE CB  HB3  sing N N 231 
PHE CG  CD1  doub Y N 232 
PHE CG  CD2  sing Y N 233 
PHE CD1 CE1  sing Y N 234 
PHE CD1 HD1  sing N N 235 
PHE CD2 CE2  doub Y N 236 
PHE CD2 HD2  sing N N 237 
PHE CE1 CZ   doub Y N 238 
PHE CE1 HE1  sing N N 239 
PHE CE2 CZ   sing Y N 240 
PHE CE2 HE2  sing N N 241 
PHE CZ  HZ   sing N N 242 
PHE OXT HXT  sing N N 243 
PRO N   CA   sing N N 244 
PRO N   CD   sing N N 245 
PRO N   H    sing N N 246 
PRO CA  C    sing N N 247 
PRO CA  CB   sing N N 248 
PRO CA  HA   sing N N 249 
PRO C   O    doub N N 250 
PRO C   OXT  sing N N 251 
PRO CB  CG   sing N N 252 
PRO CB  HB2  sing N N 253 
PRO CB  HB3  sing N N 254 
PRO CG  CD   sing N N 255 
PRO CG  HG2  sing N N 256 
PRO CG  HG3  sing N N 257 
PRO CD  HD2  sing N N 258 
PRO CD  HD3  sing N N 259 
PRO OXT HXT  sing N N 260 
SER N   CA   sing N N 261 
SER N   H    sing N N 262 
SER N   H2   sing N N 263 
SER CA  C    sing N N 264 
SER CA  CB   sing N N 265 
SER CA  HA   sing N N 266 
SER C   O    doub N N 267 
SER C   OXT  sing N N 268 
SER CB  OG   sing N N 269 
SER CB  HB2  sing N N 270 
SER CB  HB3  sing N N 271 
SER OG  HG   sing N N 272 
SER OXT HXT  sing N N 273 
THR N   CA   sing N N 274 
THR N   H    sing N N 275 
THR N   H2   sing N N 276 
THR CA  C    sing N N 277 
THR CA  CB   sing N N 278 
THR CA  HA   sing N N 279 
THR C   O    doub N N 280 
THR C   OXT  sing N N 281 
THR CB  OG1  sing N N 282 
THR CB  CG2  sing N N 283 
THR CB  HB   sing N N 284 
THR OG1 HG1  sing N N 285 
THR CG2 HG21 sing N N 286 
THR CG2 HG22 sing N N 287 
THR CG2 HG23 sing N N 288 
THR OXT HXT  sing N N 289 
TRP N   CA   sing N N 290 
TRP N   H    sing N N 291 
TRP N   H2   sing N N 292 
TRP CA  C    sing N N 293 
TRP CA  CB   sing N N 294 
TRP CA  HA   sing N N 295 
TRP C   O    doub N N 296 
TRP C   OXT  sing N N 297 
TRP CB  CG   sing N N 298 
TRP CB  HB2  sing N N 299 
TRP CB  HB3  sing N N 300 
TRP CG  CD1  doub Y N 301 
TRP CG  CD2  sing Y N 302 
TRP CD1 NE1  sing Y N 303 
TRP CD1 HD1  sing N N 304 
TRP CD2 CE2  doub Y N 305 
TRP CD2 CE3  sing Y N 306 
TRP NE1 CE2  sing Y N 307 
TRP NE1 HE1  sing N N 308 
TRP CE2 CZ2  sing Y N 309 
TRP CE3 CZ3  doub Y N 310 
TRP CE3 HE3  sing N N 311 
TRP CZ2 CH2  doub Y N 312 
TRP CZ2 HZ2  sing N N 313 
TRP CZ3 CH2  sing Y N 314 
TRP CZ3 HZ3  sing N N 315 
TRP CH2 HH2  sing N N 316 
TRP OXT HXT  sing N N 317 
TYR N   CA   sing N N 318 
TYR N   H    sing N N 319 
TYR N   H2   sing N N 320 
TYR CA  C    sing N N 321 
TYR CA  CB   sing N N 322 
TYR CA  HA   sing N N 323 
TYR C   O    doub N N 324 
TYR C   OXT  sing N N 325 
TYR CB  CG   sing N N 326 
TYR CB  HB2  sing N N 327 
TYR CB  HB3  sing N N 328 
TYR CG  CD1  doub Y N 329 
TYR CG  CD2  sing Y N 330 
TYR CD1 CE1  sing Y N 331 
TYR CD1 HD1  sing N N 332 
TYR CD2 CE2  doub Y N 333 
TYR CD2 HD2  sing N N 334 
TYR CE1 CZ   doub Y N 335 
TYR CE1 HE1  sing N N 336 
TYR CE2 CZ   sing Y N 337 
TYR CE2 HE2  sing N N 338 
TYR CZ  OH   sing N N 339 
TYR OH  HH   sing N N 340 
TYR OXT HXT  sing N N 341 
VAL N   CA   sing N N 342 
VAL N   H    sing N N 343 
VAL N   H2   sing N N 344 
VAL CA  C    sing N N 345 
VAL CA  CB   sing N N 346 
VAL CA  HA   sing N N 347 
VAL C   O    doub N N 348 
VAL C   OXT  sing N N 349 
VAL CB  CG1  sing N N 350 
VAL CB  CG2  sing N N 351 
VAL CB  HB   sing N N 352 
VAL CG1 HG11 sing N N 353 
VAL CG1 HG12 sing N N 354 
VAL CG1 HG13 sing N N 355 
VAL CG2 HG21 sing N N 356 
VAL CG2 HG22 sing N N 357 
VAL CG2 HG23 sing N N 358 
VAL OXT HXT  sing N N 359 
# 
_atom_sites.entry_id                    4D9V 
_atom_sites.fract_transf_matrix[1][1]   0.00155499 
_atom_sites.fract_transf_matrix[1][2]   0.00159474 
_atom_sites.fract_transf_matrix[1][3]   -0.00824338 
_atom_sites.fract_transf_matrix[2][1]   0.00825695 
_atom_sites.fract_transf_matrix[2][2]   -0.00181108 
_atom_sites.fract_transf_matrix[2][3]   0.00120719 
_atom_sites.fract_transf_matrix[3][1]   -0.00152293 
_atom_sites.fract_transf_matrix[3][2]   -0.00819093 
_atom_sites.fract_transf_matrix[3][3]   -0.00187187 
_atom_sites.fract_transf_vector[1]      0.126343 
_atom_sites.fract_transf_vector[2]      0.392901 
_atom_sites.fract_transf_vector[3]      0.247531 
# 
loop_
_atom_type.symbol 
C 
N 
O 
S 
# 
loop_
_atom_site.group_PDB 
_atom_site.id 
_atom_site.type_symbol 
_atom_site.label_atom_id 
_atom_site.label_alt_id 
_atom_site.label_comp_id 
_atom_site.label_asym_id 
_atom_site.label_entity_id 
_atom_site.label_seq_id 
_atom_site.pdbx_PDB_ins_code 
_atom_site.Cartn_x 
_atom_site.Cartn_y 
_atom_site.Cartn_z 
_atom_site.occupancy 
_atom_site.B_iso_or_equiv 
_atom_site.pdbx_formal_charge 
_atom_site.auth_seq_id 
_atom_site.auth_comp_id 
_atom_site.auth_asym_id 
_atom_site.auth_atom_id 
_atom_site.pdbx_PDB_model_num 
ATOM   1    N N   . SER A 1 4   ? -10.450 17.561  -4.476  1.00 45.74  ? 2   SER A N   1 
ATOM   2    C CA  . SER A 1 4   ? -11.163 16.337  -4.103  1.00 53.99  ? 2   SER A CA  1 
ATOM   3    C C   . SER A 1 4   ? -11.334 16.069  -2.586  1.00 53.66  ? 2   SER A C   1 
ATOM   4    O O   . SER A 1 4   ? -12.441 15.822  -2.116  1.00 50.54  ? 2   SER A O   1 
ATOM   5    C CB  . SER A 1 4   ? -10.500 15.137  -4.766  1.00 61.00  ? 2   SER A CB  1 
ATOM   6    O OG  . SER A 1 4   ? -11.472 14.296  -5.343  1.00 63.37  ? 2   SER A OG  1 
ATOM   7    N N   . TRP A 1 5   ? -10.239 16.104  -1.828  1.00 55.40  ? 3   TRP A N   1 
ATOM   8    C CA  . TRP A 1 5   ? -10.295 15.835  -0.390  1.00 48.61  ? 3   TRP A CA  1 
ATOM   9    C C   . TRP A 1 5   ? -9.536  16.882  0.434   1.00 44.75  ? 3   TRP A C   1 
ATOM   10   O O   . TRP A 1 5   ? -8.466  17.344  0.052   1.00 44.86  ? 3   TRP A O   1 
ATOM   11   C CB  . TRP A 1 5   ? -9.738  14.442  -0.081  1.00 40.96  ? 3   TRP A CB  1 
ATOM   12   C CG  . TRP A 1 5   ? -10.367 13.349  -0.867  1.00 50.21  ? 3   TRP A CG  1 
ATOM   13   C CD1 . TRP A 1 5   ? -9.899  12.793  -2.028  1.00 55.07  ? 3   TRP A CD1 1 
ATOM   14   C CD2 . TRP A 1 5   ? -11.584 12.654  -0.548  1.00 48.14  ? 3   TRP A CD2 1 
ATOM   15   N NE1 . TRP A 1 5   ? -10.756 11.799  -2.453  1.00 55.87  ? 3   TRP A NE1 1 
ATOM   16   C CE2 . TRP A 1 5   ? -11.795 11.699  -1.568  1.00 56.92  ? 3   TRP A CE2 1 
ATOM   17   C CE3 . TRP A 1 5   ? -12.515 12.758  0.488   1.00 45.65  ? 3   TRP A CE3 1 
ATOM   18   C CZ2 . TRP A 1 5   ? -12.911 10.845  -1.573  1.00 54.65  ? 3   TRP A CZ2 1 
ATOM   19   C CZ3 . TRP A 1 5   ? -13.627 11.907  0.482   1.00 52.57  ? 3   TRP A CZ3 1 
ATOM   20   C CH2 . TRP A 1 5   ? -13.809 10.960  -0.543  1.00 52.32  ? 3   TRP A CH2 1 
ATOM   21   N N   . VAL A 1 6   ? -10.081 17.240  1.580   1.00 42.04  ? 4   VAL A N   1 
ATOM   22   C CA  . VAL A 1 6   ? -9.394  18.161  2.473   1.00 41.22  ? 4   VAL A CA  1 
ATOM   23   C C   . VAL A 1 6   ? -9.184  17.519  3.839   1.00 40.06  ? 4   VAL A C   1 
ATOM   24   O O   . VAL A 1 6   ? -10.096 16.891  4.376   1.00 40.88  ? 4   VAL A O   1 
ATOM   25   C CB  . VAL A 1 6   ? -10.167 19.499  2.639   1.00 44.52  ? 4   VAL A CB  1 
ATOM   26   C CG1 . VAL A 1 6   ? -11.607 19.249  3.083   1.00 49.31  ? 4   VAL A CG1 1 
ATOM   27   C CG2 . VAL A 1 6   ? -9.453  20.398  3.638   1.00 44.34  ? 4   VAL A CG2 1 
ATOM   28   N N   . CYS A 1 7   ? -7.983  17.652  4.395   1.00 40.04  ? 5   CYS A N   1 
ATOM   29   C CA  . CYS A 1 7   ? -7.738  17.144  5.737   1.00 35.46  ? 5   CYS A CA  1 
ATOM   30   C C   . CYS A 1 7   ? -7.529  18.280  6.735   1.00 39.13  ? 5   CYS A C   1 
ATOM   31   O O   . CYS A 1 7   ? -7.321  19.428  6.348   1.00 39.33  ? 5   CYS A O   1 
ATOM   32   C CB  . CYS A 1 7   ? -6.544  16.190  5.761   1.00 38.57  ? 5   CYS A CB  1 
ATOM   33   S SG  . CYS A 1 7   ? -4.911  17.010  5.806   1.00 46.99  ? 5   CYS A SG  1 
ATOM   34   N N   . ARG A 1 8   ? -7.595  17.941  8.020   1.00 38.63  ? 6   ARG A N   1 
ATOM   35   C CA  . ARG A 1 8   ? -7.350  18.886  9.102   1.00 34.77  ? 6   ARG A CA  1 
ATOM   36   C C   . ARG A 1 8   ? -6.535  18.211  10.217  1.00 38.24  ? 6   ARG A C   1 
ATOM   37   O O   . ARG A 1 8   ? -6.679  17.003  10.467  1.00 37.37  ? 6   ARG A O   1 
ATOM   38   C CB  . ARG A 1 8   ? -8.676  19.420  9.637   1.00 38.92  ? 6   ARG A CB  1 
ATOM   39   C CG  . ARG A 1 8   ? -8.566  20.457  10.750  1.00 41.98  ? 6   ARG A CG  1 
ATOM   40   C CD  . ARG A 1 8   ? -9.912  21.151  10.935  1.00 42.54  ? 6   ARG A CD  1 
ATOM   41   N NE  . ARG A 1 8   ? -10.017 21.920  12.173  1.00 46.50  ? 6   ARG A NE  1 
ATOM   42   C CZ  . ARG A 1 8   ? -10.307 23.223  12.222  1.00 51.17  ? 6   ARG A CZ  1 
ATOM   43   N NH1 . ARG A 1 8   ? -10.509 23.913  11.105  1.00 48.82  ? 6   ARG A NH1 1 
ATOM   44   N NH2 . ARG A 1 8   ? -10.391 23.843  13.390  1.00 49.69  ? 6   ARG A NH2 1 
ATOM   45   N N   . PHE A 1 9   ? -5.660  18.984  10.856  1.00 36.15  ? 7   PHE A N   1 
ATOM   46   C CA  . PHE A 1 9   ? -4.826  18.485  11.933  1.00 31.14  ? 7   PHE A CA  1 
ATOM   47   C C   . PHE A 1 9   ? -5.357  19.001  13.258  1.00 35.26  ? 7   PHE A C   1 
ATOM   48   O O   . PHE A 1 9   ? -5.890  20.101  13.317  1.00 38.81  ? 7   PHE A O   1 
ATOM   49   C CB  . PHE A 1 9   ? -3.382  18.939  11.738  1.00 37.42  ? 7   PHE A CB  1 
ATOM   50   C CG  . PHE A 1 9   ? -2.774  18.467  10.451  1.00 37.30  ? 7   PHE A CG  1 
ATOM   51   C CD1 . PHE A 1 9   ? -2.647  17.113  10.199  1.00 37.78  ? 7   PHE A CD1 1 
ATOM   52   C CD2 . PHE A 1 9   ? -2.352  19.367  9.489   1.00 34.32  ? 7   PHE A CD2 1 
ATOM   53   C CE1 . PHE A 1 9   ? -2.118  16.660  9.003   1.00 42.16  ? 7   PHE A CE1 1 
ATOM   54   C CE2 . PHE A 1 9   ? -1.821  18.921  8.308   1.00 37.48  ? 7   PHE A CE2 1 
ATOM   55   C CZ  . PHE A 1 9   ? -1.705  17.563  8.061   1.00 38.14  ? 7   PHE A CZ  1 
ATOM   56   N N   . TYR A 1 10  ? -5.198  18.227  14.326  1.00 37.90  ? 8   TYR A N   1 
ATOM   57   C CA  . TYR A 1 10  ? -5.821  18.593  15.603  1.00 40.43  ? 8   TYR A CA  1 
ATOM   58   C C   . TYR A 1 10  ? -4.891  18.698  16.796  1.00 42.83  ? 8   TYR A C   1 
ATOM   59   O O   . TYR A 1 10  ? -5.340  18.790  17.934  1.00 46.11  ? 8   TYR A O   1 
ATOM   60   C CB  . TYR A 1 10  ? -6.946  17.620  15.932  1.00 37.06  ? 8   TYR A CB  1 
ATOM   61   C CG  . TYR A 1 10  ? -8.101  17.770  14.988  1.00 42.02  ? 8   TYR A CG  1 
ATOM   62   C CD1 . TYR A 1 10  ? -9.166  18.607  15.297  1.00 40.72  ? 8   TYR A CD1 1 
ATOM   63   C CD2 . TYR A 1 10  ? -8.120  17.098  13.773  1.00 36.83  ? 8   TYR A CD2 1 
ATOM   64   C CE1 . TYR A 1 10  ? -10.224 18.757  14.432  1.00 39.82  ? 8   TYR A CE1 1 
ATOM   65   C CE2 . TYR A 1 10  ? -9.173  17.244  12.903  1.00 39.96  ? 8   TYR A CE2 1 
ATOM   66   C CZ  . TYR A 1 10  ? -10.220 18.078  13.235  1.00 42.14  ? 8   TYR A CZ  1 
ATOM   67   O OH  . TYR A 1 10  ? -11.276 18.223  12.367  1.00 46.33  ? 8   TYR A OH  1 
ATOM   68   N N   . GLN A 1 11  ? -3.596  18.714  16.543  1.00 41.77  ? 9   GLN A N   1 
ATOM   69   C CA  . GLN A 1 11  ? -2.645  18.560  17.617  1.00 37.55  ? 9   GLN A CA  1 
ATOM   70   C C   . GLN A 1 11  ? -1.356  19.267  17.226  1.00 32.87  ? 9   GLN A C   1 
ATOM   71   O O   . GLN A 1 11  ? -0.961  19.242  16.073  1.00 40.87  ? 9   GLN A O   1 
ATOM   72   C CB  . GLN A 1 11  ? -2.410  17.060  17.809  1.00 37.79  ? 9   GLN A CB  1 
ATOM   73   C CG  . GLN A 1 11  ? -1.792  16.658  19.110  1.00 39.48  ? 9   GLN A CG  1 
ATOM   74   C CD  . GLN A 1 11  ? -2.024  15.192  19.422  1.00 39.61  ? 9   GLN A CD  1 
ATOM   75   O OE1 . GLN A 1 11  ? -1.414  14.299  18.822  1.00 41.38  ? 9   GLN A OE1 1 
ATOM   76   N NE2 . GLN A 1 11  ? -2.909  14.938  20.370  1.00 33.26  ? 9   GLN A NE2 1 
ATOM   77   N N   . GLY A 1 12  ? -0.704  19.905  18.185  1.00 31.21  ? 10  GLY A N   1 
ATOM   78   C CA  . GLY A 1 12  ? 0.602   20.492  17.948  1.00 33.61  ? 10  GLY A CA  1 
ATOM   79   C C   . GLY A 1 12  ? 0.598   21.748  17.098  1.00 31.74  ? 10  GLY A C   1 
ATOM   80   O O   . GLY A 1 12  ? -0.408  22.483  17.012  1.00 28.05  ? 10  GLY A O   1 
ATOM   81   N N   . LYS A 1 13  ? 1.737   21.981  16.465  1.00 29.37  ? 11  LYS A N   1 
ATOM   82   C CA  . LYS A 1 13  ? 1.990   23.223  15.737  1.00 35.99  ? 11  LYS A CA  1 
ATOM   83   C C   . LYS A 1 13  ? 0.999   23.550  14.625  1.00 34.53  ? 11  LYS A C   1 
ATOM   84   O O   . LYS A 1 13  ? 0.774   24.719  14.317  1.00 35.42  ? 11  LYS A O   1 
ATOM   85   C CB  . LYS A 1 13  ? 3.383   23.190  15.124  1.00 40.77  ? 11  LYS A CB  1 
ATOM   86   C CG  . LYS A 1 13  ? 4.504   23.352  16.120  1.00 35.89  ? 11  LYS A CG  1 
ATOM   87   C CD  . LYS A 1 13  ? 5.818   23.201  15.410  1.00 39.48  ? 11  LYS A CD  1 
ATOM   88   C CE  . LYS A 1 13  ? 6.947   23.153  16.404  1.00 40.79  ? 11  LYS A CE  1 
ATOM   89   N NZ  . LYS A 1 13  ? 8.106   22.541  15.720  1.00 43.81  ? 11  LYS A NZ  1 
ATOM   90   N N   . HIS A 1 14  ? 0.429   22.531  14.004  1.00 33.18  ? 12  HIS A N   1 
ATOM   91   C CA  . HIS A 1 14  ? -0.423  22.774  12.849  1.00 36.52  ? 12  HIS A CA  1 
ATOM   92   C C   . HIS A 1 14  ? -1.897  22.596  13.193  1.00 36.45  ? 12  HIS A C   1 
ATOM   93   O O   . HIS A 1 14  ? -2.725  22.423  12.310  1.00 36.26  ? 12  HIS A O   1 
ATOM   94   C CB  . HIS A 1 14  ? -0.025  21.870  11.683  1.00 31.07  ? 12  HIS A CB  1 
ATOM   95   C CG  . HIS A 1 14  ? 1.425   21.969  11.324  1.00 37.32  ? 12  HIS A CG  1 
ATOM   96   N ND1 . HIS A 1 14  ? 1.916   22.953  10.499  1.00 32.30  ? 12  HIS A ND1 1 
ATOM   97   C CD2 . HIS A 1 14  ? 2.484   21.208  11.691  1.00 35.48  ? 12  HIS A CD2 1 
ATOM   98   C CE1 . HIS A 1 14  ? 3.228   22.799  10.375  1.00 33.85  ? 12  HIS A CE1 1 
ATOM   99   N NE2 . HIS A 1 14  ? 3.595   21.750  11.082  1.00 37.38  ? 12  HIS A NE2 1 
ATOM   100  N N   . ARG A 1 15  ? -2.223  22.652  14.481  1.00 34.93  ? 13  ARG A N   1 
ATOM   101  C CA  . ARG A 1 15  ? -3.598  22.417  14.889  1.00 36.69  ? 13  ARG A CA  1 
ATOM   102  C C   . ARG A 1 15  ? -4.517  23.410  14.190  1.00 38.85  ? 13  ARG A C   1 
ATOM   103  O O   . ARG A 1 15  ? -4.221  24.609  14.140  1.00 37.79  ? 13  ARG A O   1 
ATOM   104  C CB  . ARG A 1 15  ? -3.762  22.535  16.403  1.00 38.94  ? 13  ARG A CB  1 
ATOM   105  C CG  . ARG A 1 15  ? -5.189  22.228  16.815  1.00 40.84  ? 13  ARG A CG  1 
ATOM   106  C CD  . ARG A 1 15  ? -5.540  22.688  18.217  1.00 51.17  ? 13  ARG A CD  1 
ATOM   107  N NE  . ARG A 1 15  ? -6.997  22.812  18.389  1.00 49.85  ? 13  ARG A NE  1 
ATOM   108  C CZ  . ARG A 1 15  ? -7.839  21.776  18.515  1.00 53.57  ? 13  ARG A CZ  1 
ATOM   109  N NH1 . ARG A 1 15  ? -7.386  20.521  18.500  1.00 49.14  ? 13  ARG A NH1 1 
ATOM   110  N NH2 . ARG A 1 15  ? -9.147  21.989  18.658  1.00 53.50  ? 13  ARG A NH2 1 
ATOM   111  N N   . GLY A 1 16  ? -5.619  22.920  13.632  1.00 38.22  ? 14  GLY A N   1 
ATOM   112  C CA  . GLY A 1 16  ? -6.600  23.809  13.020  1.00 36.09  ? 14  GLY A CA  1 
ATOM   113  C C   . GLY A 1 16  ? -6.336  24.112  11.556  1.00 40.64  ? 14  GLY A C   1 
ATOM   114  O O   . GLY A 1 16  ? -7.201  24.639  10.866  1.00 46.11  ? 14  GLY A O   1 
ATOM   115  N N   . VAL A 1 17  ? -5.142  23.787  11.075  1.00 36.24  ? 15  VAL A N   1 
ATOM   116  C CA  . VAL A 1 17  ? -4.801  24.032  9.687   1.00 34.33  ? 15  VAL A CA  1 
ATOM   117  C C   . VAL A 1 17  ? -5.536  23.010  8.812   1.00 38.01  ? 15  VAL A C   1 
ATOM   118  O O   . VAL A 1 17  ? -5.608  21.836  9.154   1.00 38.37  ? 15  VAL A O   1 
ATOM   119  C CB  . VAL A 1 17  ? -3.271  23.938  9.466   1.00 36.21  ? 15  VAL A CB  1 
ATOM   120  C CG1 . VAL A 1 17  ? -2.903  24.187  7.999   1.00 34.46  ? 15  VAL A CG1 1 
ATOM   121  C CG2 . VAL A 1 17  ? -2.531  24.907  10.379  1.00 33.47  ? 15  VAL A CG2 1 
ATOM   122  N N   . GLU A 1 18  ? -6.086  23.446  7.690   1.00 37.32  ? 16  GLU A N   1 
ATOM   123  C CA  . GLU A 1 18  ? -6.733  22.507  6.785   1.00 39.14  ? 16  GLU A CA  1 
ATOM   124  C C   . GLU A 1 18  ? -5.925  22.433  5.516   1.00 39.52  ? 16  GLU A C   1 
ATOM   125  O O   . GLU A 1 18  ? -5.457  23.449  5.019   1.00 42.61  ? 16  GLU A O   1 
ATOM   126  C CB  . GLU A 1 18  ? -8.167  22.935  6.469   1.00 44.68  ? 16  GLU A CB  1 
ATOM   127  C CG  . GLU A 1 18  ? -9.127  22.856  7.649   1.00 43.46  ? 16  GLU A CG  1 
ATOM   128  C CD  . GLU A 1 18  ? -10.502 23.412  7.310   1.00 51.02  ? 16  GLU A CD  1 
ATOM   129  O OE1 . GLU A 1 18  ? -10.753 23.710  6.120   1.00 50.09  ? 16  GLU A OE1 1 
ATOM   130  O OE2 . GLU A 1 18  ? -11.334 23.548  8.236   1.00 53.45  ? 16  GLU A OE2 1 
ATOM   131  N N   . VAL A 1 19  ? -5.745  21.230  4.987   1.00 37.21  ? 17  VAL A N   1 
ATOM   132  C CA  . VAL A 1 19  ? -4.880  21.062  3.824   1.00 38.61  ? 17  VAL A CA  1 
ATOM   133  C C   . VAL A 1 19  ? -5.551  20.325  2.663   1.00 40.59  ? 17  VAL A C   1 
ATOM   134  O O   . VAL A 1 19  ? -6.168  19.273  2.844   1.00 42.63  ? 17  VAL A O   1 
ATOM   135  C CB  . VAL A 1 19  ? -3.569  20.353  4.217   1.00 43.79  ? 17  VAL A CB  1 
ATOM   136  C CG1 . VAL A 1 19  ? -2.683  20.139  3.010   1.00 43.26  ? 17  VAL A CG1 1 
ATOM   137  C CG2 . VAL A 1 19  ? -2.822  21.167  5.272   1.00 42.54  ? 17  VAL A CG2 1 
ATOM   138  N N   . GLU A 1 20  ? -5.430  20.884  1.466   1.00 44.62  ? 18  GLU A N   1 
ATOM   139  C CA  . GLU A 1 20  ? -5.871  20.181  0.265   1.00 49.61  ? 18  GLU A CA  1 
ATOM   140  C C   . GLU A 1 20  ? -4.971  18.989  -0.021  1.00 46.08  ? 18  GLU A C   1 
ATOM   141  O O   . GLU A 1 20  ? -3.746  19.112  -0.028  1.00 45.73  ? 18  GLU A O   1 
ATOM   142  C CB  . GLU A 1 20  ? -5.937  21.124  -0.930  1.00 39.37  ? 18  GLU A CB  1 
ATOM   143  C CG  . GLU A 1 20  ? -7.190  21.956  -0.907  1.00 49.54  ? 18  GLU A CG  1 
ATOM   144  C CD  . GLU A 1 20  ? -7.193  23.106  -1.904  1.00 62.10  ? 18  GLU A CD  1 
ATOM   145  O OE1 . GLU A 1 20  ? -6.551  22.990  -2.977  1.00 57.89  ? 18  GLU A OE1 1 
ATOM   146  O OE2 . GLU A 1 20  ? -7.860  24.127  -1.606  1.00 64.54  ? 18  GLU A OE2 1 
ATOM   147  N N   . LEU A 1 21  ? -5.590  17.828  -0.225  1.00 39.17  ? 19  LEU A N   1 
ATOM   148  C CA  . LEU A 1 21  ? -4.836  16.620  -0.513  1.00 47.03  ? 19  LEU A CA  1 
ATOM   149  C C   . LEU A 1 21  ? -4.610  16.463  -2.006  1.00 52.87  ? 19  LEU A C   1 
ATOM   150  O O   . LEU A 1 21  ? -5.560  16.417  -2.788  1.00 58.45  ? 19  LEU A O   1 
ATOM   151  C CB  . LEU A 1 21  ? -5.524  15.381  0.061   1.00 50.31  ? 19  LEU A CB  1 
ATOM   152  C CG  . LEU A 1 21  ? -5.574  15.377  1.583   1.00 45.20  ? 19  LEU A CG  1 
ATOM   153  C CD1 . LEU A 1 21  ? -6.213  14.121  2.079   1.00 42.01  ? 19  LEU A CD1 1 
ATOM   154  C CD2 . LEU A 1 21  ? -4.175  15.521  2.157   1.00 44.43  ? 19  LEU A CD2 1 
ATOM   155  N N   . PRO A 1 22  ? -3.337  16.391  -2.405  1.00 57.37  ? 20  PRO A N   1 
ATOM   156  C CA  . PRO A 1 22  ? -2.982  16.100  -3.793  1.00 54.70  ? 20  PRO A CA  1 
ATOM   157  C C   . PRO A 1 22  ? -3.383  14.678  -4.210  1.00 58.79  ? 20  PRO A C   1 
ATOM   158  O O   . PRO A 1 22  ? -3.491  13.777  -3.385  1.00 55.39  ? 20  PRO A O   1 
ATOM   159  C CB  . PRO A 1 22  ? -1.461  16.246  -3.796  1.00 50.17  ? 20  PRO A CB  1 
ATOM   160  C CG  . PRO A 1 22  ? -1.039  16.052  -2.376  1.00 49.15  ? 20  PRO A CG  1 
ATOM   161  C CD  . PRO A 1 22  ? -2.153  16.616  -1.557  1.00 52.69  ? 20  PRO A CD  1 
ATOM   162  N N   . HIS A 1 23  ? -3.631  14.497  -5.501  1.00 60.83  ? 21  HIS A N   1 
ATOM   163  C CA  . HIS A 1 23  ? -3.698  13.175  -6.117  1.00 59.01  ? 21  HIS A CA  1 
ATOM   164  C C   . HIS A 1 23  ? -2.319  12.995  -6.716  1.00 57.35  ? 21  HIS A C   1 
ATOM   165  O O   . HIS A 1 23  ? -1.799  13.937  -7.290  1.00 65.69  ? 21  HIS A O   1 
ATOM   166  C CB  . HIS A 1 23  ? -4.753  13.181  -7.222  1.00 63.01  ? 21  HIS A CB  1 
ATOM   167  C CG  . HIS A 1 23  ? -6.095  13.682  -6.772  1.00 67.83  ? 21  HIS A CG  1 
ATOM   168  N ND1 . HIS A 1 23  ? -7.277  13.156  -7.247  1.00 66.35  ? 21  HIS A ND1 1 
ATOM   169  C CD2 . HIS A 1 23  ? -6.441  14.643  -5.881  1.00 64.15  ? 21  HIS A CD2 1 
ATOM   170  C CE1 . HIS A 1 23  ? -8.296  13.773  -6.674  1.00 64.69  ? 21  HIS A CE1 1 
ATOM   171  N NE2 . HIS A 1 23  ? -7.817  14.678  -5.840  1.00 70.03  ? 21  HIS A NE2 1 
ATOM   172  N N   . GLY A 1 24  ? -1.701  11.824  -6.592  1.00 55.34  ? 22  GLY A N   1 
ATOM   173  C CA  . GLY A 1 24  ? -2.269  10.662  -5.945  1.00 52.13  ? 22  GLY A CA  1 
ATOM   174  C C   . GLY A 1 24  ? -1.396  10.189  -4.797  1.00 51.98  ? 22  GLY A C   1 
ATOM   175  O O   . GLY A 1 24  ? -1.902  10.038  -3.694  1.00 53.21  ? 22  GLY A O   1 
ATOM   176  N N   . ARG A 1 25  ? -0.102  9.961   -5.031  1.00 49.34  ? 23  ARG A N   1 
ATOM   177  C CA  . ARG A 1 25  ? 0.797   9.611   -3.927  1.00 52.88  ? 23  ARG A CA  1 
ATOM   178  C C   . ARG A 1 25  ? 1.080   10.813  -3.033  1.00 55.19  ? 23  ARG A C   1 
ATOM   179  O O   . ARG A 1 25  ? 1.690   11.791  -3.469  1.00 49.50  ? 23  ARG A O   1 
ATOM   180  C CB  . ARG A 1 25  ? 2.128   9.082   -4.414  1.00 54.97  ? 23  ARG A CB  1 
ATOM   181  C CG  . ARG A 1 25  ? 3.118   8.911   -3.247  1.00 56.02  ? 23  ARG A CG  1 
ATOM   182  C CD  . ARG A 1 25  ? 4.507   8.474   -3.701  1.00 55.52  ? 23  ARG A CD  1 
ATOM   183  N NE  . ARG A 1 25  ? 5.151   7.600   -2.720  1.00 59.00  ? 23  ARG A NE  1 
ATOM   184  C CZ  . ARG A 1 25  ? 4.906   6.290   -2.610  1.00 72.92  ? 23  ARG A CZ  1 
ATOM   185  N NH1 . ARG A 1 25  ? 4.015   5.711   -3.421  1.00 64.57  ? 23  ARG A NH1 1 
ATOM   186  N NH2 . ARG A 1 25  ? 5.535   5.559   -1.683  1.00 60.71  ? 23  ARG A NH2 1 
ATOM   187  N N   . CYS A 1 26  ? 0.669   10.726  -1.773  1.00 47.32  ? 24  CYS A N   1 
ATOM   188  C CA  . CYS A 1 26  ? 0.759   11.868  -0.877  1.00 46.13  ? 24  CYS A CA  1 
ATOM   189  C C   . CYS A 1 26  ? 1.544   11.552  0.396   1.00 46.14  ? 24  CYS A C   1 
ATOM   190  O O   . CYS A 1 26  ? 1.192   10.642  1.159   1.00 41.63  ? 24  CYS A O   1 
ATOM   191  C CB  . CYS A 1 26  ? -0.637  12.372  -0.533  1.00 44.32  ? 24  CYS A CB  1 
ATOM   192  S SG  . CYS A 1 26  ? -0.628  13.826  0.504   1.00 57.76  ? 24  CYS A SG  1 
ATOM   193  N N   . VAL A 1 27  ? 2.607   12.308  0.632   1.00 40.73  ? 25  VAL A N   1 
ATOM   194  C CA  . VAL A 1 27  ? 3.433   12.049  1.808   1.00 45.88  ? 25  VAL A CA  1 
ATOM   195  C C   . VAL A 1 27  ? 3.379   13.148  2.861   1.00 43.41  ? 25  VAL A C   1 
ATOM   196  O O   . VAL A 1 27  ? 3.564   14.326  2.553   1.00 44.03  ? 25  VAL A O   1 
ATOM   197  C CB  . VAL A 1 27  ? 4.902   11.786  1.428   1.00 46.87  ? 25  VAL A CB  1 
ATOM   198  C CG1 . VAL A 1 27  ? 5.768   11.726  2.676   1.00 42.37  ? 25  VAL A CG1 1 
ATOM   199  C CG2 . VAL A 1 27  ? 5.032   10.491  0.630   1.00 43.19  ? 25  VAL A CG2 1 
ATOM   200  N N   . PHE A 1 28  ? 3.143   12.740  4.105   1.00 40.98  ? 26  PHE A N   1 
ATOM   201  C CA  . PHE A 1 28  ? 3.227   13.630  5.261   1.00 40.84  ? 26  PHE A CA  1 
ATOM   202  C C   . PHE A 1 28  ? 4.518   13.283  5.944   1.00 40.47  ? 26  PHE A C   1 
ATOM   203  O O   . PHE A 1 28  ? 4.848   12.110  6.092   1.00 40.77  ? 26  PHE A O   1 
ATOM   204  C CB  . PHE A 1 28  ? 2.084   13.380  6.257   1.00 44.42  ? 26  PHE A CB  1 
ATOM   205  C CG  . PHE A 1 28  ? 0.704   13.530  5.665   1.00 41.73  ? 26  PHE A CG  1 
ATOM   206  C CD1 . PHE A 1 28  ? 0.275   12.707  4.630   1.00 45.75  ? 26  PHE A CD1 1 
ATOM   207  C CD2 . PHE A 1 28  ? -0.169  14.476  6.159   1.00 41.75  ? 26  PHE A CD2 1 
ATOM   208  C CE1 . PHE A 1 28  ? -0.997  12.836  4.087   1.00 46.90  ? 26  PHE A CE1 1 
ATOM   209  C CE2 . PHE A 1 28  ? -1.452  14.613  5.618   1.00 49.85  ? 26  PHE A CE2 1 
ATOM   210  C CZ  . PHE A 1 28  ? -1.859  13.793  4.576   1.00 44.81  ? 26  PHE A CZ  1 
ATOM   211  N N   . GLY A 1 29  ? 5.248   14.298  6.373   1.00 41.84  ? 27  GLY A N   1 
ATOM   212  C CA  . GLY A 1 29  ? 6.534   14.077  6.982   1.00 40.39  ? 27  GLY A CA  1 
ATOM   213  C C   . GLY A 1 29  ? 7.151   15.385  7.416   1.00 40.43  ? 27  GLY A C   1 
ATOM   214  O O   . GLY A 1 29  ? 6.609   16.460  7.144   1.00 35.19  ? 27  GLY A O   1 
ATOM   215  N N   . SER A 1 30  ? 8.285   15.283  8.103   1.00 38.26  ? 28  SER A N   1 
ATOM   216  C CA  . SER A 1 30  ? 8.999   16.459  8.556   1.00 41.96  ? 28  SER A CA  1 
ATOM   217  C C   . SER A 1 30  ? 10.133  16.795  7.602   1.00 41.96  ? 28  SER A C   1 
ATOM   218  O O   . SER A 1 30  ? 10.726  17.879  7.689   1.00 40.86  ? 28  SER A O   1 
ATOM   219  C CB  . SER A 1 30  ? 9.547   16.241  9.972   1.00 41.56  ? 28  SER A CB  1 
ATOM   220  O OG  . SER A 1 30  ? 10.421  15.122  10.025  1.00 40.42  ? 28  SER A OG  1 
ATOM   221  N N   . ASP A 1 31  ? 10.439  15.861  6.701   1.00 41.45  ? 29  ASP A N   1 
ATOM   222  C CA  . ASP A 1 31  ? 11.536  16.039  5.737   1.00 40.72  ? 29  ASP A CA  1 
ATOM   223  C C   . ASP A 1 31  ? 11.006  16.526  4.389   1.00 40.14  ? 29  ASP A C   1 
ATOM   224  O O   . ASP A 1 31  ? 10.451  15.753  3.619   1.00 44.97  ? 29  ASP A O   1 
ATOM   225  C CB  . ASP A 1 31  ? 12.326  14.728  5.575   1.00 41.52  ? 29  ASP A CB  1 
ATOM   226  C CG  . ASP A 1 31  ? 13.493  14.843  4.583   1.00 46.10  ? 29  ASP A CG  1 
ATOM   227  O OD1 . ASP A 1 31  ? 13.764  15.944  4.065   1.00 47.37  ? 29  ASP A OD1 1 
ATOM   228  O OD2 . ASP A 1 31  ? 14.148  13.818  4.314   1.00 45.31  ? 29  ASP A OD2 1 
ATOM   229  N N   . PRO A 1 32  ? 11.184  17.821  4.108   1.00 44.96  ? 30  PRO A N   1 
ATOM   230  C CA  . PRO A 1 32  ? 10.637  18.466  2.906   1.00 47.81  ? 30  PRO A CA  1 
ATOM   231  C C   . PRO A 1 32  ? 11.193  17.860  1.617   1.00 53.14  ? 30  PRO A C   1 
ATOM   232  O O   . PRO A 1 32  ? 10.578  18.028  0.567   1.00 51.89  ? 30  PRO A O   1 
ATOM   233  C CB  . PRO A 1 32  ? 11.076  19.931  3.049   1.00 45.31  ? 30  PRO A CB  1 
ATOM   234  C CG  . PRO A 1 32  ? 12.236  19.906  4.000   1.00 48.73  ? 30  PRO A CG  1 
ATOM   235  C CD  . PRO A 1 32  ? 11.984  18.748  4.926   1.00 49.15  ? 30  PRO A CD  1 
ATOM   236  N N   . LEU A 1 33  ? 12.333  17.176  1.702   1.00 51.12  ? 31  LEU A N   1 
ATOM   237  C CA  . LEU A 1 33  ? 12.859  16.405  0.572   1.00 53.50  ? 31  LEU A CA  1 
ATOM   238  C C   . LEU A 1 33  ? 12.011  15.179  0.265   1.00 49.13  ? 31  LEU A C   1 
ATOM   239  O O   . LEU A 1 33  ? 12.006  14.688  -0.854  1.00 52.22  ? 31  LEU A O   1 
ATOM   240  C CB  . LEU A 1 33  ? 14.293  15.929  0.838   1.00 52.79  ? 31  LEU A CB  1 
ATOM   241  C CG  . LEU A 1 33  ? 15.403  16.959  0.726   1.00 59.42  ? 31  LEU A CG  1 
ATOM   242  C CD1 . LEU A 1 33  ? 16.683  16.274  0.251   1.00 51.42  ? 31  LEU A CD1 1 
ATOM   243  C CD2 . LEU A 1 33  ? 14.960  18.072  -0.232  1.00 61.13  ? 31  LEU A CD2 1 
ATOM   244  N N   . GLN A 1 34  ? 11.314  14.646  1.253   1.00 47.66  ? 32  GLN A N   1 
ATOM   245  C CA  . GLN A 1 34  ? 10.544  13.451  0.967   1.00 44.41  ? 32  GLN A CA  1 
ATOM   246  C C   . GLN A 1 34  ? 9.018   13.628  1.073   1.00 46.51  ? 32  GLN A C   1 
ATOM   247  O O   . GLN A 1 34  ? 8.258   12.722  0.728   1.00 45.56  ? 32  GLN A O   1 
ATOM   248  C CB  . GLN A 1 34  ? 11.001  12.314  1.861   1.00 46.01  ? 32  GLN A CB  1 
ATOM   249  C CG  . GLN A 1 34  ? 12.487  12.043  1.839   1.00 38.11  ? 32  GLN A CG  1 
ATOM   250  C CD  . GLN A 1 34  ? 12.821  10.897  2.767   1.00 45.70  ? 32  GLN A CD  1 
ATOM   251  O OE1 . GLN A 1 34  ? 12.610  9.728   2.424   1.00 47.80  ? 32  GLN A OE1 1 
ATOM   252  N NE2 . GLN A 1 34  ? 13.292  11.222  3.973   1.00 42.41  ? 32  GLN A NE2 1 
ATOM   253  N N   . SER A 1 35  ? 8.571   14.791  1.533   1.00 46.16  ? 33  SER A N   1 
ATOM   254  C CA  . SER A 1 35  ? 7.179   14.934  1.941   1.00 47.25  ? 33  SER A CA  1 
ATOM   255  C C   . SER A 1 35  ? 6.468   16.031  1.172   1.00 43.95  ? 33  SER A C   1 
ATOM   256  O O   . SER A 1 35  ? 7.034   17.085  0.921   1.00 49.59  ? 33  SER A O   1 
ATOM   257  C CB  . SER A 1 35  ? 7.088   15.206  3.455   1.00 44.43  ? 33  SER A CB  1 
ATOM   258  O OG  . SER A 1 35  ? 7.965   14.370  4.201   1.00 41.08  ? 33  SER A OG  1 
ATOM   259  N N   . ASP A 1 36  ? 5.212   15.775  0.826   1.00 44.55  ? 34  ASP A N   1 
ATOM   260  C CA  . ASP A 1 36  ? 4.374   16.754  0.152   1.00 46.16  ? 34  ASP A CA  1 
ATOM   261  C C   . ASP A 1 36  ? 3.767   17.727  1.149   1.00 45.25  ? 34  ASP A C   1 
ATOM   262  O O   . ASP A 1 36  ? 3.602   18.910  0.864   1.00 50.09  ? 34  ASP A O   1 
ATOM   263  C CB  . ASP A 1 36  ? 3.257   16.036  -0.594  1.00 42.79  ? 34  ASP A CB  1 
ATOM   264  C CG  . ASP A 1 36  ? 3.791   15.071  -1.644  1.00 54.38  ? 34  ASP A CG  1 
ATOM   265  O OD1 . ASP A 1 36  ? 4.303   15.559  -2.686  1.00 62.18  ? 34  ASP A OD1 1 
ATOM   266  O OD2 . ASP A 1 36  ? 3.710   13.833  -1.420  1.00 47.94  ? 34  ASP A OD2 1 
ATOM   267  N N   . ILE A 1 37  ? 3.407   17.199  2.307   1.00 43.57  ? 35  ILE A N   1 
ATOM   268  C CA  . ILE A 1 37  ? 2.827   17.984  3.373   1.00 40.94  ? 35  ILE A CA  1 
ATOM   269  C C   . ILE A 1 37  ? 3.788   17.917  4.543   1.00 39.46  ? 35  ILE A C   1 
ATOM   270  O O   . ILE A 1 37  ? 4.021   16.865  5.130   1.00 38.26  ? 35  ILE A O   1 
ATOM   271  C CB  . ILE A 1 37  ? 1.438   17.481  3.737   1.00 46.22  ? 35  ILE A CB  1 
ATOM   272  C CG1 . ILE A 1 37  ? 0.520   17.665  2.523   1.00 47.35  ? 35  ILE A CG1 1 
ATOM   273  C CG2 . ILE A 1 37  ? 0.903   18.241  4.955   1.00 42.77  ? 35  ILE A CG2 1 
ATOM   274  C CD1 . ILE A 1 37  ? -0.725  16.818  2.554   1.00 50.42  ? 35  ILE A CD1 1 
ATOM   275  N N   . VAL A 1 38  ? 4.382   19.062  4.833   1.00 37.96  ? 36  VAL A N   1 
ATOM   276  C CA  . VAL A 1 38  ? 5.529   19.130  5.701   1.00 36.41  ? 36  VAL A CA  1 
ATOM   277  C C   . VAL A 1 38  ? 5.057   19.525  7.080   1.00 37.52  ? 36  VAL A C   1 
ATOM   278  O O   . VAL A 1 38  ? 4.478   20.583  7.268   1.00 38.59  ? 36  VAL A O   1 
ATOM   279  C CB  . VAL A 1 38  ? 6.546   20.125  5.127   1.00 46.56  ? 36  VAL A CB  1 
ATOM   280  C CG1 . VAL A 1 38  ? 7.716   20.378  6.096   1.00 37.13  ? 36  VAL A CG1 1 
ATOM   281  C CG2 . VAL A 1 38  ? 7.060   19.589  3.799   1.00 40.10  ? 36  VAL A CG2 1 
ATOM   282  N N   . LEU A 1 39  ? 5.278   18.652  8.049   1.00 40.75  ? 37  LEU A N   1 
ATOM   283  C CA  . LEU A 1 39  ? 4.857   18.945  9.409   1.00 40.40  ? 37  LEU A CA  1 
ATOM   284  C C   . LEU A 1 39  ? 6.080   19.282  10.242  1.00 36.05  ? 37  LEU A C   1 
ATOM   285  O O   . LEU A 1 39  ? 7.104   18.624  10.129  1.00 43.12  ? 37  LEU A O   1 
ATOM   286  C CB  . LEU A 1 39  ? 4.075   17.764  9.973   1.00 41.08  ? 37  LEU A CB  1 
ATOM   287  C CG  . LEU A 1 39  ? 2.828   17.481  9.123   1.00 44.56  ? 37  LEU A CG  1 
ATOM   288  C CD1 . LEU A 1 39  ? 2.208   16.136  9.450   1.00 46.80  ? 37  LEU A CD1 1 
ATOM   289  C CD2 . LEU A 1 39  ? 1.784   18.581  9.260   1.00 39.38  ? 37  LEU A CD2 1 
ATOM   290  N N   . SER A 1 40  ? 5.991   20.318  11.062  1.00 35.76  ? 38  SER A N   1 
ATOM   291  C CA  . SER A 1 40  ? 7.167   20.755  11.816  1.00 38.28  ? 38  SER A CA  1 
ATOM   292  C C   . SER A 1 40  ? 7.319   20.204  13.238  1.00 43.40  ? 38  SER A C   1 
ATOM   293  O O   . SER A 1 40  ? 8.334   20.490  13.874  1.00 41.74  ? 38  SER A O   1 
ATOM   294  C CB  . SER A 1 40  ? 7.233   22.273  11.880  1.00 37.17  ? 38  SER A CB  1 
ATOM   295  O OG  . SER A 1 40  ? 7.555   22.792  10.616  1.00 45.93  ? 38  SER A OG  1 
ATOM   296  N N   . ASP A 1 41  ? 6.343   19.446  13.751  1.00 35.65  ? 39  ASP A N   1 
ATOM   297  C CA  . ASP A 1 41  ? 6.489   18.889  15.102  1.00 37.62  ? 39  ASP A CA  1 
ATOM   298  C C   . ASP A 1 41  ? 7.644   17.899  15.166  1.00 34.98  ? 39  ASP A C   1 
ATOM   299  O O   . ASP A 1 41  ? 7.859   17.124  14.237  1.00 41.60  ? 39  ASP A O   1 
ATOM   300  C CB  . ASP A 1 41  ? 5.191   18.236  15.590  1.00 34.45  ? 39  ASP A CB  1 
ATOM   301  C CG  . ASP A 1 41  ? 4.015   19.182  15.522  1.00 41.60  ? 39  ASP A CG  1 
ATOM   302  O OD1 . ASP A 1 41  ? 3.239   19.130  14.531  1.00 46.46  ? 39  ASP A OD1 1 
ATOM   303  O OD2 . ASP A 1 41  ? 3.876   20.008  16.444  1.00 39.23  ? 39  ASP A OD2 1 
ATOM   304  N N   . SER A 1 42  ? 8.390   17.921  16.265  1.00 37.46  ? 40  SER A N   1 
ATOM   305  C CA  . SER A 1 42  ? 9.540   17.028  16.425  1.00 40.15  ? 40  SER A CA  1 
ATOM   306  C C   . SER A 1 42  ? 9.135   15.557  16.575  1.00 39.25  ? 40  SER A C   1 
ATOM   307  O O   . SER A 1 42  ? 9.914   14.656  16.271  1.00 35.87  ? 40  SER A O   1 
ATOM   308  C CB  . SER A 1 42  ? 10.363  17.446  17.629  1.00 36.52  ? 40  SER A CB  1 
ATOM   309  O OG  . SER A 1 42  ? 9.590   17.299  18.805  1.00 54.84  ? 40  SER A OG  1 
ATOM   310  N N   . GLU A 1 43  ? 7.913   15.324  17.051  1.00 39.61  ? 41  GLU A N   1 
ATOM   311  C CA  . GLU A 1 43  ? 7.380   13.970  17.147  1.00 36.75  ? 41  GLU A CA  1 
ATOM   312  C C   . GLU A 1 43  ? 7.199   13.325  15.778  1.00 38.26  ? 41  GLU A C   1 
ATOM   313  O O   . GLU A 1 43  ? 6.991   12.116  15.706  1.00 35.77  ? 41  GLU A O   1 
ATOM   314  C CB  . GLU A 1 43  ? 6.035   13.956  17.872  1.00 39.03  ? 41  GLU A CB  1 
ATOM   315  C CG  . GLU A 1 43  ? 6.077   14.345  19.352  1.00 40.64  ? 41  GLU A CG  1 
ATOM   316  C CD  . GLU A 1 43  ? 6.213   15.852  19.556  1.00 46.04  ? 41  GLU A CD  1 
ATOM   317  O OE1 . GLU A 1 43  ? 6.015   16.598  18.562  1.00 40.20  ? 41  GLU A OE1 1 
ATOM   318  O OE2 . GLU A 1 43  ? 6.516   16.280  20.704  1.00 44.48  ? 41  GLU A OE2 1 
ATOM   319  N N   . ILE A 1 44  ? 7.289   14.117  14.707  1.00 33.56  ? 42  ILE A N   1 
ATOM   320  C CA  . ILE A 1 44  ? 6.993   13.639  13.350  1.00 34.64  ? 42  ILE A CA  1 
ATOM   321  C C   . ILE A 1 44  ? 8.214   13.182  12.538  1.00 37.54  ? 42  ILE A C   1 
ATOM   322  O O   . ILE A 1 44  ? 9.129   13.959  12.266  1.00 40.51  ? 42  ILE A O   1 
ATOM   323  C CB  . ILE A 1 44  ? 6.271   14.729  12.516  1.00 36.59  ? 42  ILE A CB  1 
ATOM   324  C CG1 . ILE A 1 44  ? 4.957   15.157  13.179  1.00 36.31  ? 42  ILE A CG1 1 
ATOM   325  C CG2 . ILE A 1 44  ? 6.031   14.253  11.112  1.00 32.41  ? 42  ILE A CG2 1 
ATOM   326  C CD1 . ILE A 1 44  ? 3.917   14.051  13.291  1.00 34.59  ? 42  ILE A CD1 1 
ATOM   327  N N   . ALA A 1 45  ? 8.201   11.923  12.118  1.00 32.48  ? 43  ALA A N   1 
ATOM   328  C CA  . ALA A 1 45  ? 9.264   11.347  11.301  1.00 34.92  ? 43  ALA A CA  1 
ATOM   329  C C   . ALA A 1 45  ? 9.461   12.064  9.944   1.00 35.76  ? 43  ALA A C   1 
ATOM   330  O O   . ALA A 1 45  ? 8.507   12.638  9.390   1.00 36.01  ? 43  ALA A O   1 
ATOM   331  C CB  . ALA A 1 45  ? 8.985   9.846   11.092  1.00 34.35  ? 43  ALA A CB  1 
ATOM   332  N N   . PRO A 1 46  ? 10.699  12.026  9.406   1.00 38.30  ? 44  PRO A N   1 
ATOM   333  C CA  . PRO A 1 46  ? 11.022  12.471  8.036   1.00 40.64  ? 44  PRO A CA  1 
ATOM   334  C C   . PRO A 1 46  ? 9.937   12.042  7.042   1.00 39.20  ? 44  PRO A C   1 
ATOM   335  O O   . PRO A 1 46  ? 9.393   12.862  6.307   1.00 39.20  ? 44  PRO A O   1 
ATOM   336  C CB  . PRO A 1 46  ? 12.329  11.737  7.730   1.00 34.86  ? 44  PRO A CB  1 
ATOM   337  C CG  . PRO A 1 46  ? 12.982  11.559  9.043   1.00 36.74  ? 44  PRO A CG  1 
ATOM   338  C CD  . PRO A 1 46  ? 11.895  11.538  10.117  1.00 39.07  ? 44  PRO A CD  1 
ATOM   339  N N   . VAL A 1 47  ? 9.623   10.752  7.034   1.00 39.42  ? 45  VAL A N   1 
ATOM   340  C CA  . VAL A 1 47  ? 8.470   10.262  6.296   1.00 37.61  ? 45  VAL A CA  1 
ATOM   341  C C   . VAL A 1 47  ? 7.532   9.643   7.305   1.00 37.89  ? 45  VAL A C   1 
ATOM   342  O O   . VAL A 1 47  ? 7.882   8.666   7.952   1.00 41.08  ? 45  VAL A O   1 
ATOM   343  C CB  . VAL A 1 47  ? 8.873   9.211   5.266   1.00 42.31  ? 45  VAL A CB  1 
ATOM   344  C CG1 . VAL A 1 47  ? 7.624   8.507   4.723   1.00 36.40  ? 45  VAL A CG1 1 
ATOM   345  C CG2 . VAL A 1 47  ? 9.674   9.874   4.142   1.00 39.37  ? 45  VAL A CG2 1 
ATOM   346  N N   . HIS A 1 48  ? 6.349   10.223  7.472   1.00 38.15  ? 46  HIS A N   1 
ATOM   347  C CA  . HIS A 1 48  ? 5.492   9.828   8.585   1.00 39.59  ? 46  HIS A CA  1 
ATOM   348  C C   . HIS A 1 48  ? 4.263   9.021   8.139   1.00 40.60  ? 46  HIS A C   1 
ATOM   349  O O   . HIS A 1 48  ? 3.872   8.056   8.805   1.00 40.76  ? 46  HIS A O   1 
ATOM   350  C CB  . HIS A 1 48  ? 5.088   11.060  9.422   1.00 37.78  ? 46  HIS A CB  1 
ATOM   351  C CG  . HIS A 1 48  ? 4.582   10.724  10.794  1.00 41.62  ? 46  HIS A CG  1 
ATOM   352  N ND1 . HIS A 1 48  ? 5.412   10.641  11.893  1.00 41.22  ? 46  HIS A ND1 1 
ATOM   353  C CD2 . HIS A 1 48  ? 3.338   10.446  11.243  1.00 40.09  ? 46  HIS A CD2 1 
ATOM   354  C CE1 . HIS A 1 48  ? 4.699   10.325  12.958  1.00 32.76  ? 46  HIS A CE1 1 
ATOM   355  N NE2 . HIS A 1 48  ? 3.435   10.203  12.594  1.00 36.67  ? 46  HIS A NE2 1 
ATOM   356  N N   . LEU A 1 49  ? 3.675   9.418   7.012   1.00 39.18  ? 47  LEU A N   1 
ATOM   357  C CA  . LEU A 1 49  ? 2.425   8.840   6.513   1.00 37.80  ? 47  LEU A CA  1 
ATOM   358  C C   . LEU A 1 49  ? 2.368   9.002   4.990   1.00 40.58  ? 47  LEU A C   1 
ATOM   359  O O   . LEU A 1 49  ? 2.640   10.083  4.460   1.00 37.23  ? 47  LEU A O   1 
ATOM   360  C CB  . LEU A 1 49  ? 1.212   9.526   7.158   1.00 38.91  ? 47  LEU A CB  1 
ATOM   361  C CG  . LEU A 1 49  ? -0.188  9.161   6.646   1.00 46.41  ? 47  LEU A CG  1 
ATOM   362  C CD1 . LEU A 1 49  ? -0.512  7.676   6.898   1.00 41.53  ? 47  LEU A CD1 1 
ATOM   363  C CD2 . LEU A 1 49  ? -1.265  10.054  7.256   1.00 38.60  ? 47  LEU A CD2 1 
ATOM   364  N N   . VAL A 1 50  ? 2.052   7.912   4.295   1.00 42.16  ? 48  VAL A N   1 
ATOM   365  C CA  . VAL A 1 50  ? 1.987   7.909   2.837   1.00 41.52  ? 48  VAL A CA  1 
ATOM   366  C C   . VAL A 1 50  ? 0.616   7.406   2.430   1.00 40.39  ? 48  VAL A C   1 
ATOM   367  O O   . VAL A 1 50  ? 0.192   6.320   2.822   1.00 41.93  ? 48  VAL A O   1 
ATOM   368  C CB  . VAL A 1 50  ? 3.058   6.988   2.184   1.00 51.06  ? 48  VAL A CB  1 
ATOM   369  C CG1 . VAL A 1 50  ? 2.862   6.915   0.661   1.00 43.15  ? 48  VAL A CG1 1 
ATOM   370  C CG2 . VAL A 1 50  ? 4.477   7.450   2.522   1.00 41.03  ? 48  VAL A CG2 1 
ATOM   371  N N   . LEU A 1 51  ? -0.076  8.197   1.633   1.00 39.56  ? 49  LEU A N   1 
ATOM   372  C CA  . LEU A 1 51  ? -1.411  7.834   1.220   1.00 45.57  ? 49  LEU A CA  1 
ATOM   373  C C   . LEU A 1 51  ? -1.447  7.739   -0.283  1.00 44.36  ? 49  LEU A C   1 
ATOM   374  O O   . LEU A 1 51  ? -0.652  8.375   -0.976  1.00 45.21  ? 49  LEU A O   1 
ATOM   375  C CB  . LEU A 1 51  ? -2.420  8.879   1.696   1.00 41.59  ? 49  LEU A CB  1 
ATOM   376  C CG  . LEU A 1 51  ? -2.447  9.157   3.201   1.00 38.61  ? 49  LEU A CG  1 
ATOM   377  C CD1 . LEU A 1 51  ? -3.407  10.296  3.524   1.00 39.83  ? 49  LEU A CD1 1 
ATOM   378  C CD2 . LEU A 1 51  ? -2.794  7.917   4.007   1.00 37.01  ? 49  LEU A CD2 1 
ATOM   379  N N   . MET A 1 52  ? -2.368  6.934   -0.784  1.00 45.71  ? 50  MET A N   1 
ATOM   380  C CA  . MET A 1 52  ? -2.716  7.000   -2.196  1.00 46.14  ? 50  MET A CA  1 
ATOM   381  C C   . MET A 1 52  ? -4.042  7.743   -2.324  1.00 43.45  ? 50  MET A C   1 
ATOM   382  O O   . MET A 1 52  ? -5.037  7.390   -1.684  1.00 44.81  ? 50  MET A O   1 
ATOM   383  C CB  . MET A 1 52  ? -2.807  5.597   -2.805  1.00 50.10  ? 50  MET A CB  1 
ATOM   384  C CG  . MET A 1 52  ? -2.969  5.622   -4.301  1.00 54.08  ? 50  MET A CG  1 
ATOM   385  S SD  . MET A 1 52  ? -1.741  6.711   -5.086  1.00 73.21  ? 50  MET A SD  1 
ATOM   386  C CE  . MET A 1 52  ? -0.228  5.857   -4.608  1.00 59.37  ? 50  MET A CE  1 
ATOM   387  N N   . VAL A 1 53  ? -4.051  8.792   -3.130  1.00 45.81  ? 51  VAL A N   1 
ATOM   388  C CA  . VAL A 1 53  ? -5.227  9.645   -3.239  1.00 48.95  ? 51  VAL A CA  1 
ATOM   389  C C   . VAL A 1 53  ? -5.769  9.702   -4.661  1.00 56.23  ? 51  VAL A C   1 
ATOM   390  O O   . VAL A 1 53  ? -5.042  10.022  -5.610  1.00 55.74  ? 51  VAL A O   1 
ATOM   391  C CB  . VAL A 1 53  ? -4.938  11.095  -2.786  1.00 49.37  ? 51  VAL A CB  1 
ATOM   392  C CG1 . VAL A 1 53  ? -6.232  11.905  -2.740  1.00 50.10  ? 51  VAL A CG1 1 
ATOM   393  C CG2 . VAL A 1 53  ? -4.248  11.117  -1.440  1.00 39.30  ? 51  VAL A CG2 1 
ATOM   394  N N   . ASP A 1 54  ? -7.054  9.390   -4.796  1.00 55.42  ? 52  ASP A N   1 
ATOM   395  C CA  . ASP A 1 54  ? -7.786  9.686   -6.015  1.00 56.96  ? 52  ASP A CA  1 
ATOM   396  C C   . ASP A 1 54  ? -9.185  10.108  -5.627  1.00 59.39  ? 52  ASP A C   1 
ATOM   397  O O   . ASP A 1 54  ? -9.491  10.238  -4.441  1.00 59.72  ? 52  ASP A O   1 
ATOM   398  C CB  . ASP A 1 54  ? -7.799  8.502   -6.993  1.00 58.31  ? 52  ASP A CB  1 
ATOM   399  C CG  . ASP A 1 54  ? -8.547  7.286   -6.461  1.00 64.14  ? 52  ASP A CG  1 
ATOM   400  O OD1 . ASP A 1 54  ? -9.464  7.428   -5.625  1.00 65.88  ? 52  ASP A OD1 1 
ATOM   401  O OD2 . ASP A 1 54  ? -8.217  6.170   -6.909  1.00 71.92  ? 52  ASP A OD2 1 
ATOM   402  N N   . GLU A 1 55  ? -10.034 10.321  -6.621  1.00 62.93  ? 53  GLU A N   1 
ATOM   403  C CA  . GLU A 1 55  ? -11.354 10.872  -6.365  1.00 65.10  ? 53  GLU A CA  1 
ATOM   404  C C   . GLU A 1 55  ? -12.286 9.882   -5.667  1.00 59.65  ? 53  GLU A C   1 
ATOM   405  O O   . GLU A 1 55  ? -13.234 10.275  -4.991  1.00 55.52  ? 53  GLU A O   1 
ATOM   406  C CB  . GLU A 1 55  ? -11.963 11.384  -7.660  1.00 66.27  ? 53  GLU A CB  1 
ATOM   407  C CG  . GLU A 1 55  ? -11.221 10.927  -8.892  1.00 76.14  ? 53  GLU A CG  1 
ATOM   408  C CD  . GLU A 1 55  ? -12.009 11.204  -10.161 1.00 97.59  ? 53  GLU A CD  1 
ATOM   409  O OE1 . GLU A 1 55  ? -12.352 12.389  -10.399 1.00 99.46  ? 53  GLU A OE1 1 
ATOM   410  O OE2 . GLU A 1 55  ? -12.295 10.239  -10.918 1.00 101.41 ? 53  GLU A OE2 1 
ATOM   411  N N   . GLU A 1 56  ? -12.008 8.596   -5.814  1.00 60.89  ? 54  GLU A N   1 
ATOM   412  C CA  . GLU A 1 56  ? -12.820 7.585   -5.142  1.00 69.58  ? 54  GLU A CA  1 
ATOM   413  C C   . GLU A 1 56  ? -12.615 7.610   -3.631  1.00 65.25  ? 54  GLU A C   1 
ATOM   414  O O   . GLU A 1 56  ? -13.555 7.425   -2.858  1.00 64.07  ? 54  GLU A O   1 
ATOM   415  C CB  . GLU A 1 56  ? -12.503 6.186   -5.684  1.00 71.42  ? 54  GLU A CB  1 
ATOM   416  C CG  . GLU A 1 56  ? -12.921 5.960   -7.134  1.00 76.41  ? 54  GLU A CG  1 
ATOM   417  C CD  . GLU A 1 56  ? -12.332 4.672   -7.704  1.00 96.43  ? 54  GLU A CD  1 
ATOM   418  O OE1 . GLU A 1 56  ? -11.249 4.246   -7.232  1.00 91.17  ? 54  GLU A OE1 1 
ATOM   419  O OE2 . GLU A 1 56  ? -12.947 4.088   -8.627  1.00 100.19 ? 54  GLU A OE2 1 
ATOM   420  N N   . GLY A 1 57  ? -11.376 7.841   -3.219  1.00 57.38  ? 55  GLY A N   1 
ATOM   421  C CA  . GLY A 1 57  ? -11.030 7.781   -1.818  1.00 54.87  ? 55  GLY A CA  1 
ATOM   422  C C   . GLY A 1 57  ? -9.538  7.808   -1.576  1.00 52.30  ? 55  GLY A C   1 
ATOM   423  O O   . GLY A 1 57  ? -8.738  8.173   -2.452  1.00 49.26  ? 55  GLY A O   1 
ATOM   424  N N   . ILE A 1 58  ? -9.171  7.400   -0.370  1.00 46.71  ? 56  ILE A N   1 
ATOM   425  C CA  . ILE A 1 58  ? -7.806  7.505   0.095   1.00 41.58  ? 56  ILE A CA  1 
ATOM   426  C C   . ILE A 1 58  ? -7.398  6.207   0.764   1.00 42.75  ? 56  ILE A C   1 
ATOM   427  O O   . ILE A 1 58  ? -8.103  5.703   1.648   1.00 45.08  ? 56  ILE A O   1 
ATOM   428  C CB  . ILE A 1 58  ? -7.694  8.679   1.073   1.00 42.91  ? 56  ILE A CB  1 
ATOM   429  C CG1 . ILE A 1 58  ? -8.153  9.957   0.366   1.00 50.06  ? 56  ILE A CG1 1 
ATOM   430  C CG2 . ILE A 1 58  ? -6.262  8.844   1.582   1.00 43.14  ? 56  ILE A CG2 1 
ATOM   431  C CD1 . ILE A 1 58  ? -8.070  11.228  1.181   1.00 51.33  ? 56  ILE A CD1 1 
ATOM   432  N N   . ARG A 1 59  ? -6.266  5.652   0.354   1.00 44.52  ? 57  ARG A N   1 
ATOM   433  C CA  . ARG A 1 59  ? -5.813  4.423   0.995   1.00 48.70  ? 57  ARG A CA  1 
ATOM   434  C C   . ARG A 1 59  ? -4.469  4.549   1.665   1.00 44.40  ? 57  ARG A C   1 
ATOM   435  O O   . ARG A 1 59  ? -3.551  5.207   1.165   1.00 45.34  ? 57  ARG A O   1 
ATOM   436  C CB  . ARG A 1 59  ? -5.800  3.225   0.037   1.00 52.51  ? 57  ARG A CB  1 
ATOM   437  C CG  . ARG A 1 59  ? -5.984  3.553   -1.421  1.00 57.69  ? 57  ARG A CG  1 
ATOM   438  C CD  . ARG A 1 59  ? -5.878  2.274   -2.247  1.00 62.27  ? 57  ARG A CD  1 
ATOM   439  N NE  . ARG A 1 59  ? -6.697  1.210   -1.675  1.00 66.72  ? 57  ARG A NE  1 
ATOM   440  C CZ  . ARG A 1 59  ? -7.867  0.813   -2.170  1.00 71.58  ? 57  ARG A CZ  1 
ATOM   441  N NH1 . ARG A 1 59  ? -8.356  1.385   -3.268  1.00 57.51  ? 57  ARG A NH1 1 
ATOM   442  N NH2 . ARG A 1 59  ? -8.541  -0.166  -1.570  1.00 64.17  ? 57  ARG A NH2 1 
ATOM   443  N N   . LEU A 1 60  ? -4.370  3.891   2.809   1.00 45.35  ? 58  LEU A N   1 
ATOM   444  C CA  . LEU A 1 60  ? -3.119  3.771   3.528   1.00 48.61  ? 58  LEU A CA  1 
ATOM   445  C C   . LEU A 1 60  ? -2.070  3.110   2.624   1.00 52.26  ? 58  LEU A C   1 
ATOM   446  O O   . LEU A 1 60  ? -2.372  2.201   1.855   1.00 53.89  ? 58  LEU A O   1 
ATOM   447  C CB  . LEU A 1 60  ? -3.336  2.959   4.796   1.00 50.71  ? 58  LEU A CB  1 
ATOM   448  C CG  . LEU A 1 60  ? -2.085  2.701   5.617   1.00 54.25  ? 58  LEU A CG  1 
ATOM   449  C CD1 . LEU A 1 60  ? -1.503  4.019   6.082   1.00 44.93  ? 58  LEU A CD1 1 
ATOM   450  C CD2 . LEU A 1 60  ? -2.413  1.796   6.802   1.00 52.45  ? 58  LEU A CD2 1 
ATOM   451  N N   . THR A 1 61  ? -0.842  3.601   2.672   1.00 52.67  ? 59  THR A N   1 
ATOM   452  C CA  . THR A 1 61  ? 0.213   3.011   1.869   1.00 50.31  ? 59  THR A CA  1 
ATOM   453  C C   . THR A 1 61  ? 1.341   2.602   2.777   1.00 50.07  ? 59  THR A C   1 
ATOM   454  O O   . THR A 1 61  ? 1.913   1.533   2.628   1.00 57.12  ? 59  THR A O   1 
ATOM   455  C CB  . THR A 1 61  ? 0.747   3.993   0.828   1.00 46.90  ? 59  THR A CB  1 
ATOM   456  O OG1 . THR A 1 61  ? -0.281  4.279   -0.118  1.00 48.46  ? 59  THR A OG1 1 
ATOM   457  C CG2 . THR A 1 61  ? 1.941   3.408   0.104   1.00 43.36  ? 59  THR A CG2 1 
ATOM   458  N N   . ASP A 1 62  ? 1.636   3.455   3.744   1.00 47.91  ? 60  ASP A N   1 
ATOM   459  C CA  . ASP A 1 62  ? 2.793   3.252   4.587   1.00 51.05  ? 60  ASP A CA  1 
ATOM   460  C C   . ASP A 1 62  ? 2.699   4.270   5.708   1.00 47.80  ? 60  ASP A C   1 
ATOM   461  O O   . ASP A 1 62  ? 2.144   5.351   5.525   1.00 46.67  ? 60  ASP A O   1 
ATOM   462  C CB  . ASP A 1 62  ? 4.055   3.488   3.755   1.00 46.33  ? 60  ASP A CB  1 
ATOM   463  C CG  . ASP A 1 62  ? 5.277   2.741   4.288   1.00 52.79  ? 60  ASP A CG  1 
ATOM   464  O OD1 . ASP A 1 62  ? 5.161   1.978   5.275   1.00 47.43  ? 60  ASP A OD1 1 
ATOM   465  O OD2 . ASP A 1 62  ? 6.371   2.921   3.698   1.00 59.20  ? 60  ASP A OD2 1 
ATOM   466  N N   . SER A 1 63  ? 3.242   3.932   6.868   1.00 45.87  ? 61  SER A N   1 
ATOM   467  C CA  . SER A 1 63  ? 3.260   4.873   7.978   1.00 46.43  ? 61  SER A CA  1 
ATOM   468  C C   . SER A 1 63  ? 4.391   4.571   8.955   1.00 47.27  ? 61  SER A C   1 
ATOM   469  O O   . SER A 1 63  ? 4.757   3.414   9.154   1.00 48.20  ? 61  SER A O   1 
ATOM   470  C CB  . SER A 1 63  ? 1.912   4.858   8.693   1.00 45.63  ? 61  SER A CB  1 
ATOM   471  O OG  . SER A 1 63  ? 1.509   3.532   8.971   1.00 48.68  ? 61  SER A OG  1 
ATOM   472  N N   . ALA A 1 64  ? 4.936   5.617   9.568   1.00 45.35  ? 62  ALA A N   1 
ATOM   473  C CA  . ALA A 1 64  ? 6.072   5.463   10.472  1.00 45.80  ? 62  ALA A CA  1 
ATOM   474  C C   . ALA A 1 64  ? 5.662   4.622   11.658  1.00 47.17  ? 62  ALA A C   1 
ATOM   475  O O   . ALA A 1 64  ? 6.492   4.184   12.441  1.00 47.13  ? 62  ALA A O   1 
ATOM   476  C CB  . ALA A 1 64  ? 6.571   6.836   10.956  1.00 40.48  ? 62  ALA A CB  1 
ATOM   477  N N   . GLU A 1 65  ? 4.363   4.387   11.769  1.00 47.15  ? 63  GLU A N   1 
ATOM   478  C CA  . GLU A 1 65  ? 3.792   3.753   12.937  1.00 48.80  ? 63  GLU A CA  1 
ATOM   479  C C   . GLU A 1 65  ? 2.380   3.350   12.556  1.00 50.11  ? 63  GLU A C   1 
ATOM   480  O O   . GLU A 1 65  ? 1.808   3.879   11.590  1.00 47.24  ? 63  GLU A O   1 
ATOM   481  C CB  . GLU A 1 65  ? 3.753   4.766   14.063  1.00 57.29  ? 63  GLU A CB  1 
ATOM   482  C CG  . GLU A 1 65  ? 3.656   4.189   15.441  1.00 58.46  ? 63  GLU A CG  1 
ATOM   483  C CD  . GLU A 1 65  ? 3.298   5.249   16.440  1.00 63.68  ? 63  GLU A CD  1 
ATOM   484  O OE1 . GLU A 1 65  ? 3.741   6.407   16.234  1.00 60.15  ? 63  GLU A OE1 1 
ATOM   485  O OE2 . GLU A 1 65  ? 2.568   4.931   17.411  1.00 66.95  ? 63  GLU A OE2 1 
ATOM   486  N N   . PRO A 1 66  ? 1.799   2.403   13.292  1.00 50.10  ? 64  PRO A N   1 
ATOM   487  C CA  . PRO A 1 66  ? 0.488   1.946   12.829  1.00 49.31  ? 64  PRO A CA  1 
ATOM   488  C C   . PRO A 1 66  ? -0.518  3.084   12.782  1.00 47.00  ? 64  PRO A C   1 
ATOM   489  O O   . PRO A 1 66  ? -0.552  3.910   13.691  1.00 46.28  ? 64  PRO A O   1 
ATOM   490  C CB  . PRO A 1 66  ? 0.091   0.914   13.886  1.00 49.98  ? 64  PRO A CB  1 
ATOM   491  C CG  . PRO A 1 66  ? 1.431   0.418   14.431  1.00 48.91  ? 64  PRO A CG  1 
ATOM   492  C CD  . PRO A 1 66  ? 2.287   1.645   14.455  1.00 48.55  ? 64  PRO A CD  1 
ATOM   493  N N   . LEU A 1 67  ? -1.306  3.135   11.713  1.00 46.74  ? 65  LEU A N   1 
ATOM   494  C CA  . LEU A 1 67  ? -2.423  4.069   11.618  1.00 49.33  ? 65  LEU A CA  1 
ATOM   495  C C   . LEU A 1 67  ? -3.653  3.510   12.321  1.00 47.06  ? 65  LEU A C   1 
ATOM   496  O O   . LEU A 1 67  ? -4.144  2.444   11.961  1.00 51.83  ? 65  LEU A O   1 
ATOM   497  C CB  . LEU A 1 67  ? -2.765  4.327   10.156  1.00 45.40  ? 65  LEU A CB  1 
ATOM   498  C CG  . LEU A 1 67  ? -4.078  5.069   9.943   1.00 47.75  ? 65  LEU A CG  1 
ATOM   499  C CD1 . LEU A 1 67  ? -3.860  6.559   10.087  1.00 46.38  ? 65  LEU A CD1 1 
ATOM   500  C CD2 . LEU A 1 67  ? -4.648  4.767   8.580   1.00 50.20  ? 65  LEU A CD2 1 
ATOM   501  N N   . LEU A 1 68  ? -4.163  4.223   13.315  1.00 45.68  ? 66  LEU A N   1 
ATOM   502  C CA  . LEU A 1 68  ? -5.420  3.831   13.933  1.00 44.27  ? 66  LEU A CA  1 
ATOM   503  C C   . LEU A 1 68  ? -6.575  4.641   13.357  1.00 47.05  ? 66  LEU A C   1 
ATOM   504  O O   . LEU A 1 68  ? -6.499  5.865   13.234  1.00 47.92  ? 66  LEU A O   1 
ATOM   505  C CB  . LEU A 1 68  ? -5.356  4.007   15.442  1.00 48.57  ? 66  LEU A CB  1 
ATOM   506  C CG  . LEU A 1 68  ? -4.076  3.462   16.075  1.00 51.94  ? 66  LEU A CG  1 
ATOM   507  C CD1 . LEU A 1 68  ? -4.068  3.686   17.581  1.00 46.78  ? 66  LEU A CD1 1 
ATOM   508  C CD2 . LEU A 1 68  ? -3.924  1.997   15.760  1.00 45.49  ? 66  LEU A CD2 1 
ATOM   509  N N   . GLN A 1 69  ? -7.640  3.948   12.989  1.00 45.59  ? 67  GLN A N   1 
ATOM   510  C CA  . GLN A 1 69  ? -8.862  4.599   12.576  1.00 41.87  ? 67  GLN A CA  1 
ATOM   511  C C   . GLN A 1 69  ? -9.905  4.267   13.620  1.00 48.12  ? 67  GLN A C   1 
ATOM   512  O O   . GLN A 1 69  ? -10.167 3.101   13.898  1.00 53.20  ? 67  GLN A O   1 
ATOM   513  C CB  . GLN A 1 69  ? -9.297  4.080   11.220  1.00 44.06  ? 67  GLN A CB  1 
ATOM   514  C CG  . GLN A 1 69  ? -10.565 4.707   10.708  1.00 43.02  ? 67  GLN A CG  1 
ATOM   515  C CD  . GLN A 1 69  ? -10.848 4.289   9.297   1.00 45.42  ? 67  GLN A CD  1 
ATOM   516  O OE1 . GLN A 1 69  ? -10.636 5.044   8.360   1.00 49.85  ? 67  GLN A OE1 1 
ATOM   517  N NE2 . GLN A 1 69  ? -11.305 3.064   9.135   1.00 51.78  ? 67  GLN A NE2 1 
ATOM   518  N N   . GLU A 1 70  ? -10.486 5.292   14.224  1.00 48.13  ? 68  GLU A N   1 
ATOM   519  C CA  . GLU A 1 70  ? -11.374 5.093   15.357  1.00 49.93  ? 68  GLU A CA  1 
ATOM   520  C C   . GLU A 1 70  ? -10.790 4.158   16.417  1.00 50.56  ? 68  GLU A C   1 
ATOM   521  O O   . GLU A 1 70  ? -11.539 3.508   17.135  1.00 52.61  ? 68  GLU A O   1 
ATOM   522  C CB  . GLU A 1 70  ? -12.735 4.583   14.882  1.00 45.20  ? 68  GLU A CB  1 
ATOM   523  C CG  . GLU A 1 70  ? -13.513 5.611   14.084  1.00 46.52  ? 68  GLU A CG  1 
ATOM   524  C CD  . GLU A 1 70  ? -13.682 6.944   14.820  1.00 51.65  ? 68  GLU A CD  1 
ATOM   525  O OE1 . GLU A 1 70  ? -13.566 6.976   16.069  1.00 55.14  ? 68  GLU A OE1 1 
ATOM   526  O OE2 . GLU A 1 70  ? -13.935 7.966   14.150  1.00 46.22  ? 68  GLU A OE2 1 
ATOM   527  N N   . GLY A 1 71  ? -9.462  4.092   16.518  1.00 48.37  ? 69  GLY A N   1 
ATOM   528  C CA  . GLY A 1 71  ? -8.828  3.268   17.533  1.00 47.33  ? 69  GLY A CA  1 
ATOM   529  C C   . GLY A 1 71  ? -8.406  1.877   17.066  1.00 56.40  ? 69  GLY A C   1 
ATOM   530  O O   . GLY A 1 71  ? -7.768  1.127   17.816  1.00 53.19  ? 69  GLY A O   1 
ATOM   531  N N   . LEU A 1 72  ? -8.748  1.524   15.829  1.00 50.57  ? 70  LEU A N   1 
ATOM   532  C CA  . LEU A 1 72  ? -8.384  0.215   15.294  1.00 57.09  ? 70  LEU A CA  1 
ATOM   533  C C   . LEU A 1 72  ? -7.326  0.327   14.198  1.00 54.00  ? 70  LEU A C   1 
ATOM   534  O O   . LEU A 1 72  ? -7.434  1.169   13.313  1.00 51.42  ? 70  LEU A O   1 
ATOM   535  C CB  . LEU A 1 72  ? -9.624  -0.492  14.754  1.00 56.13  ? 70  LEU A CB  1 
ATOM   536  C CG  . LEU A 1 72  ? -10.738 -0.393  15.793  1.00 60.13  ? 70  LEU A CG  1 
ATOM   537  C CD1 . LEU A 1 72  ? -12.137 -0.661  15.208  1.00 60.02  ? 70  LEU A CD1 1 
ATOM   538  C CD2 . LEU A 1 72  ? -10.419 -1.301  16.981  1.00 55.51  ? 70  LEU A CD2 1 
ATOM   539  N N   . PRO A 1 73  ? -6.298  -0.529  14.260  1.00 54.81  ? 71  PRO A N   1 
ATOM   540  C CA  . PRO A 1 73  ? -5.236  -0.521  13.251  1.00 53.69  ? 71  PRO A CA  1 
ATOM   541  C C   . PRO A 1 73  ? -5.789  -0.791  11.862  1.00 60.24  ? 71  PRO A C   1 
ATOM   542  O O   . PRO A 1 73  ? -6.746  -1.543  11.696  1.00 58.01  ? 71  PRO A O   1 
ATOM   543  C CB  . PRO A 1 73  ? -4.334  -1.666  13.687  1.00 51.60  ? 71  PRO A CB  1 
ATOM   544  C CG  . PRO A 1 73  ? -4.542  -1.758  15.151  1.00 54.07  ? 71  PRO A CG  1 
ATOM   545  C CD  . PRO A 1 73  ? -5.997  -1.458  15.361  1.00 55.14  ? 71  PRO A CD  1 
ATOM   546  N N   . VAL A 1 74  ? -5.188  -0.152  10.870  1.00 59.96  ? 72  VAL A N   1 
ATOM   547  C CA  . VAL A 1 74  ? -5.668  -0.231  9.509   1.00 53.22  ? 72  VAL A CA  1 
ATOM   548  C C   . VAL A 1 74  ? -4.632  -0.985  8.704   1.00 53.24  ? 72  VAL A C   1 
ATOM   549  O O   . VAL A 1 74  ? -3.454  -0.632  8.732   1.00 56.74  ? 72  VAL A O   1 
ATOM   550  C CB  . VAL A 1 74  ? -5.835  1.175   8.905   1.00 47.78  ? 72  VAL A CB  1 
ATOM   551  C CG1 . VAL A 1 74  ? -6.458  1.099   7.532   1.00 49.07  ? 72  VAL A CG1 1 
ATOM   552  C CG2 . VAL A 1 74  ? -6.669  2.032   9.811   1.00 51.60  ? 72  VAL A CG2 1 
ATOM   553  N N   . PRO A 1 75  ? -5.067  -2.027  7.985   1.00 51.70  ? 73  PRO A N   1 
ATOM   554  C CA  . PRO A 1 75  ? -4.201  -2.784  7.076   1.00 56.49  ? 73  PRO A CA  1 
ATOM   555  C C   . PRO A 1 75  ? -3.727  -1.901  5.931   1.00 54.37  ? 73  PRO A C   1 
ATOM   556  O O   . PRO A 1 75  ? -4.439  -0.986  5.517   1.00 54.91  ? 73  PRO A O   1 
ATOM   557  C CB  . PRO A 1 75  ? -5.134  -3.879  6.528   1.00 52.69  ? 73  PRO A CB  1 
ATOM   558  C CG  . PRO A 1 75  ? -6.249  -3.963  7.501   1.00 52.29  ? 73  PRO A CG  1 
ATOM   559  C CD  . PRO A 1 75  ? -6.433  -2.566  8.013   1.00 52.62  ? 73  PRO A CD  1 
ATOM   560  N N   . LEU A 1 76  ? -2.549  -2.204  5.407   1.00 49.10  ? 74  LEU A N   1 
ATOM   561  C CA  . LEU A 1 76  ? -1.892  -1.358  4.421   1.00 53.14  ? 74  LEU A CA  1 
ATOM   562  C C   . LEU A 1 76  ? -2.681  -0.784  3.237   1.00 58.02  ? 74  LEU A C   1 
ATOM   563  O O   . LEU A 1 76  ? -2.571  0.404   2.976   1.00 66.34  ? 74  LEU A O   1 
ATOM   564  C CB  . LEU A 1 76  ? -0.581  -1.982  3.953   1.00 54.03  ? 74  LEU A CB  1 
ATOM   565  C CG  . LEU A 1 76  ? 0.486   -1.588  4.965   1.00 58.62  ? 74  LEU A CG  1 
ATOM   566  C CD1 . LEU A 1 76  ? 1.747   -2.402  4.779   1.00 57.53  ? 74  LEU A CD1 1 
ATOM   567  C CD2 . LEU A 1 76  ? 0.767   -0.093  4.849   1.00 52.29  ? 74  LEU A CD2 1 
ATOM   568  N N   . GLY A 1 77  ? -3.448  -1.568  2.503   1.00 50.92  ? 75  GLY A N   1 
ATOM   569  C CA  . GLY A 1 77  ? -4.076  -0.977  1.325   1.00 49.11  ? 75  GLY A CA  1 
ATOM   570  C C   . GLY A 1 77  ? -5.499  -0.508  1.531   1.00 53.31  ? 75  GLY A C   1 
ATOM   571  O O   . GLY A 1 77  ? -6.196  -0.186  0.578   1.00 60.29  ? 75  GLY A O   1 
ATOM   572  N N   . THR A 1 78  ? -5.931  -0.471  2.784   1.00 52.61  ? 76  THR A N   1 
ATOM   573  C CA  . THR A 1 78  ? -7.314  -0.183  3.126   1.00 47.54  ? 76  THR A CA  1 
ATOM   574  C C   . THR A 1 78  ? -7.760  1.201   2.684   1.00 51.52  ? 76  THR A C   1 
ATOM   575  O O   . THR A 1 78  ? -6.992  2.160   2.730   1.00 50.90  ? 76  THR A O   1 
ATOM   576  C CB  . THR A 1 78  ? -7.504  -0.214  4.634   1.00 49.57  ? 76  THR A CB  1 
ATOM   577  O OG1 . THR A 1 78  ? -6.814  -1.335  5.192   1.00 50.15  ? 76  THR A OG1 1 
ATOM   578  C CG2 . THR A 1 78  ? -8.980  -0.269  4.976   1.00 47.19  ? 76  THR A CG2 1 
ATOM   579  N N   . LEU A 1 79  ? -9.016  1.319   2.287   1.00 48.64  ? 77  LEU A N   1 
ATOM   580  C CA  . LEU A 1 79  ? -9.571  2.632   2.049   1.00 52.21  ? 77  LEU A CA  1 
ATOM   581  C C   . LEU A 1 79  ? -10.033 3.246   3.390   1.00 54.39  ? 77  LEU A C   1 
ATOM   582  O O   . LEU A 1 79  ? -10.551 2.538   4.257   1.00 49.27  ? 77  LEU A O   1 
ATOM   583  C CB  . LEU A 1 79  ? -10.698 2.558   1.025   1.00 51.16  ? 77  LEU A CB  1 
ATOM   584  C CG  . LEU A 1 79  ? -10.736 3.796   0.135   1.00 52.75  ? 77  LEU A CG  1 
ATOM   585  C CD1 . LEU A 1 79  ? -10.396 3.461   -1.296  1.00 55.11  ? 77  LEU A CD1 1 
ATOM   586  C CD2 . LEU A 1 79  ? -12.112 4.454   0.235   1.00 67.85  ? 77  LEU A CD2 1 
ATOM   587  N N   . LEU A 1 80  ? -9.807  4.545   3.578   1.00 48.61  ? 78  LEU A N   1 
ATOM   588  C CA  . LEU A 1 80  ? -10.056 5.167   4.873   1.00 43.31  ? 78  LEU A CA  1 
ATOM   589  C C   . LEU A 1 80  ? -11.411 5.852   4.926   1.00 45.09  ? 78  LEU A C   1 
ATOM   590  O O   . LEU A 1 80  ? -11.930 6.311   3.914   1.00 41.59  ? 78  LEU A O   1 
ATOM   591  C CB  . LEU A 1 80  ? -8.960  6.174   5.183   1.00 47.65  ? 78  LEU A CB  1 
ATOM   592  C CG  . LEU A 1 80  ? -7.546  5.591   5.139   1.00 52.31  ? 78  LEU A CG  1 
ATOM   593  C CD1 . LEU A 1 80  ? -6.507  6.686   5.328   1.00 43.82  ? 78  LEU A CD1 1 
ATOM   594  C CD2 . LEU A 1 80  ? -7.409  4.507   6.203   1.00 49.61  ? 78  LEU A CD2 1 
ATOM   595  N N   . ARG A 1 81  ? -11.972 5.917   6.125   1.00 44.30  ? 79  ARG A N   1 
ATOM   596  C CA  . ARG A 1 81  ? -13.264 6.534   6.342   1.00 45.83  ? 79  ARG A CA  1 
ATOM   597  C C   . ARG A 1 81  ? -13.187 8.053   6.540   1.00 42.44  ? 79  ARG A C   1 
ATOM   598  O O   . ARG A 1 81  ? -12.671 8.524   7.553   1.00 44.51  ? 79  ARG A O   1 
ATOM   599  C CB  . ARG A 1 81  ? -13.922 5.907   7.575   1.00 52.96  ? 79  ARG A CB  1 
ATOM   600  C CG  . ARG A 1 81  ? -15.161 5.108   7.260   1.00 59.68  ? 79  ARG A CG  1 
ATOM   601  C CD  . ARG A 1 81  ? -16.213 5.211   8.360   1.00 61.31  ? 79  ARG A CD  1 
ATOM   602  N NE  . ARG A 1 81  ? -15.690 4.787   9.656   1.00 72.89  ? 79  ARG A NE  1 
ATOM   603  C CZ  . ARG A 1 81  ? -15.403 3.528   9.980   1.00 71.35  ? 79  ARG A CZ  1 
ATOM   604  N NH1 . ARG A 1 81  ? -15.578 2.550   9.096   1.00 66.39  ? 79  ARG A NH1 1 
ATOM   605  N NH2 . ARG A 1 81  ? -14.928 3.252   11.192  1.00 68.37  ? 79  ARG A NH2 1 
ATOM   606  N N   . ALA A 1 82  ? -13.729 8.809   5.588   1.00 40.55  ? 80  ALA A N   1 
ATOM   607  C CA  . ALA A 1 82  ? -13.883 10.260  5.737   1.00 42.04  ? 80  ALA A CA  1 
ATOM   608  C C   . ALA A 1 82  ? -14.550 10.606  7.060   1.00 46.92  ? 80  ALA A C   1 
ATOM   609  O O   . ALA A 1 82  ? -15.501 9.947   7.459   1.00 41.35  ? 80  ALA A O   1 
ATOM   610  C CB  . ALA A 1 82  ? -14.688 10.821  4.611   1.00 38.18  ? 80  ALA A CB  1 
ATOM   611  N N   . GLY A 1 83  ? -14.051 11.644  7.731   1.00 44.04  ? 81  GLY A N   1 
ATOM   612  C CA  . GLY A 1 83  ? -14.662 12.110  8.964   1.00 34.33  ? 81  GLY A CA  1 
ATOM   613  C C   . GLY A 1 83  ? -14.269 11.362  10.223  1.00 40.85  ? 81  GLY A C   1 
ATOM   614  O O   . GLY A 1 83  ? -14.584 11.801  11.322  1.00 48.78  ? 81  GLY A O   1 
ATOM   615  N N   . SER A 1 84  ? -13.560 10.248  10.098  1.00 42.62  ? 82  SER A N   1 
ATOM   616  C CA  . SER A 1 84  ? -13.208 9.496   11.297  1.00 38.71  ? 82  SER A CA  1 
ATOM   617  C C   . SER A 1 84  ? -11.895 9.926   11.948  1.00 44.06  ? 82  SER A C   1 
ATOM   618  O O   . SER A 1 84  ? -11.024 10.530  11.320  1.00 42.17  ? 82  SER A O   1 
ATOM   619  C CB  . SER A 1 84  ? -13.151 8.005   10.998  1.00 43.71  ? 82  SER A CB  1 
ATOM   620  O OG  . SER A 1 84  ? -12.098 7.736   10.110  1.00 45.81  ? 82  SER A OG  1 
ATOM   621  N N   . CYS A 1 85  ? -11.770 9.598   13.226  1.00 40.69  ? 83  CYS A N   1 
ATOM   622  C CA  . CYS A 1 85  ? -10.571 9.885   13.974  1.00 42.46  ? 83  CYS A CA  1 
ATOM   623  C C   . CYS A 1 85  ? -9.361  9.080   13.476  1.00 44.95  ? 83  CYS A C   1 
ATOM   624  O O   . CYS A 1 85  ? -9.346  7.851   13.558  1.00 43.65  ? 83  CYS A O   1 
ATOM   625  C CB  . CYS A 1 85  ? -10.807 9.588   15.450  1.00 43.07  ? 83  CYS A CB  1 
ATOM   626  S SG  . CYS A 1 85  ? -9.321  9.818   16.454  1.00 51.50  ? 83  CYS A SG  1 
ATOM   627  N N   . LEU A 1 86  ? -8.338  9.768   12.980  1.00 40.28  ? 84  LEU A N   1 
ATOM   628  C CA  . LEU A 1 86  ? -7.176  9.070   12.430  1.00 41.10  ? 84  LEU A CA  1 
ATOM   629  C C   . LEU A 1 86  ? -5.895  9.491   13.136  1.00 44.29  ? 84  LEU A C   1 
ATOM   630  O O   . LEU A 1 86  ? -5.564  10.684  13.176  1.00 45.70  ? 84  LEU A O   1 
ATOM   631  C CB  . LEU A 1 86  ? -7.074  9.318   10.925  1.00 40.00  ? 84  LEU A CB  1 
ATOM   632  C CG  . LEU A 1 86  ? -8.289  8.840   10.119  1.00 40.06  ? 84  LEU A CG  1 
ATOM   633  C CD1 . LEU A 1 86  ? -8.390  9.534   8.758   1.00 38.62  ? 84  LEU A CD1 1 
ATOM   634  C CD2 . LEU A 1 86  ? -8.227  7.339   9.951   1.00 37.89  ? 84  LEU A CD2 1 
ATOM   635  N N   . GLU A 1 87  ? -5.181  8.529   13.710  1.00 41.51  ? 85  GLU A N   1 
ATOM   636  C CA  . GLU A 1 87  ? -3.904  8.843   14.335  1.00 43.22  ? 85  GLU A CA  1 
ATOM   637  C C   . GLU A 1 87  ? -2.727  7.982   13.878  1.00 44.98  ? 85  GLU A C   1 
ATOM   638  O O   . GLU A 1 87  ? -2.837  6.752   13.798  1.00 45.89  ? 85  GLU A O   1 
ATOM   639  C CB  . GLU A 1 87  ? -4.012  8.799   15.861  1.00 46.21  ? 85  GLU A CB  1 
ATOM   640  C CG  . GLU A 1 87  ? -5.303  8.233   16.395  1.00 47.42  ? 85  GLU A CG  1 
ATOM   641  C CD  . GLU A 1 87  ? -5.187  7.815   17.860  1.00 58.89  ? 85  GLU A CD  1 
ATOM   642  O OE1 . GLU A 1 87  ? -4.234  8.278   18.550  1.00 56.33  ? 85  GLU A OE1 1 
ATOM   643  O OE2 . GLU A 1 87  ? -6.045  7.016   18.314  1.00 54.52  ? 85  GLU A OE2 1 
ATOM   644  N N   . VAL A 1 88  ? -1.607  8.647   13.581  1.00 43.84  ? 86  VAL A N   1 
ATOM   645  C CA  . VAL A 1 88  ? -0.306  7.994   13.414  1.00 41.13  ? 86  VAL A CA  1 
ATOM   646  C C   . VAL A 1 88  ? 0.659   8.606   14.429  1.00 41.27  ? 86  VAL A C   1 
ATOM   647  O O   . VAL A 1 88  ? 1.240   9.674   14.194  1.00 39.85  ? 86  VAL A O   1 
ATOM   648  C CB  . VAL A 1 88  ? 0.261   8.206   11.994  1.00 43.04  ? 86  VAL A CB  1 
ATOM   649  C CG1 . VAL A 1 88  ? 1.461   7.314   11.761  1.00 35.42  ? 86  VAL A CG1 1 
ATOM   650  C CG2 . VAL A 1 88  ? -0.810  7.943   10.944  1.00 45.13  ? 86  VAL A CG2 1 
ATOM   651  N N   . GLY A 1 89  ? 0.834   7.927   15.557  1.00 43.14  ? 87  GLY A N   1 
ATOM   652  C CA  . GLY A 1 89  ? 1.541   8.513   16.685  1.00 38.52  ? 87  GLY A CA  1 
ATOM   653  C C   . GLY A 1 89  ? 0.947   9.875   17.028  1.00 42.23  ? 87  GLY A C   1 
ATOM   654  O O   . GLY A 1 89  ? -0.239  10.004  17.329  1.00 37.31  ? 87  GLY A O   1 
ATOM   655  N N   . PHE A 1 90  ? 1.782   10.900  16.936  1.00 39.72  ? 88  PHE A N   1 
ATOM   656  C CA  . PHE A 1 90  ? 1.411   12.274  17.244  1.00 33.39  ? 88  PHE A CA  1 
ATOM   657  C C   . PHE A 1 90  ? 0.598   12.951  16.131  1.00 39.58  ? 88  PHE A C   1 
ATOM   658  O O   . PHE A 1 90  ? 0.050   14.028  16.332  1.00 40.03  ? 88  PHE A O   1 
ATOM   659  C CB  . PHE A 1 90  ? 2.694   13.066  17.506  1.00 37.14  ? 88  PHE A CB  1 
ATOM   660  C CG  . PHE A 1 90  ? 2.470   14.451  18.018  1.00 41.36  ? 88  PHE A CG  1 
ATOM   661  C CD1 . PHE A 1 90  ? 2.551   15.538  17.167  1.00 34.06  ? 88  PHE A CD1 1 
ATOM   662  C CD2 . PHE A 1 90  ? 2.203   14.670  19.361  1.00 35.36  ? 88  PHE A CD2 1 
ATOM   663  C CE1 . PHE A 1 90  ? 2.357   16.835  17.649  1.00 36.34  ? 88  PHE A CE1 1 
ATOM   664  C CE2 . PHE A 1 90  ? 1.997   15.948  19.841  1.00 39.91  ? 88  PHE A CE2 1 
ATOM   665  C CZ  . PHE A 1 90  ? 2.078   17.034  18.985  1.00 38.14  ? 88  PHE A CZ  1 
ATOM   666  N N   . LEU A 1 91  ? 0.535   12.337  14.956  1.00 37.78  ? 89  LEU A N   1 
ATOM   667  C CA  . LEU A 1 91  ? -0.260  12.874  13.859  1.00 35.59  ? 89  LEU A CA  1 
ATOM   668  C C   . LEU A 1 91  ? -1.733  12.528  14.071  1.00 37.81  ? 89  LEU A C   1 
ATOM   669  O O   . LEU A 1 91  ? -2.128  11.378  13.952  1.00 40.10  ? 89  LEU A O   1 
ATOM   670  C CB  . LEU A 1 91  ? 0.231   12.350  12.498  1.00 36.53  ? 89  LEU A CB  1 
ATOM   671  C CG  . LEU A 1 91  ? -0.570  12.841  11.287  1.00 37.78  ? 89  LEU A CG  1 
ATOM   672  C CD1 . LEU A 1 91  ? -0.763  14.349  11.338  1.00 35.66  ? 89  LEU A CD1 1 
ATOM   673  C CD2 . LEU A 1 91  ? 0.070   12.454  9.969   1.00 29.92  ? 89  LEU A CD2 1 
ATOM   674  N N   . LEU A 1 92  ? -2.532  13.535  14.400  1.00 36.16  ? 90  LEU A N   1 
ATOM   675  C CA  . LEU A 1 92  ? -3.950  13.349  14.687  1.00 36.61  ? 90  LEU A CA  1 
ATOM   676  C C   . LEU A 1 92  ? -4.754  14.154  13.675  1.00 39.73  ? 90  LEU A C   1 
ATOM   677  O O   . LEU A 1 92  ? -4.613  15.385  13.585  1.00 38.95  ? 90  LEU A O   1 
ATOM   678  C CB  . LEU A 1 92  ? -4.260  13.822  16.092  1.00 31.81  ? 90  LEU A CB  1 
ATOM   679  C CG  . LEU A 1 92  ? -5.746  13.858  16.432  1.00 39.83  ? 90  LEU A CG  1 
ATOM   680  C CD1 . LEU A 1 92  ? -6.302  12.451  16.418  1.00 41.25  ? 90  LEU A CD1 1 
ATOM   681  C CD2 . LEU A 1 92  ? -5.951  14.503  17.806  1.00 39.13  ? 90  LEU A CD2 1 
ATOM   682  N N   . TRP A 1 93  ? -5.575  13.477  12.886  1.00 32.82  ? 91  TRP A N   1 
ATOM   683  C CA  . TRP A 1 93  ? -6.203  14.175  11.782  1.00 35.81  ? 91  TRP A CA  1 
ATOM   684  C C   . TRP A 1 93  ? -7.494  13.526  11.308  1.00 35.98  ? 91  TRP A C   1 
ATOM   685  O O   . TRP A 1 93  ? -7.835  12.410  11.700  1.00 34.15  ? 91  TRP A O   1 
ATOM   686  C CB  . TRP A 1 93  ? -5.217  14.245  10.618  1.00 30.74  ? 91  TRP A CB  1 
ATOM   687  C CG  . TRP A 1 93  ? -4.865  12.868  10.129  1.00 39.01  ? 91  TRP A CG  1 
ATOM   688  C CD1 . TRP A 1 93  ? -4.198  11.889  10.834  1.00 39.26  ? 91  TRP A CD1 1 
ATOM   689  C CD2 . TRP A 1 93  ? -5.194  12.290  8.853   1.00 34.70  ? 91  TRP A CD2 1 
ATOM   690  N NE1 . TRP A 1 93  ? -4.083  10.754  10.062  1.00 42.16  ? 91  TRP A NE1 1 
ATOM   691  C CE2 . TRP A 1 93  ? -4.680  10.975  8.847   1.00 39.01  ? 91  TRP A CE2 1 
ATOM   692  C CE3 . TRP A 1 93  ? -5.853  12.764  7.714   1.00 39.10  ? 91  TRP A CE3 1 
ATOM   693  C CZ2 . TRP A 1 93  ? -4.817  10.126  7.747   1.00 39.47  ? 91  TRP A CZ2 1 
ATOM   694  C CZ3 . TRP A 1 93  ? -5.987  11.926  6.617   1.00 36.74  ? 91  TRP A CZ3 1 
ATOM   695  C CH2 . TRP A 1 93  ? -5.469  10.616  6.643   1.00 44.59  ? 91  TRP A CH2 1 
ATOM   696  N N   . THR A 1 94  ? -8.205  14.248  10.454  1.00 33.71  ? 92  THR A N   1 
ATOM   697  C CA  . THR A 1 94  ? -9.234  13.629  9.636   1.00 38.75  ? 92  THR A CA  1 
ATOM   698  C C   . THR A 1 94  ? -9.289  14.284  8.275   1.00 40.68  ? 92  THR A C   1 
ATOM   699  O O   . THR A 1 94  ? -8.580  15.266  8.008   1.00 43.51  ? 92  THR A O   1 
ATOM   700  C CB  . THR A 1 94  ? -10.630 13.704  10.271  1.00 41.60  ? 92  THR A CB  1 
ATOM   701  O OG1 . THR A 1 94  ? -11.495 12.797  9.583   1.00 41.46  ? 92  THR A OG1 1 
ATOM   702  C CG2 . THR A 1 94  ? -11.197 15.107  10.162  1.00 38.80  ? 92  THR A CG2 1 
ATOM   703  N N   . PHE A 1 95  ? -10.138 13.742  7.413   1.00 37.91  ? 93  PHE A N   1 
ATOM   704  C CA  . PHE A 1 95  ? -10.366 14.348  6.109   1.00 39.51  ? 93  PHE A CA  1 
ATOM   705  C C   . PHE A 1 95  ? -11.828 14.218  5.719   1.00 40.81  ? 93  PHE A C   1 
ATOM   706  O O   . PHE A 1 95  ? -12.546 13.343  6.225   1.00 41.72  ? 93  PHE A O   1 
ATOM   707  C CB  . PHE A 1 95  ? -9.492  13.679  5.057   1.00 38.14  ? 93  PHE A CB  1 
ATOM   708  C CG  . PHE A 1 95  ? -9.948  12.303  4.697   1.00 40.05  ? 93  PHE A CG  1 
ATOM   709  C CD1 . PHE A 1 95  ? -9.683  11.229  5.538   1.00 37.75  ? 93  PHE A CD1 1 
ATOM   710  C CD2 . PHE A 1 95  ? -10.651 12.083  3.514   1.00 42.34  ? 93  PHE A CD2 1 
ATOM   711  C CE1 . PHE A 1 95  ? -10.111 9.949   5.218   1.00 41.89  ? 93  PHE A CE1 1 
ATOM   712  C CE2 . PHE A 1 95  ? -11.081 10.803  3.168   1.00 44.50  ? 93  PHE A CE2 1 
ATOM   713  C CZ  . PHE A 1 95  ? -10.810 9.727   4.030   1.00 46.21  ? 93  PHE A CZ  1 
ATOM   714  N N   . VAL A 1 96  ? -12.270 15.091  4.823   1.00 40.89  ? 94  VAL A N   1 
ATOM   715  C CA  . VAL A 1 96  ? -13.598 14.977  4.252   1.00 39.79  ? 94  VAL A CA  1 
ATOM   716  C C   . VAL A 1 96  ? -13.575 15.347  2.776   1.00 49.50  ? 94  VAL A C   1 
ATOM   717  O O   . VAL A 1 96  ? -12.568 15.853  2.260   1.00 45.15  ? 94  VAL A O   1 
ATOM   718  C CB  . VAL A 1 96  ? -14.621 15.874  4.978   1.00 46.99  ? 94  VAL A CB  1 
ATOM   719  C CG1 . VAL A 1 96  ? -14.721 15.495  6.453   1.00 40.60  ? 94  VAL A CG1 1 
ATOM   720  C CG2 . VAL A 1 96  ? -14.273 17.355  4.782   1.00 47.21  ? 94  VAL A CG2 1 
ATOM   721  N N   . ALA A 1 97  ? -14.697 15.095  2.105   1.00 46.90  ? 95  ALA A N   1 
ATOM   722  C CA  . ALA A 1 97  ? -14.845 15.453  0.715   1.00 47.84  ? 95  ALA A CA  1 
ATOM   723  C C   . ALA A 1 97  ? -14.820 16.960  0.648   1.00 46.63  ? 95  ALA A C   1 
ATOM   724  O O   . ALA A 1 97  ? -15.246 17.622  1.586   1.00 50.14  ? 95  ALA A O   1 
ATOM   725  C CB  . ALA A 1 97  ? -16.144 14.912  0.173   1.00 50.33  ? 95  ALA A CB  1 
ATOM   726  N N   . VAL A 1 98  ? -14.307 17.492  -0.455  1.00 49.62  ? 96  VAL A N   1 
ATOM   727  C CA  . VAL A 1 98  ? -14.013 18.917  -0.576  1.00 52.66  ? 96  VAL A CA  1 
ATOM   728  C C   . VAL A 1 98  ? -15.148 19.854  -0.167  1.00 62.40  ? 96  VAL A C   1 
ATOM   729  O O   . VAL A 1 98  ? -14.908 20.908  0.428   1.00 67.94  ? 96  VAL A O   1 
ATOM   730  C CB  . VAL A 1 98  ? -13.539 19.291  -1.990  1.00 58.02  ? 96  VAL A CB  1 
ATOM   731  C CG1 . VAL A 1 98  ? -14.070 20.646  -2.359  1.00 59.17  ? 96  VAL A CG1 1 
ATOM   732  C CG2 . VAL A 1 98  ? -12.025 19.318  -2.042  1.00 60.01  ? 96  VAL A CG2 1 
ATOM   733  N N   . GLY A 1 99  ? -16.382 19.489  -0.478  1.00 57.29  ? 97  GLY A N   1 
ATOM   734  C CA  . GLY A 1 99  ? -17.493 20.344  -0.105  1.00 63.76  ? 97  GLY A CA  1 
ATOM   735  C C   . GLY A 1 99  ? -17.947 20.273  1.343   1.00 66.73  ? 97  GLY A C   1 
ATOM   736  O O   . GLY A 1 99  ? -18.814 21.036  1.746   1.00 67.10  ? 97  GLY A O   1 
ATOM   737  N N   . GLN A 1 100 ? -17.375 19.373  2.136   1.00 59.57  ? 98  GLN A N   1 
ATOM   738  C CA  . GLN A 1 100 ? -17.877 19.150  3.491   1.00 61.25  ? 98  GLN A CA  1 
ATOM   739  C C   . GLN A 1 100 ? -17.179 19.952  4.590   1.00 61.32  ? 98  GLN A C   1 
ATOM   740  O O   . GLN A 1 100 ? -16.056 20.417  4.419   1.00 65.52  ? 98  GLN A O   1 
ATOM   741  C CB  . GLN A 1 100 ? -17.856 17.660  3.835   1.00 63.20  ? 98  GLN A CB  1 
ATOM   742  C CG  . GLN A 1 100 ? -18.751 16.813  2.952   1.00 67.40  ? 98  GLN A CG  1 
ATOM   743  C CD  . GLN A 1 100 ? -20.169 17.365  2.866   1.00 77.23  ? 98  GLN A CD  1 
ATOM   744  O OE1 . GLN A 1 100 ? -21.089 16.854  3.512   1.00 78.19  ? 98  GLN A OE1 1 
ATOM   745  N NE2 . GLN A 1 100 ? -20.349 18.414  2.066   1.00 69.36  ? 98  GLN A NE2 1 
ATOM   746  N N   . PRO A 1 101 ? -17.863 20.123  5.727   1.00 65.76  ? 99  PRO A N   1 
ATOM   747  C CA  . PRO A 1 101 ? -17.320 20.795  6.916   1.00 70.18  ? 99  PRO A CA  1 
ATOM   748  C C   . PRO A 1 101 ? -16.490 19.867  7.828   1.00 65.36  ? 99  PRO A C   1 
ATOM   749  O O   . PRO A 1 101 ? -16.952 18.800  8.258   1.00 61.51  ? 99  PRO A O   1 
ATOM   750  C CB  . PRO A 1 101 ? -18.587 21.255  7.649   1.00 65.32  ? 99  PRO A CB  1 
ATOM   751  C CG  . PRO A 1 101 ? -19.578 20.189  7.315   1.00 63.73  ? 99  PRO A CG  1 
ATOM   752  C CD  . PRO A 1 101 ? -19.306 19.852  5.869   1.00 66.22  ? 99  PRO A CD  1 
ATOM   753  N N   . LEU A 1 102 ? -15.267 20.291  8.117   1.00 59.50  ? 100 LEU A N   1 
ATOM   754  C CA  . LEU A 1 102 ? -14.384 19.540  8.993   1.00 56.65  ? 100 LEU A CA  1 
ATOM   755  C C   . LEU A 1 102 ? -14.771 19.757  10.453  1.00 54.74  ? 100 LEU A C   1 
ATOM   756  O O   . LEU A 1 102 ? -15.058 20.880  10.854  1.00 58.59  ? 100 LEU A O   1 
ATOM   757  C CB  . LEU A 1 102 ? -12.929 19.955  8.736   1.00 50.63  ? 100 LEU A CB  1 
ATOM   758  C CG  . LEU A 1 102 ? -12.373 19.476  7.388   1.00 49.23  ? 100 LEU A CG  1 
ATOM   759  C CD1 . LEU A 1 102 ? -11.308 20.387  6.873   1.00 43.49  ? 100 LEU A CD1 1 
ATOM   760  C CD2 . LEU A 1 102 ? -11.859 18.016  7.430   1.00 45.10  ? 100 LEU A CD2 1 
ATOM   761  N N   . PRO A 1 103 ? -14.788 18.675  11.246  1.00 50.54  ? 101 PRO A N   1 
ATOM   762  C CA  . PRO A 1 103 ? -15.029 18.717  12.702  1.00 48.99  ? 101 PRO A CA  1 
ATOM   763  C C   . PRO A 1 103 ? -14.091 19.712  13.391  1.00 54.12  ? 101 PRO A C   1 
ATOM   764  O O   . PRO A 1 103 ? -12.926 19.823  13.025  1.00 52.17  ? 101 PRO A O   1 
ATOM   765  C CB  . PRO A 1 103 ? -14.665 17.302  13.174  1.00 48.24  ? 101 PRO A CB  1 
ATOM   766  C CG  . PRO A 1 103 ? -14.627 16.455  11.944  1.00 52.53  ? 101 PRO A CG  1 
ATOM   767  C CD  . PRO A 1 103 ? -14.364 17.348  10.766  1.00 48.49  ? 101 PRO A CD  1 
ATOM   768  N N   . GLU A 1 104 ? -14.583 20.414  14.398  1.00 53.27  ? 102 GLU A N   1 
ATOM   769  C CA  . GLU A 1 104 ? -13.748 21.343  15.140  1.00 61.56  ? 102 GLU A CA  1 
ATOM   770  C C   . GLU A 1 104 ? -12.903 20.604  16.185  1.00 58.90  ? 102 GLU A C   1 
ATOM   771  O O   . GLU A 1 104 ? -11.819 21.072  16.559  1.00 53.44  ? 102 GLU A O   1 
ATOM   772  C CB  . GLU A 1 104 ? -14.602 22.452  15.772  1.00 72.58  ? 102 GLU A CB  1 
ATOM   773  C CG  . GLU A 1 104 ? -15.260 23.377  14.731  1.00 83.69  ? 102 GLU A CG  1 
ATOM   774  C CD  . GLU A 1 104 ? -16.115 24.484  15.352  1.00 95.16  ? 102 GLU A CD  1 
ATOM   775  O OE1 . GLU A 1 104 ? -16.300 24.470  16.593  1.00 93.88  ? 102 GLU A OE1 1 
ATOM   776  O OE2 . GLU A 1 104 ? -16.602 25.362  14.598  1.00 91.42  ? 102 GLU A OE2 1 
ATOM   777  N N   . THR A 1 105 ? -13.404 19.447  16.621  1.00 51.59  ? 103 THR A N   1 
ATOM   778  C CA  . THR A 1 105 ? -12.770 18.616  17.642  1.00 49.99  ? 103 THR A CA  1 
ATOM   779  C C   . THR A 1 105 ? -12.720 17.155  17.163  1.00 47.75  ? 103 THR A C   1 
ATOM   780  O O   . THR A 1 105 ? -13.580 16.737  16.407  1.00 54.92  ? 103 THR A O   1 
ATOM   781  C CB  . THR A 1 105 ? -13.618 18.651  18.928  1.00 57.38  ? 103 THR A CB  1 
ATOM   782  O OG1 . THR A 1 105 ? -13.813 20.009  19.357  1.00 67.12  ? 103 THR A OG1 1 
ATOM   783  C CG2 . THR A 1 105 ? -12.983 17.830  20.060  1.00 44.61  ? 103 THR A CG2 1 
ATOM   784  N N   . LEU A 1 106 ? -11.732 16.381  17.610  1.00 48.85  ? 104 LEU A N   1 
ATOM   785  C CA  . LEU A 1 106 ? -11.769 14.933  17.471  1.00 39.43  ? 104 LEU A CA  1 
ATOM   786  C C   . LEU A 1 106 ? -11.823 14.305  18.836  1.00 47.57  ? 104 LEU A C   1 
ATOM   787  O O   . LEU A 1 106 ? -11.247 14.828  19.789  1.00 49.36  ? 104 LEU A O   1 
ATOM   788  C CB  . LEU A 1 106 ? -10.557 14.387  16.732  1.00 42.71  ? 104 LEU A CB  1 
ATOM   789  C CG  . LEU A 1 106 ? -10.584 14.525  15.212  1.00 45.31  ? 104 LEU A CG  1 
ATOM   790  C CD1 . LEU A 1 106 ? -9.340  13.922  14.590  1.00 43.65  ? 104 LEU A CD1 1 
ATOM   791  C CD2 . LEU A 1 106 ? -11.822 13.842  14.695  1.00 43.14  ? 104 LEU A CD2 1 
ATOM   792  N N   . GLN A 1 107 ? -12.537 13.190  18.940  1.00 47.96  ? 105 GLN A N   1 
ATOM   793  C CA  . GLN A 1 107 ? -12.560 12.400  20.157  1.00 41.67  ? 105 GLN A CA  1 
ATOM   794  C C   . GLN A 1 107 ? -11.749 11.156  19.905  1.00 46.98  ? 105 GLN A C   1 
ATOM   795  O O   . GLN A 1 107 ? -12.093 10.351  19.041  1.00 51.23  ? 105 GLN A O   1 
ATOM   796  C CB  . GLN A 1 107 ? -13.981 11.987  20.491  1.00 46.05  ? 105 GLN A CB  1 
ATOM   797  C CG  . GLN A 1 107 ? -14.767 12.978  21.273  1.00 54.04  ? 105 GLN A CG  1 
ATOM   798  C CD  . GLN A 1 107 ? -15.741 12.289  22.214  1.00 62.20  ? 105 GLN A CD  1 
ATOM   799  O OE1 . GLN A 1 107 ? -15.825 11.054  22.247  1.00 57.25  ? 105 GLN A OE1 1 
ATOM   800  N NE2 . GLN A 1 107 ? -16.479 13.084  22.995  1.00 61.36  ? 105 GLN A NE2 1 
ATOM   801  N N   . VAL A 1 108 ? -10.682 10.994  20.675  1.00 47.50  ? 106 VAL A N   1 
ATOM   802  C CA  . VAL A 1 108 ? -9.798  9.858   20.526  1.00 49.03  ? 106 VAL A CA  1 
ATOM   803  C C   . VAL A 1 108 ? -10.258 8.710   21.426  1.00 50.97  ? 106 VAL A C   1 
ATOM   804  O O   . VAL A 1 108 ? -10.420 8.876   22.632  1.00 50.51  ? 106 VAL A O   1 
ATOM   805  C CB  . VAL A 1 108 ? -8.338  10.220  20.875  1.00 51.72  ? 106 VAL A CB  1 
ATOM   806  C CG1 . VAL A 1 108 ? -7.455  8.990   20.735  1.00 47.49  ? 106 VAL A CG1 1 
ATOM   807  C CG2 . VAL A 1 108 ? -7.842  11.351  19.985  1.00 42.88  ? 106 VAL A CG2 1 
ATOM   808  N N   . PRO A 1 109 ? -10.468 7.537   20.829  1.00 48.14  ? 107 PRO A N   1 
ATOM   809  C CA  . PRO A 1 109 ? -11.039 6.343   21.467  1.00 54.84  ? 107 PRO A CA  1 
ATOM   810  C C   . PRO A 1 109 ? -10.045 5.388   22.122  1.00 57.25  ? 107 PRO A C   1 
ATOM   811  O O   . PRO A 1 109 ? -10.165 4.193   21.879  1.00 70.44  ? 107 PRO A O   1 
ATOM   812  C CB  . PRO A 1 109 ? -11.710 5.610   20.296  1.00 53.70  ? 107 PRO A CB  1 
ATOM   813  C CG  . PRO A 1 109 ? -11.521 6.495   19.071  1.00 57.39  ? 107 PRO A CG  1 
ATOM   814  C CD  . PRO A 1 109 ? -10.383 7.397   19.368  1.00 53.07  ? 107 PRO A CD  1 
ATOM   815  N N   . THR A 1 110 ? -9.124  5.867   22.953  1.00 59.75  ? 108 THR A N   1 
ATOM   816  C CA  . THR A 1 110 ? -8.117  4.978   23.566  1.00 70.40  ? 108 THR A CA  1 
ATOM   817  C C   . THR A 1 110 ? -8.665  3.637   24.117  1.00 71.42  ? 108 THR A C   1 
ATOM   818  O O   . THR A 1 110 ? -9.722  3.576   24.755  1.00 69.75  ? 108 THR A O   1 
ATOM   819  C CB  . THR A 1 110 ? -7.242  5.694   24.656  1.00 69.00  ? 108 THR A CB  1 
ATOM   820  O OG1 . THR A 1 110 ? -8.064  6.165   25.732  1.00 62.10  ? 108 THR A OG1 1 
ATOM   821  C CG2 . THR A 1 110 ? -6.445  6.869   24.051  1.00 62.97  ? 108 THR A CG2 1 
ATOM   822  N N   . VAL B 1 3   ? -7.440  -9.595  -16.677 1.00 71.95  ? 1   VAL B N   1 
ATOM   823  C CA  . VAL B 1 3   ? -7.736  -8.606  -17.709 1.00 67.51  ? 1   VAL B CA  1 
ATOM   824  C C   . VAL B 1 3   ? -6.496  -7.968  -18.360 1.00 61.93  ? 1   VAL B C   1 
ATOM   825  O O   . VAL B 1 3   ? -6.367  -7.980  -19.581 1.00 68.66  ? 1   VAL B O   1 
ATOM   826  C CB  . VAL B 1 3   ? -8.728  -7.514  -17.211 1.00 69.72  ? 1   VAL B CB  1 
ATOM   827  C CG1 . VAL B 1 3   ? -10.237 -7.926  -17.534 1.00 71.40  ? 1   VAL B CG1 1 
ATOM   828  C CG2 . VAL B 1 3   ? -8.603  -7.246  -15.699 1.00 64.13  ? 1   VAL B CG2 1 
ATOM   829  N N   . SER B 1 4   ? -5.575  -7.440  -17.561 1.00 63.35  ? 2   SER B N   1 
ATOM   830  C CA  . SER B 1 4   ? -4.385  -6.767  -18.117 1.00 62.13  ? 2   SER B CA  1 
ATOM   831  C C   . SER B 1 4   ? -3.046  -7.501  -17.930 1.00 55.85  ? 2   SER B C   1 
ATOM   832  O O   . SER B 1 4   ? -2.123  -7.361  -18.742 1.00 56.94  ? 2   SER B O   1 
ATOM   833  C CB  . SER B 1 4   ? -4.231  -5.355  -17.525 1.00 61.85  ? 2   SER B CB  1 
ATOM   834  O OG  . SER B 1 4   ? -5.444  -4.620  -17.564 1.00 63.64  ? 2   SER B OG  1 
ATOM   835  N N   . TRP B 1 5   ? -2.917  -8.244  -16.843 1.00 55.95  ? 3   TRP B N   1 
ATOM   836  C CA  . TRP B 1 5   ? -1.616  -8.771  -16.464 1.00 51.75  ? 3   TRP B CA  1 
ATOM   837  C C   . TRP B 1 5   ? -1.752  -10.209 -16.070 1.00 46.11  ? 3   TRP B C   1 
ATOM   838  O O   . TRP B 1 5   ? -2.634  -10.576 -15.300 1.00 48.87  ? 3   TRP B O   1 
ATOM   839  C CB  . TRP B 1 5   ? -1.046  -8.007  -15.273 1.00 43.58  ? 3   TRP B CB  1 
ATOM   840  C CG  . TRP B 1 5   ? -1.057  -6.536  -15.426 1.00 51.27  ? 3   TRP B CG  1 
ATOM   841  C CD1 . TRP B 1 5   ? -1.947  -5.654  -14.876 1.00 52.06  ? 3   TRP B CD1 1 
ATOM   842  C CD2 . TRP B 1 5   ? -0.119  -5.749  -16.169 1.00 52.37  ? 3   TRP B CD2 1 
ATOM   843  N NE1 . TRP B 1 5   ? -1.623  -4.367  -15.239 1.00 54.10  ? 3   TRP B NE1 1 
ATOM   844  C CE2 . TRP B 1 5   ? -0.503  -4.397  -16.032 1.00 52.60  ? 3   TRP B CE2 1 
ATOM   845  C CE3 . TRP B 1 5   ? 1.011   -6.059  -16.939 1.00 51.70  ? 3   TRP B CE3 1 
ATOM   846  C CZ2 . TRP B 1 5   ? 0.201   -3.351  -16.633 1.00 51.72  ? 3   TRP B CZ2 1 
ATOM   847  C CZ3 . TRP B 1 5   ? 1.710   -5.016  -17.542 1.00 55.47  ? 3   TRP B CZ3 1 
ATOM   848  C CH2 . TRP B 1 5   ? 1.301   -3.677  -17.380 1.00 52.49  ? 3   TRP B CH2 1 
ATOM   849  N N   . VAL B 1 6   ? -0.864  -11.029 -16.586 1.00 44.96  ? 4   VAL B N   1 
ATOM   850  C CA  . VAL B 1 6   ? -0.855  -12.412 -16.188 1.00 49.61  ? 4   VAL B CA  1 
ATOM   851  C C   . VAL B 1 6   ? 0.470   -12.664 -15.487 1.00 46.71  ? 4   VAL B C   1 
ATOM   852  O O   . VAL B 1 6   ? 1.499   -12.135 -15.894 1.00 46.80  ? 4   VAL B O   1 
ATOM   853  C CB  . VAL B 1 6   ? -1.047  -13.329 -17.411 1.00 53.14  ? 4   VAL B CB  1 
ATOM   854  C CG1 . VAL B 1 6   ? 0.046   -13.071 -18.428 1.00 53.81  ? 4   VAL B CG1 1 
ATOM   855  C CG2 . VAL B 1 6   ? -1.082  -14.798 -16.978 1.00 51.84  ? 4   VAL B CG2 1 
ATOM   856  N N   . CYS B 1 7   ? 0.447   -13.433 -14.402 1.00 48.85  ? 5   CYS B N   1 
ATOM   857  C CA  . CYS B 1 7   ? 1.699   -13.758 -13.721 1.00 47.01  ? 5   CYS B CA  1 
ATOM   858  C C   . CYS B 1 7   ? 2.051   -15.233 -13.862 1.00 43.96  ? 5   CYS B C   1 
ATOM   859  O O   . CYS B 1 7   ? 1.220   -16.035 -14.290 1.00 42.48  ? 5   CYS B O   1 
ATOM   860  C CB  . CYS B 1 7   ? 1.661   -13.369 -12.245 1.00 45.00  ? 5   CYS B CB  1 
ATOM   861  S SG  . CYS B 1 7   ? 0.683   -14.465 -11.246 1.00 58.55  ? 5   CYS B SG  1 
ATOM   862  N N   . ARG B 1 8   ? 3.299   -15.564 -13.527 1.00 41.75  ? 6   ARG B N   1 
ATOM   863  C CA  . ARG B 1 8   ? 3.762   -16.944 -13.505 1.00 42.62  ? 6   ARG B CA  1 
ATOM   864  C C   . ARG B 1 8   ? 4.623   -17.246 -12.275 1.00 40.39  ? 6   ARG B C   1 
ATOM   865  O O   . ARG B 1 8   ? 5.365   -16.394 -11.797 1.00 38.53  ? 6   ARG B O   1 
ATOM   866  C CB  . ARG B 1 8   ? 4.536   -17.261 -14.772 1.00 45.26  ? 6   ARG B CB  1 
ATOM   867  C CG  . ARG B 1 8   ? 4.881   -18.733 -14.922 1.00 45.25  ? 6   ARG B CG  1 
ATOM   868  C CD  . ARG B 1 8   ? 5.400   -18.968 -16.299 1.00 43.75  ? 6   ARG B CD  1 
ATOM   869  N NE  . ARG B 1 8   ? 5.902   -20.314 -16.482 1.00 49.16  ? 6   ARG B NE  1 
ATOM   870  C CZ  . ARG B 1 8   ? 5.760   -20.999 -17.610 1.00 55.47  ? 6   ARG B CZ  1 
ATOM   871  N NH2 . ARG B 1 8   ? 6.250   -22.222 -17.701 1.00 54.43  ? 6   ARG B NH2 1 
ATOM   872  N N   . PHE B 1 9   ? 4.486   -18.459 -11.755 1.00 40.53  ? 7   PHE B N   1 
ATOM   873  C CA  . PHE B 1 9   ? 5.208   -18.895 -10.568 1.00 40.19  ? 7   PHE B CA  1 
ATOM   874  C C   . PHE B 1 9   ? 6.340   -19.830 -10.996 1.00 41.31  ? 7   PHE B C   1 
ATOM   875  O O   . PHE B 1 9   ? 6.223   -20.515 -12.015 1.00 38.88  ? 7   PHE B O   1 
ATOM   876  C CB  . PHE B 1 9   ? 4.251   -19.618 -9.626  1.00 37.14  ? 7   PHE B CB  1 
ATOM   877  C CG  . PHE B 1 9   ? 3.030   -18.818 -9.277  1.00 44.17  ? 7   PHE B CG  1 
ATOM   878  C CD1 . PHE B 1 9   ? 3.138   -17.681 -8.486  1.00 39.95  ? 7   PHE B CD1 1 
ATOM   879  C CD2 . PHE B 1 9   ? 1.774   -19.202 -9.747  1.00 44.73  ? 7   PHE B CD2 1 
ATOM   880  C CE1 . PHE B 1 9   ? 2.027   -16.921 -8.156  1.00 42.83  ? 7   PHE B CE1 1 
ATOM   881  C CZ  . PHE B 1 9   ? 0.756   -17.273 -8.616  1.00 42.09  ? 7   PHE B CZ  1 
ATOM   882  N N   . TYR B 1 10  ? 7.434   -19.862 -10.241 1.00 36.81  ? 8   TYR B N   1 
ATOM   883  C CA  . TYR B 1 10  ? 8.605   -20.615 -10.704 1.00 41.49  ? 8   TYR B CA  1 
ATOM   884  C C   . TYR B 1 10  ? 9.123   -21.665 -9.737  1.00 43.26  ? 8   TYR B C   1 
ATOM   885  O O   . TYR B 1 10  ? 10.114  -22.354 -10.014 1.00 41.59  ? 8   TYR B O   1 
ATOM   886  C CB  . TYR B 1 10  ? 9.727   -19.658 -11.122 1.00 32.65  ? 8   TYR B CB  1 
ATOM   887  C CG  . TYR B 1 10  ? 9.344   -18.892 -12.360 1.00 42.77  ? 8   TYR B CG  1 
ATOM   888  C CD1 . TYR B 1 10  ? 9.743   -19.327 -13.619 1.00 43.29  ? 8   TYR B CD1 1 
ATOM   889  C CD2 . TYR B 1 10  ? 8.525   -17.765 -12.284 1.00 42.94  ? 8   TYR B CD2 1 
ATOM   890  C CE1 . TYR B 1 10  ? 9.371   -18.644 -14.765 1.00 46.41  ? 8   TYR B CE1 1 
ATOM   891  C CE2 . TYR B 1 10  ? 8.141   -17.078 -13.432 1.00 41.48  ? 8   TYR B CE2 1 
ATOM   892  C CZ  . TYR B 1 10  ? 8.572   -17.527 -14.668 1.00 44.27  ? 8   TYR B CZ  1 
ATOM   893  O OH  . TYR B 1 10  ? 8.219   -16.869 -15.822 1.00 47.42  ? 8   TYR B OH  1 
ATOM   894  N N   . GLN B 1 11  ? 8.423   -21.823 -8.623  1.00 41.64  ? 9   GLN B N   1 
ATOM   895  C CA  . GLN B 1 11  ? 8.970   -22.575 -7.508  1.00 45.01  ? 9   GLN B CA  1 
ATOM   896  C C   . GLN B 1 11  ? 7.891   -23.339 -6.712  1.00 37.66  ? 9   GLN B C   1 
ATOM   897  O O   . GLN B 1 11  ? 6.784   -22.837 -6.506  1.00 43.13  ? 9   GLN B O   1 
ATOM   898  C CB  . GLN B 1 11  ? 9.689   -21.558 -6.631  1.00 43.20  ? 9   GLN B CB  1 
ATOM   899  C CG  . GLN B 1 11  ? 10.563  -22.069 -5.584  1.00 38.61  ? 9   GLN B CG  1 
ATOM   900  C CD  . GLN B 1 11  ? 11.629  -21.043 -5.241  1.00 47.24  ? 9   GLN B CD  1 
ATOM   901  O OE1 . GLN B 1 11  ? 11.433  -20.176 -4.384  1.00 41.85  ? 9   GLN B OE1 1 
ATOM   902  N NE2 . GLN B 1 11  ? 12.769  -21.130 -5.924  1.00 45.37  ? 9   GLN B NE2 1 
ATOM   903  N N   . GLY B 1 12  ? 8.213   -24.551 -6.271  1.00 37.56  ? 10  GLY B N   1 
ATOM   904  C CA  . GLY B 1 12  ? 7.315   -25.314 -5.416  1.00 37.24  ? 10  GLY B CA  1 
ATOM   905  C C   . GLY B 1 12  ? 6.149   -25.915 -6.184  1.00 39.50  ? 10  GLY B C   1 
ATOM   906  O O   . GLY B 1 12  ? 6.256   -26.186 -7.384  1.00 35.67  ? 10  GLY B O   1 
ATOM   907  N N   . LYS B 1 13  ? 5.014   -26.100 -5.524  1.00 35.36  ? 11  LYS B N   1 
ATOM   908  C CA  . LYS B 1 13  ? 3.968   -26.883 -6.161  1.00 44.55  ? 11  LYS B CA  1 
ATOM   909  C C   . LYS B 1 13  ? 3.198   -26.177 -7.275  1.00 41.59  ? 11  LYS B C   1 
ATOM   910  O O   . LYS B 1 13  ? 2.444   -26.819 -8.010  1.00 44.41  ? 11  LYS B O   1 
ATOM   911  C CB  . LYS B 1 13  ? 3.022   -27.478 -5.131  1.00 42.88  ? 11  LYS B CB  1 
ATOM   912  C CG  . LYS B 1 13  ? 2.427   -26.466 -4.250  1.00 46.55  ? 11  LYS B CG  1 
ATOM   913  C CD  . LYS B 1 13  ? 1.824   -27.177 -3.065  1.00 49.79  ? 11  LYS B CD  1 
ATOM   914  C CE  . LYS B 1 13  ? 2.797   -28.191 -2.505  1.00 38.76  ? 11  LYS B CE  1 
ATOM   915  N NZ  . LYS B 1 13  ? 2.252   -28.599 -1.172  1.00 41.75  ? 11  LYS B NZ  1 
ATOM   916  N N   . HIS B 1 14  ? 3.405   -24.881 -7.434  1.00 34.24  ? 12  HIS B N   1 
ATOM   917  C CA  . HIS B 1 14  ? 2.700   -24.160 -8.484  1.00 38.09  ? 12  HIS B CA  1 
ATOM   918  C C   . HIS B 1 14  ? 3.651   -23.721 -9.586  1.00 39.24  ? 12  HIS B C   1 
ATOM   919  O O   . HIS B 1 14  ? 3.300   -22.906 -10.436 1.00 38.89  ? 12  HIS B O   1 
ATOM   920  C CB  . HIS B 1 14  ? 1.926   -22.966 -7.924  1.00 33.93  ? 12  HIS B CB  1 
ATOM   921  C CG  . HIS B 1 14  ? 0.954   -23.337 -6.850  1.00 40.17  ? 12  HIS B CG  1 
ATOM   922  N ND1 . HIS B 1 14  ? -0.305  -23.834 -7.122  1.00 42.60  ? 12  HIS B ND1 1 
ATOM   923  C CD2 . HIS B 1 14  ? 1.052   -23.283 -5.498  1.00 42.78  ? 12  HIS B CD2 1 
ATOM   924  C CE1 . HIS B 1 14  ? -0.942  -24.065 -5.986  1.00 46.08  ? 12  HIS B CE1 1 
ATOM   925  N NE2 . HIS B 1 14  ? -0.139  -23.743 -4.985  1.00 46.42  ? 12  HIS B NE2 1 
ATOM   926  N N   . ARG B 1 15  ? 4.860   -24.266 -9.581  1.00 40.41  ? 13  ARG B N   1 
ATOM   927  C CA  . ARG B 1 15  ? 5.791   -23.955 -10.651 1.00 39.76  ? 13  ARG B CA  1 
ATOM   928  C C   . ARG B 1 15  ? 5.112   -24.183 -11.992 1.00 39.82  ? 13  ARG B C   1 
ATOM   929  O O   . ARG B 1 15  ? 4.384   -25.159 -12.168 1.00 41.91  ? 13  ARG B O   1 
ATOM   930  C CB  . ARG B 1 15  ? 7.060   -24.806 -10.576 1.00 40.81  ? 13  ARG B CB  1 
ATOM   931  C CG  . ARG B 1 15  ? 7.991   -24.478 -11.736 1.00 41.51  ? 13  ARG B CG  1 
ATOM   932  C CD  . ARG B 1 15  ? 9.249   -25.324 -11.798 1.00 47.56  ? 13  ARG B CD  1 
ATOM   933  N NE  . ARG B 1 15  ? 9.927   -25.138 -13.090 1.00 51.58  ? 13  ARG B NE  1 
ATOM   934  C CZ  . ARG B 1 15  ? 10.707  -24.091 -13.397 1.00 61.20  ? 13  ARG B CZ  1 
ATOM   935  N NH1 . ARG B 1 15  ? 10.935  -23.109 -12.504 1.00 49.74  ? 13  ARG B NH1 1 
ATOM   936  N NH2 . ARG B 1 15  ? 11.273  -24.028 -14.603 1.00 58.94  ? 13  ARG B NH2 1 
ATOM   937  N N   . GLY B 1 16  ? 5.329   -23.261 -12.920 1.00 41.10  ? 14  GLY B N   1 
ATOM   938  C CA  . GLY B 1 16  ? 4.860   -23.397 -14.278 1.00 40.74  ? 14  GLY B CA  1 
ATOM   939  C C   . GLY B 1 16  ? 3.468   -22.861 -14.511 1.00 40.13  ? 14  GLY B C   1 
ATOM   940  O O   . GLY B 1 16  ? 3.066   -22.627 -15.648 1.00 47.44  ? 14  GLY B O   1 
ATOM   941  N N   . VAL B 1 17  ? 2.721   -22.667 -13.434 1.00 42.57  ? 15  VAL B N   1 
ATOM   942  C CA  . VAL B 1 17  ? 1.340   -22.197 -13.542 1.00 43.64  ? 15  VAL B CA  1 
ATOM   943  C C   . VAL B 1 17  ? 1.263   -20.698 -13.794 1.00 44.11  ? 15  VAL B C   1 
ATOM   944  O O   . VAL B 1 17  ? 2.014   -19.902 -13.220 1.00 43.31  ? 15  VAL B O   1 
ATOM   945  C CB  . VAL B 1 17  ? 0.528   -22.548 -12.290 1.00 42.15  ? 15  VAL B CB  1 
ATOM   946  C CG1 . VAL B 1 17  ? -0.900  -21.937 -12.352 1.00 36.32  ? 15  VAL B CG1 1 
ATOM   947  C CG2 . VAL B 1 17  ? 0.487   -24.036 -12.138 1.00 37.99  ? 15  VAL B CG2 1 
ATOM   948  N N   . GLU B 1 18  ? 0.343   -20.323 -14.666 1.00 45.11  ? 16  GLU B N   1 
ATOM   949  C CA  . GLU B 1 18  ? 0.123   -18.933 -14.992 1.00 47.00  ? 16  GLU B CA  1 
ATOM   950  C C   . GLU B 1 18  ? -1.264  -18.512 -14.544 1.00 48.23  ? 16  GLU B C   1 
ATOM   951  O O   . GLU B 1 18  ? -2.203  -19.302 -14.574 1.00 50.72  ? 16  GLU B O   1 
ATOM   952  C CB  . GLU B 1 18  ? 0.317   -18.735 -16.485 1.00 47.04  ? 16  GLU B CB  1 
ATOM   953  C CG  . GLU B 1 18  ? 1.727   -19.046 -16.903 1.00 48.54  ? 16  GLU B CG  1 
ATOM   954  C CD  . GLU B 1 18  ? 1.917   -18.984 -18.394 1.00 57.16  ? 16  GLU B CD  1 
ATOM   955  O OE1 . GLU B 1 18  ? 0.922   -18.739 -19.112 1.00 53.88  ? 16  GLU B OE1 1 
ATOM   956  O OE2 . GLU B 1 18  ? 3.070   -19.187 -18.849 1.00 64.38  ? 16  GLU B OE2 1 
ATOM   957  N N   . VAL B 1 19  ? -1.382  -17.263 -14.115 1.00 46.17  ? 17  VAL B N   1 
ATOM   958  C CA  . VAL B 1 19  ? -2.610  -16.783 -13.510 1.00 46.08  ? 17  VAL B CA  1 
ATOM   959  C C   . VAL B 1 19  ? -2.907  -15.362 -13.948 1.00 44.95  ? 17  VAL B C   1 
ATOM   960  O O   . VAL B 1 19  ? -2.026  -14.483 -13.894 1.00 45.30  ? 17  VAL B O   1 
ATOM   961  C CB  . VAL B 1 19  ? -2.532  -16.858 -11.985 1.00 50.26  ? 17  VAL B CB  1 
ATOM   962  C CG1 . VAL B 1 19  ? -3.841  -16.481 -11.360 1.00 46.00  ? 17  VAL B CG1 1 
ATOM   963  C CG2 . VAL B 1 19  ? -2.148  -18.263 -11.554 1.00 47.80  ? 17  VAL B CG2 1 
ATOM   964  N N   . GLU B 1 20  ? -4.136  -15.152 -14.424 1.00 48.42  ? 18  GLU B N   1 
ATOM   965  C CA  . GLU B 1 20  ? -4.644  -13.805 -14.736 1.00 49.45  ? 18  GLU B CA  1 
ATOM   966  C C   . GLU B 1 20  ? -4.695  -12.999 -13.459 1.00 49.09  ? 18  GLU B C   1 
ATOM   967  O O   . GLU B 1 20  ? -5.242  -13.470 -12.448 1.00 49.80  ? 18  GLU B O   1 
ATOM   968  C CB  . GLU B 1 20  ? -6.072  -13.866 -15.282 1.00 50.20  ? 18  GLU B CB  1 
ATOM   969  C CG  . GLU B 1 20  ? -6.206  -14.180 -16.765 1.00 55.57  ? 18  GLU B CG  1 
ATOM   970  C CD  . GLU B 1 20  ? -7.670  -14.254 -17.209 1.00 68.89  ? 18  GLU B CD  1 
ATOM   971  O OE1 . GLU B 1 20  ? -8.587  -14.000 -16.374 1.00 66.53  ? 18  GLU B OE1 1 
ATOM   972  O OE2 . GLU B 1 20  ? -7.902  -14.573 -18.394 1.00 71.97  ? 18  GLU B OE2 1 
ATOM   973  N N   . LEU B 1 21  ? -4.144  -11.795 -13.484 1.00 41.05  ? 19  LEU B N   1 
ATOM   974  C CA  . LEU B 1 21  ? -4.286  -10.958 -12.317 1.00 47.86  ? 19  LEU B CA  1 
ATOM   975  C C   . LEU B 1 21  ? -5.610  -10.183 -12.384 1.00 50.30  ? 19  LEU B C   1 
ATOM   976  O O   . LEU B 1 21  ? -5.931  -9.552  -13.393 1.00 56.93  ? 19  LEU B O   1 
ATOM   977  C CB  . LEU B 1 21  ? -3.083  -10.035 -12.138 1.00 48.46  ? 19  LEU B CB  1 
ATOM   978  C CG  . LEU B 1 21  ? -1.811  -10.777 -11.739 1.00 52.53  ? 19  LEU B CG  1 
ATOM   979  C CD1 . LEU B 1 21  ? -0.685  -9.799  -11.509 1.00 51.65  ? 19  LEU B CD1 1 
ATOM   980  C CD2 . LEU B 1 21  ? -2.056  -11.637 -10.488 1.00 44.46  ? 19  LEU B CD2 1 
ATOM   981  N N   . PRO B 1 22  ? -6.409  -10.282 -11.326 1.00 49.13  ? 20  PRO B N   1 
ATOM   982  C CA  . PRO B 1 22  ? -7.645  -9.511  -11.288 1.00 51.58  ? 20  PRO B CA  1 
ATOM   983  C C   . PRO B 1 22  ? -7.328  -8.079  -10.914 1.00 56.78  ? 20  PRO B C   1 
ATOM   984  O O   . PRO B 1 22  ? -6.380  -7.824  -10.164 1.00 56.39  ? 20  PRO B O   1 
ATOM   985  C CB  . PRO B 1 22  ? -8.418  -10.172 -10.159 1.00 51.80  ? 20  PRO B CB  1 
ATOM   986  C CG  . PRO B 1 22  ? -7.337  -10.663 -9.217  1.00 51.19  ? 20  PRO B CG  1 
ATOM   987  C CD  . PRO B 1 22  ? -6.175  -11.045 -10.086 1.00 47.57  ? 20  PRO B CD  1 
ATOM   988  N N   . HIS B 1 23  ? -8.119  -7.140  -11.417 1.00 56.23  ? 21  HIS B N   1 
ATOM   989  C CA  . HIS B 1 23  ? -7.911  -5.731  -11.085 1.00 54.67  ? 21  HIS B CA  1 
ATOM   990  C C   . HIS B 1 23  ? -8.320  -5.361  -9.672  1.00 52.88  ? 21  HIS B C   1 
ATOM   991  O O   . HIS B 1 23  ? -9.235  -5.949  -9.102  1.00 51.35  ? 21  HIS B O   1 
ATOM   992  C CB  . HIS B 1 23  ? -8.586  -4.846  -12.117 1.00 56.40  ? 21  HIS B CB  1 
ATOM   993  C CG  . HIS B 1 23  ? -7.743  -4.641  -13.334 1.00 67.34  ? 21  HIS B CG  1 
ATOM   994  N ND1 . HIS B 1 23  ? -7.611  -3.421  -13.959 1.00 71.33  ? 21  HIS B ND1 1 
ATOM   995  C CD2 . HIS B 1 23  ? -6.937  -5.499  -14.010 1.00 69.48  ? 21  HIS B CD2 1 
ATOM   996  C CE1 . HIS B 1 23  ? -6.786  -3.542  -14.987 1.00 73.70  ? 21  HIS B CE1 1 
ATOM   997  N NE2 . HIS B 1 23  ? -6.363  -4.793  -15.038 1.00 70.28  ? 21  HIS B NE2 1 
ATOM   998  N N   . GLY B 1 24  ? -7.625  -4.388  -9.106  1.00 50.30  ? 22  GLY B N   1 
ATOM   999  C CA  . GLY B 1 24  ? -7.901  -3.984  -7.751  1.00 51.39  ? 22  GLY B CA  1 
ATOM   1000 C C   . GLY B 1 24  ? -6.984  -4.690  -6.786  1.00 55.28  ? 22  GLY B C   1 
ATOM   1001 O O   . GLY B 1 24  ? -5.900  -5.120  -7.161  1.00 56.64  ? 22  GLY B O   1 
ATOM   1002 N N   . ARG B 1 25  ? -7.424  -4.810  -5.540  1.00 61.06  ? 23  ARG B N   1 
ATOM   1003 C CA  . ARG B 1 25  ? -6.654  -5.487  -4.511  1.00 60.82  ? 23  ARG B CA  1 
ATOM   1004 C C   . ARG B 1 25  ? -6.489  -6.953  -4.877  1.00 59.20  ? 23  ARG B C   1 
ATOM   1005 O O   . ARG B 1 25  ? -7.460  -7.644  -5.204  1.00 62.81  ? 23  ARG B O   1 
ATOM   1006 C CB  . ARG B 1 25  ? -7.355  -5.361  -3.162  1.00 58.03  ? 23  ARG B CB  1 
ATOM   1007 C CG  . ARG B 1 25  ? -6.549  -5.892  -1.998  1.00 61.12  ? 23  ARG B CG  1 
ATOM   1008 C CD  . ARG B 1 25  ? -7.336  -5.847  -0.691  1.00 60.48  ? 23  ARG B CD  1 
ATOM   1009 N NE  . ARG B 1 25  ? -6.549  -6.344  0.442   1.00 62.57  ? 23  ARG B NE  1 
ATOM   1010 C CZ  . ARG B 1 25  ? -5.673  -5.610  1.135   1.00 66.97  ? 23  ARG B CZ  1 
ATOM   1011 N NH1 . ARG B 1 25  ? -5.463  -4.331  0.822   1.00 65.70  ? 23  ARG B NH1 1 
ATOM   1012 N NH2 . ARG B 1 25  ? -5.002  -6.157  2.147   1.00 60.28  ? 23  ARG B NH2 1 
ATOM   1013 N N   . CYS B 1 26  ? -5.249  -7.425  -4.843  1.00 55.77  ? 24  CYS B N   1 
ATOM   1014 C CA  . CYS B 1 26  ? -4.972  -8.819  -5.171  1.00 55.97  ? 24  CYS B CA  1 
ATOM   1015 C C   . CYS B 1 26  ? -4.107  -9.474  -4.100  1.00 50.49  ? 24  CYS B C   1 
ATOM   1016 O O   . CYS B 1 26  ? -2.978  -9.040  -3.850  1.00 45.14  ? 24  CYS B O   1 
ATOM   1017 C CB  . CYS B 1 26  ? -4.308  -8.942  -6.542  1.00 52.26  ? 24  CYS B CB  1 
ATOM   1018 S SG  . CYS B 1 26  ? -3.993  -10.663 -7.033  1.00 57.06  ? 24  CYS B SG  1 
ATOM   1019 N N   . VAL B 1 27  ? -4.641  -10.522 -3.480  1.00 47.91  ? 25  VAL B N   1 
ATOM   1020 C CA  . VAL B 1 27  ? -3.942  -11.192 -2.389  1.00 50.20  ? 25  VAL B CA  1 
ATOM   1021 C C   . VAL B 1 27  ? -3.439  -12.585 -2.781  1.00 51.61  ? 25  VAL B C   1 
ATOM   1022 O O   . VAL B 1 27  ? -4.239  -13.433 -3.196  1.00 50.74  ? 25  VAL B O   1 
ATOM   1023 C CB  . VAL B 1 27  ? -4.840  -11.340 -1.156  1.00 49.20  ? 25  VAL B CB  1 
ATOM   1024 C CG1 . VAL B 1 27  ? -4.073  -12.021 -0.031  1.00 48.48  ? 25  VAL B CG1 1 
ATOM   1025 C CG2 . VAL B 1 27  ? -5.361  -9.985  -0.707  1.00 49.37  ? 25  VAL B CG2 1 
ATOM   1026 N N   . PHE B 1 28  ? -2.125  -12.812 -2.666  1.00 44.68  ? 26  PHE B N   1 
ATOM   1027 C CA  . PHE B 1 28  ? -1.597  -14.168 -2.716  1.00 46.09  ? 26  PHE B CA  1 
ATOM   1028 C C   . PHE B 1 28  ? -1.396  -14.639 -1.274  1.00 48.91  ? 26  PHE B C   1 
ATOM   1029 O O   . PHE B 1 28  ? -0.902  -13.886 -0.427  1.00 46.77  ? 26  PHE B O   1 
ATOM   1030 C CB  . PHE B 1 28  ? -0.247  -14.268 -3.443  1.00 45.13  ? 26  PHE B CB  1 
ATOM   1031 C CG  . PHE B 1 28  ? -0.192  -13.595 -4.800  1.00 43.60  ? 26  PHE B CG  1 
ATOM   1032 C CD1 . PHE B 1 28  ? -0.342  -12.220 -4.930  1.00 47.71  ? 26  PHE B CD1 1 
ATOM   1033 C CD2 . PHE B 1 28  ? 0.088   -14.336 -5.937  1.00 43.89  ? 26  PHE B CD2 1 
ATOM   1034 C CE1 . PHE B 1 28  ? -0.252  -11.598 -6.187  1.00 45.29  ? 26  PHE B CE1 1 
ATOM   1035 C CE2 . PHE B 1 28  ? 0.178   -13.732 -7.196  1.00 49.32  ? 26  PHE B CE2 1 
ATOM   1036 C CZ  . PHE B 1 28  ? 0.011   -12.360 -7.323  1.00 49.21  ? 26  PHE B CZ  1 
ATOM   1037 N N   . GLY B 1 29  ? -1.766  -15.885 -0.997  1.00 45.44  ? 27  GLY B N   1 
ATOM   1038 C CA  . GLY B 1 29  ? -1.544  -16.458 0.314   1.00 45.81  ? 27  GLY B CA  1 
ATOM   1039 C C   . GLY B 1 29  ? -2.022  -17.898 0.336   1.00 50.47  ? 27  GLY B C   1 
ATOM   1040 O O   . GLY B 1 29  ? -2.564  -18.394 -0.646  1.00 46.51  ? 27  GLY B O   1 
ATOM   1041 N N   . SER B 1 30  ? -1.818  -18.568 1.461   1.00 52.11  ? 28  SER B N   1 
ATOM   1042 C CA  . SER B 1 30  ? -2.184  -19.970 1.582   1.00 57.16  ? 28  SER B CA  1 
ATOM   1043 C C   . SER B 1 30  ? -3.567  -20.136 2.198   1.00 56.34  ? 28  SER B C   1 
ATOM   1044 O O   . SER B 1 30  ? -4.099  -21.244 2.251   1.00 55.38  ? 28  SER B O   1 
ATOM   1045 C CB  . SER B 1 30  ? -1.149  -20.732 2.410   1.00 50.27  ? 28  SER B CB  1 
ATOM   1046 O OG  . SER B 1 30  ? -0.905  -20.066 3.633   1.00 54.37  ? 28  SER B OG  1 
ATOM   1047 N N   . ASP B 1 31  ? -4.150  -19.029 2.645   1.00 56.83  ? 29  ASP B N   1 
ATOM   1048 C CA  . ASP B 1 31  ? -5.484  -19.068 3.228   1.00 57.56  ? 29  ASP B CA  1 
ATOM   1049 C C   . ASP B 1 31  ? -6.548  -18.732 2.191   1.00 59.38  ? 29  ASP B C   1 
ATOM   1050 O O   . ASP B 1 31  ? -6.667  -17.583 1.760   1.00 61.22  ? 29  ASP B O   1 
ATOM   1051 C CB  . ASP B 1 31  ? -5.578  -18.125 4.419   1.00 61.82  ? 29  ASP B CB  1 
ATOM   1052 C CG  . ASP B 1 31  ? -6.909  -18.229 5.134   1.00 65.37  ? 29  ASP B CG  1 
ATOM   1053 O OD1 . ASP B 1 31  ? -7.817  -18.914 4.613   1.00 64.78  ? 29  ASP B OD1 1 
ATOM   1054 O OD2 . ASP B 1 31  ? -7.042  -17.623 6.220   1.00 63.22  ? 29  ASP B OD2 1 
ATOM   1055 N N   . PRO B 1 32  ? -7.344  -19.738 1.802   1.00 62.52  ? 30  PRO B N   1 
ATOM   1056 C CA  . PRO B 1 32  ? -8.240  -19.594 0.647   1.00 59.87  ? 30  PRO B CA  1 
ATOM   1057 C C   . PRO B 1 32  ? -9.411  -18.688 0.978   1.00 65.76  ? 30  PRO B C   1 
ATOM   1058 O O   . PRO B 1 32  ? -10.198 -18.337 0.098   1.00 66.32  ? 30  PRO B O   1 
ATOM   1059 C CB  . PRO B 1 32  ? -8.706  -21.027 0.377   1.00 57.03  ? 30  PRO B CB  1 
ATOM   1060 C CG  . PRO B 1 32  ? -8.551  -21.734 1.676   1.00 64.01  ? 30  PRO B CG  1 
ATOM   1061 C CD  . PRO B 1 32  ? -7.565  -20.994 2.537   1.00 53.39  ? 30  PRO B CD  1 
ATOM   1062 N N   . LEU B 1 33  ? -9.496  -18.301 2.246   1.00 65.85  ? 31  LEU B N   1 
ATOM   1063 C CA  . LEU B 1 33  ? -10.552 -17.431 2.732   1.00 66.36  ? 31  LEU B CA  1 
ATOM   1064 C C   . LEU B 1 33  ? -10.067 -15.987 2.738   1.00 66.31  ? 31  LEU B C   1 
ATOM   1065 O O   . LEU B 1 33  ? -10.870 -15.053 2.778   1.00 69.31  ? 31  LEU B O   1 
ATOM   1066 C CB  . LEU B 1 33  ? -10.961 -17.816 4.161   1.00 71.10  ? 31  LEU B CB  1 
ATOM   1067 C CG  . LEU B 1 33  ? -11.670 -19.155 4.350   1.00 76.32  ? 31  LEU B CG  1 
ATOM   1068 C CD1 . LEU B 1 33  ? -11.922 -19.441 5.834   1.00 65.47  ? 31  LEU B CD1 1 
ATOM   1069 C CD2 . LEU B 1 33  ? -12.973 -19.213 3.557   1.00 69.60  ? 31  LEU B CD2 1 
ATOM   1070 N N   . GLN B 1 34  ? -8.754  -15.801 2.722   1.00 63.79  ? 32  GLN B N   1 
ATOM   1071 C CA  . GLN B 1 34  ? -8.201  -14.458 2.659   1.00 68.02  ? 32  GLN B CA  1 
ATOM   1072 C C   . GLN B 1 34  ? -7.549  -14.138 1.313   1.00 60.30  ? 32  GLN B C   1 
ATOM   1073 O O   . GLN B 1 34  ? -7.127  -12.998 1.085   1.00 64.53  ? 32  GLN B O   1 
ATOM   1074 C CB  . GLN B 1 34  ? -7.182  -14.250 3.773   1.00 67.05  ? 32  GLN B CB  1 
ATOM   1075 C CG  . GLN B 1 34  ? -7.754  -14.333 5.159   1.00 61.07  ? 32  GLN B CG  1 
ATOM   1076 C CD  . GLN B 1 34  ? -6.666  -14.166 6.195   1.00 64.67  ? 32  GLN B CD  1 
ATOM   1077 O OE1 . GLN B 1 34  ? -6.370  -13.050 6.622   1.00 67.77  ? 32  GLN B OE1 1 
ATOM   1078 N NE2 . GLN B 1 34  ? -6.046  -15.276 6.594   1.00 64.71  ? 32  GLN B NE2 1 
ATOM   1079 N N   . SER B 1 35  ? -7.465  -15.132 0.434   1.00 58.57  ? 33  SER B N   1 
ATOM   1080 C CA  . SER B 1 35  ? -6.602  -14.997 -0.722  1.00 56.50  ? 33  SER B CA  1 
ATOM   1081 C C   . SER B 1 35  ? -7.342  -15.145 -2.018  1.00 54.38  ? 33  SER B C   1 
ATOM   1082 O O   . SER B 1 35  ? -8.275  -15.937 -2.119  1.00 64.01  ? 33  SER B O   1 
ATOM   1083 C CB  . SER B 1 35  ? -5.457  -16.009 -0.638  1.00 52.95  ? 33  SER B CB  1 
ATOM   1084 O OG  . SER B 1 35  ? -4.588  -15.700 0.456   1.00 48.48  ? 33  SER B OG  1 
ATOM   1085 N N   . ASP B 1 36  ? -6.937  -14.362 -3.009  1.00 53.94  ? 34  ASP B N   1 
ATOM   1086 C CA  . ASP B 1 36  ? -7.524  -14.474 -4.344  1.00 54.43  ? 34  ASP B CA  1 
ATOM   1087 C C   . ASP B 1 36  ? -6.794  -15.575 -5.099  1.00 55.85  ? 34  ASP B C   1 
ATOM   1088 O O   . ASP B 1 36  ? -7.382  -16.389 -5.804  1.00 54.89  ? 34  ASP B O   1 
ATOM   1089 C CB  . ASP B 1 36  ? -7.373  -13.151 -5.091  1.00 55.91  ? 34  ASP B CB  1 
ATOM   1090 C CG  . ASP B 1 36  ? -8.032  -12.001 -4.354  1.00 61.66  ? 34  ASP B CG  1 
ATOM   1091 O OD1 . ASP B 1 36  ? -9.288  -11.944 -4.367  1.00 71.43  ? 34  ASP B OD1 1 
ATOM   1092 O OD2 . ASP B 1 36  ? -7.314  -11.158 -3.753  1.00 60.48  ? 34  ASP B OD2 1 
ATOM   1093 N N   . ILE B 1 37  ? -5.477  -15.557 -4.959  1.00 50.98  ? 35  ILE B N   1 
ATOM   1094 C CA  . ILE B 1 37  ? -4.586  -16.534 -5.575  1.00 48.85  ? 35  ILE B CA  1 
ATOM   1095 C C   . ILE B 1 37  ? -4.053  -17.432 -4.485  1.00 46.02  ? 35  ILE B C   1 
ATOM   1096 O O   . ILE B 1 37  ? -3.224  -17.020 -3.679  1.00 48.21  ? 35  ILE B O   1 
ATOM   1097 C CB  . ILE B 1 37  ? -3.445  -15.828 -6.330  1.00 49.92  ? 35  ILE B CB  1 
ATOM   1098 C CG1 . ILE B 1 37  ? -4.031  -15.139 -7.564  1.00 48.11  ? 35  ILE B CG1 1 
ATOM   1099 C CG2 . ILE B 1 37  ? -2.336  -16.806 -6.705  1.00 43.97  ? 35  ILE B CG2 1 
ATOM   1100 C CD1 . ILE B 1 37  ? -3.267  -13.895 -7.988  1.00 45.83  ? 35  ILE B CD1 1 
ATOM   1101 N N   . VAL B 1 38  ? -4.572  -18.651 -4.430  1.00 51.07  ? 36  VAL B N   1 
ATOM   1102 C CA  . VAL B 1 38  ? -4.272  -19.530 -3.306  1.00 49.54  ? 36  VAL B CA  1 
ATOM   1103 C C   . VAL B 1 38  ? -3.058  -20.383 -3.635  1.00 50.04  ? 36  VAL B C   1 
ATOM   1104 O O   . VAL B 1 38  ? -3.083  -21.174 -4.580  1.00 55.20  ? 36  VAL B O   1 
ATOM   1105 C CB  . VAL B 1 38  ? -5.478  -20.423 -2.902  1.00 51.92  ? 36  VAL B CB  1 
ATOM   1106 C CG1 . VAL B 1 38  ? -5.140  -21.248 -1.676  1.00 51.63  ? 36  VAL B CG1 1 
ATOM   1107 C CG2 . VAL B 1 38  ? -6.707  -19.577 -2.611  1.00 52.60  ? 36  VAL B CG2 1 
ATOM   1108 N N   . LEU B 1 39  ? -1.991  -20.184 -2.866  1.00 44.80  ? 37  LEU B N   1 
ATOM   1109 C CA  . LEU B 1 39  ? -0.760  -20.945 -3.000  1.00 46.10  ? 37  LEU B CA  1 
ATOM   1110 C C   . LEU B 1 39  ? -0.685  -21.938 -1.843  1.00 47.04  ? 37  LEU B C   1 
ATOM   1111 O O   . LEU B 1 39  ? -0.905  -21.563 -0.694  1.00 50.66  ? 37  LEU B O   1 
ATOM   1112 C CB  . LEU B 1 39  ? 0.441   -19.997 -2.972  1.00 50.09  ? 37  LEU B CB  1 
ATOM   1113 C CG  . LEU B 1 39  ? 0.393   -18.938 -4.080  1.00 53.99  ? 37  LEU B CG  1 
ATOM   1114 C CD1 . LEU B 1 39  ? 1.543   -17.967 -3.958  1.00 49.74  ? 37  LEU B CD1 1 
ATOM   1115 C CD2 . LEU B 1 39  ? 0.393   -19.603 -5.454  1.00 46.10  ? 37  LEU B CD2 1 
ATOM   1116 N N   . SER B 1 40  ? -0.392  -23.201 -2.132  1.00 43.86  ? 38  SER B N   1 
ATOM   1117 C CA  . SER B 1 40  ? -0.480  -24.226 -1.089  1.00 51.02  ? 38  SER B CA  1 
ATOM   1118 C C   . SER B 1 40  ? 0.850   -24.625 -0.450  1.00 44.98  ? 38  SER B C   1 
ATOM   1119 O O   . SER B 1 40  ? 0.864   -25.418 0.476   1.00 45.25  ? 38  SER B O   1 
ATOM   1120 C CB  . SER B 1 40  ? -1.195  -25.475 -1.605  1.00 43.52  ? 38  SER B CB  1 
ATOM   1121 O OG  . SER B 1 40  ? -2.571  -25.220 -1.776  1.00 51.33  ? 38  SER B OG  1 
ATOM   1122 N N   . ASP B 1 41  ? 1.956   -24.085 -0.954  1.00 44.99  ? 39  ASP B N   1 
ATOM   1123 C CA  . ASP B 1 41  ? 3.273   -24.351 -0.377  1.00 47.36  ? 39  ASP B CA  1 
ATOM   1124 C C   . ASP B 1 41  ? 3.313   -23.933 1.079   1.00 41.63  ? 39  ASP B C   1 
ATOM   1125 O O   . ASP B 1 41  ? 2.842   -22.864 1.434   1.00 46.17  ? 39  ASP B O   1 
ATOM   1126 C CB  . ASP B 1 41  ? 4.369   -23.606 -1.151  1.00 44.41  ? 39  ASP B CB  1 
ATOM   1127 C CG  . ASP B 1 41  ? 4.413   -23.999 -2.608  1.00 49.16  ? 39  ASP B CG  1 
ATOM   1128 O OD1 . ASP B 1 41  ? 4.090   -23.157 -3.483  1.00 51.63  ? 39  ASP B OD1 1 
ATOM   1129 O OD2 . ASP B 1 41  ? 4.752   -25.164 -2.877  1.00 44.73  ? 39  ASP B OD2 1 
ATOM   1130 N N   . SER B 1 42  ? 3.896   -24.765 1.926   1.00 43.55  ? 40  SER B N   1 
ATOM   1131 C CA  . SER B 1 42  ? 3.888   -24.472 3.357   1.00 48.22  ? 40  SER B CA  1 
ATOM   1132 C C   . SER B 1 42  ? 4.767   -23.274 3.752   1.00 47.57  ? 40  SER B C   1 
ATOM   1133 O O   . SER B 1 42  ? 4.621   -22.726 4.852   1.00 45.75  ? 40  SER B O   1 
ATOM   1134 C CB  . SER B 1 42  ? 4.282   -25.705 4.159   1.00 43.91  ? 40  SER B CB  1 
ATOM   1135 O OG  . SER B 1 42  ? 5.681   -25.768 4.282   1.00 57.29  ? 40  SER B OG  1 
ATOM   1136 N N   . GLU B 1 43  ? 5.668   -22.876 2.856   1.00 45.77  ? 41  GLU B N   1 
ATOM   1137 C CA  . GLU B 1 43  ? 6.501   -21.689 3.051   1.00 44.28  ? 41  GLU B CA  1 
ATOM   1138 C C   . GLU B 1 43  ? 5.694   -20.428 2.823   1.00 44.31  ? 41  GLU B C   1 
ATOM   1139 O O   . GLU B 1 43  ? 6.177   -19.333 3.072   1.00 45.47  ? 41  GLU B O   1 
ATOM   1140 C CB  . GLU B 1 43  ? 7.676   -21.672 2.070   1.00 43.06  ? 41  GLU B CB  1 
ATOM   1141 C CG  . GLU B 1 43  ? 8.699   -22.779 2.272   1.00 50.12  ? 41  GLU B CG  1 
ATOM   1142 C CD  . GLU B 1 43  ? 8.201   -24.164 1.857   1.00 55.01  ? 41  GLU B CD  1 
ATOM   1143 O OE1 . GLU B 1 43  ? 7.100   -24.294 1.261   1.00 50.07  ? 41  GLU B OE1 1 
ATOM   1144 O OE2 . GLU B 1 43  ? 8.936   -25.134 2.131   1.00 57.20  ? 41  GLU B OE2 1 
ATOM   1145 N N   . ILE B 1 44  ? 4.474   -20.576 2.321   1.00 44.24  ? 42  ILE B N   1 
ATOM   1146 C CA  . ILE B 1 44  ? 3.646   -19.423 1.989   1.00 45.76  ? 42  ILE B CA  1 
ATOM   1147 C C   . ILE B 1 44  ? 2.716   -19.062 3.135   1.00 47.10  ? 42  ILE B C   1 
ATOM   1148 O O   . ILE B 1 44  ? 1.900   -19.877 3.546   1.00 49.50  ? 42  ILE B O   1 
ATOM   1149 C CB  . ILE B 1 44  ? 2.792   -19.682 0.727   1.00 44.47  ? 42  ILE B CB  1 
ATOM   1150 C CG1 . ILE B 1 44  ? 3.692   -19.929 -0.491  1.00 41.35  ? 42  ILE B CG1 1 
ATOM   1151 C CG2 . ILE B 1 44  ? 1.847   -18.521 0.475   1.00 40.27  ? 42  ILE B CG2 1 
ATOM   1152 C CD1 . ILE B 1 44  ? 4.509   -18.731 -0.873  1.00 42.78  ? 42  ILE B CD1 1 
ATOM   1153 N N   . ALA B 1 45  ? 2.836   -17.836 3.634   1.00 45.55  ? 43  ALA B N   1 
ATOM   1154 C CA  . ALA B 1 45  ? 1.965   -17.327 4.696   1.00 46.45  ? 43  ALA B CA  1 
ATOM   1155 C C   . ALA B 1 45  ? 0.513   -17.212 4.250   1.00 47.14  ? 43  ALA B C   1 
ATOM   1156 O O   . ALA B 1 45  ? 0.233   -17.209 3.059   1.00 50.12  ? 43  ALA B O   1 
ATOM   1157 C CB  . ALA B 1 45  ? 2.472   -15.981 5.177   1.00 44.26  ? 43  ALA B CB  1 
ATOM   1158 N N   . PRO B 1 46  ? -0.420  -17.126 5.213   1.00 52.56  ? 44  PRO B N   1 
ATOM   1159 C CA  . PRO B 1 46  ? -1.865  -17.006 4.965   1.00 50.92  ? 44  PRO B CA  1 
ATOM   1160 C C   . PRO B 1 46  ? -2.215  -15.797 4.097   1.00 58.08  ? 44  PRO B C   1 
ATOM   1161 O O   . PRO B 1 46  ? -3.070  -15.903 3.196   1.00 53.24  ? 44  PRO B O   1 
ATOM   1162 C CB  . PRO B 1 46  ? -2.439  -16.824 6.367   1.00 50.83  ? 44  PRO B CB  1 
ATOM   1163 C CG  . PRO B 1 46  ? -1.500  -17.584 7.238   1.00 52.12  ? 44  PRO B CG  1 
ATOM   1164 C CD  . PRO B 1 46  ? -0.131  -17.332 6.642   1.00 52.73  ? 44  PRO B CD  1 
ATOM   1165 N N   . VAL B 1 47  ? -1.590  -14.658 4.385   1.00 46.32  ? 45  VAL B N   1 
ATOM   1166 C CA  . VAL B 1 47  ? -1.541  -13.572 3.423   1.00 47.85  ? 45  VAL B CA  1 
ATOM   1167 C C   . VAL B 1 47  ? -0.079  -13.321 3.161   1.00 49.22  ? 45  VAL B C   1 
ATOM   1168 O O   . VAL B 1 47  ? 0.654   -12.907 4.051   1.00 51.26  ? 45  VAL B O   1 
ATOM   1169 C CB  . VAL B 1 47  ? -2.214  -12.309 3.936   1.00 50.48  ? 45  VAL B CB  1 
ATOM   1170 C CG1 . VAL B 1 47  ? -2.002  -11.164 2.955   1.00 49.10  ? 45  VAL B CG1 1 
ATOM   1171 C CG2 . VAL B 1 47  ? -3.690  -12.582 4.117   1.00 57.51  ? 45  VAL B CG2 1 
ATOM   1172 N N   . HIS B 1 48  ? 0.369   -13.617 1.950   1.00 47.42  ? 46  HIS B N   1 
ATOM   1173 C CA  . HIS B 1 48  ? 1.796   -13.592 1.709   1.00 43.43  ? 46  HIS B CA  1 
ATOM   1174 C C   . HIS B 1 48  ? 2.185   -12.335 0.946   1.00 46.29  ? 46  HIS B C   1 
ATOM   1175 O O   . HIS B 1 48  ? 3.225   -11.730 1.222   1.00 47.33  ? 46  HIS B O   1 
ATOM   1176 C CB  . HIS B 1 48  ? 2.231   -14.858 0.976   1.00 39.14  ? 46  HIS B CB  1 
ATOM   1177 C CG  . HIS B 1 48  ? 3.711   -15.065 0.959   1.00 46.60  ? 46  HIS B CG  1 
ATOM   1178 N ND1 . HIS B 1 48  ? 4.383   -15.705 1.981   1.00 41.28  ? 46  HIS B ND1 1 
ATOM   1179 C CD2 . HIS B 1 48  ? 4.649   -14.724 0.043   1.00 43.37  ? 46  HIS B CD2 1 
ATOM   1180 C CE1 . HIS B 1 48  ? 5.672   -15.745 1.692   1.00 41.54  ? 46  HIS B CE1 1 
ATOM   1181 N NE2 . HIS B 1 48  ? 5.861   -15.152 0.527   1.00 42.11  ? 46  HIS B NE2 1 
ATOM   1182 N N   . LEU B 1 49  ? 1.323   -11.946 0.009   1.00 43.38  ? 47  LEU B N   1 
ATOM   1183 C CA  . LEU B 1 49  ? 1.579   -10.821 -0.876  1.00 44.06  ? 47  LEU B CA  1 
ATOM   1184 C C   . LEU B 1 49  ? 0.271   -10.111 -1.240  1.00 47.30  ? 47  LEU B C   1 
ATOM   1185 O O   . LEU B 1 49  ? -0.750  -10.763 -1.537  1.00 44.85  ? 47  LEU B O   1 
ATOM   1186 C CB  . LEU B 1 49  ? 2.253   -11.300 -2.157  1.00 45.77  ? 47  LEU B CB  1 
ATOM   1187 C CG  . LEU B 1 49  ? 2.592   -10.200 -3.160  1.00 46.35  ? 47  LEU B CG  1 
ATOM   1188 C CD1 . LEU B 1 49  ? 3.518   -9.170  -2.503  1.00 41.97  ? 47  LEU B CD1 1 
ATOM   1189 C CD2 . LEU B 1 49  ? 3.240   -10.776 -4.407  1.00 38.55  ? 47  LEU B CD2 1 
ATOM   1190 N N   . VAL B 1 50  ? 0.313   -8.778  -1.218  1.00 44.21  ? 48  VAL B N   1 
ATOM   1191 C CA  . VAL B 1 50  ? -0.832  -7.958  -1.599  1.00 46.79  ? 48  VAL B CA  1 
ATOM   1192 C C   . VAL B 1 50  ? -0.420  -6.955  -2.652  1.00 44.14  ? 48  VAL B C   1 
ATOM   1193 O O   . VAL B 1 50  ? 0.561   -6.219  -2.497  1.00 44.45  ? 48  VAL B O   1 
ATOM   1194 C CB  . VAL B 1 50  ? -1.448  -7.189  -0.415  1.00 48.92  ? 48  VAL B CB  1 
ATOM   1195 C CG1 . VAL B 1 50  ? -2.752  -6.533  -0.854  1.00 49.33  ? 48  VAL B CG1 1 
ATOM   1196 C CG2 . VAL B 1 50  ? -1.685  -8.115  0.782   1.00 45.09  ? 48  VAL B CG2 1 
ATOM   1197 N N   . LEU B 1 51  ? -1.174  -6.940  -3.736  1.00 41.03  ? 49  LEU B N   1 
ATOM   1198 C CA  . LEU B 1 51  ? -0.894  -6.034  -4.829  1.00 45.74  ? 49  LEU B CA  1 
ATOM   1199 C C   . LEU B 1 51  ? -2.121  -5.192  -5.118  1.00 47.21  ? 49  LEU B C   1 
ATOM   1200 O O   . LEU B 1 51  ? -3.263  -5.597  -4.873  1.00 45.65  ? 49  LEU B O   1 
ATOM   1201 C CB  . LEU B 1 51  ? -0.508  -6.799  -6.092  1.00 41.77  ? 49  LEU B CB  1 
ATOM   1202 C CG  . LEU B 1 51  ? 0.674   -7.760  -6.031  1.00 44.54  ? 49  LEU B CG  1 
ATOM   1203 C CD1 . LEU B 1 51  ? 0.717   -8.522  -7.323  1.00 40.87  ? 49  LEU B CD1 1 
ATOM   1204 C CD2 . LEU B 1 51  ? 2.024   -7.051  -5.756  1.00 40.03  ? 49  LEU B CD2 1 
ATOM   1205 N N   . MET B 1 52  ? -1.871  -4.007  -5.640  1.00 47.27  ? 50  MET B N   1 
ATOM   1206 C CA  . MET B 1 52  ? -2.931  -3.213  -6.200  1.00 51.55  ? 50  MET B CA  1 
ATOM   1207 C C   . MET B 1 52  ? -2.727  -3.215  -7.712  1.00 47.34  ? 50  MET B C   1 
ATOM   1208 O O   . MET B 1 52  ? -1.661  -2.855  -8.203  1.00 47.73  ? 50  MET B O   1 
ATOM   1209 C CB  . MET B 1 52  ? -2.880  -1.811  -5.606  1.00 55.95  ? 50  MET B CB  1 
ATOM   1210 C CG  . MET B 1 52  ? -4.082  -0.966  -5.944  1.00 68.83  ? 50  MET B CG  1 
ATOM   1211 S SD  . MET B 1 52  ? -5.676  -1.580  -5.341  1.00 76.76  ? 50  MET B SD  1 
ATOM   1212 C CE  . MET B 1 52  ? -6.696  -0.834  -6.624  1.00 73.13  ? 50  MET B CE  1 
ATOM   1213 N N   . VAL B 1 53  ? -3.736  -3.665  -8.452  1.00 53.57  ? 51  VAL B N   1 
ATOM   1214 C CA  . VAL B 1 53  ? -3.591  -3.882  -9.891  1.00 49.27  ? 51  VAL B CA  1 
ATOM   1215 C C   . VAL B 1 53  ? -4.545  -3.016  -10.705 1.00 54.17  ? 51  VAL B C   1 
ATOM   1216 O O   . VAL B 1 53  ? -5.737  -2.949  -10.410 1.00 52.99  ? 51  VAL B O   1 
ATOM   1217 C CB  . VAL B 1 53  ? -3.897  -5.357  -10.262 1.00 54.81  ? 51  VAL B CB  1 
ATOM   1218 C CG1 . VAL B 1 53  ? -3.669  -5.605  -11.755 1.00 48.68  ? 51  VAL B CG1 1 
ATOM   1219 C CG2 . VAL B 1 53  ? -3.079  -6.321  -9.429  1.00 44.79  ? 51  VAL B CG2 1 
ATOM   1220 N N   . ASP B 1 54  ? -4.035  -2.380  -11.750 1.00 56.36  ? 52  ASP B N   1 
ATOM   1221 C CA  . ASP B 1 54  ? -4.920  -1.726  -12.703 1.00 63.14  ? 52  ASP B CA  1 
ATOM   1222 C C   . ASP B 1 54  ? -4.286  -1.774  -14.080 1.00 62.73  ? 52  ASP B C   1 
ATOM   1223 O O   . ASP B 1 54  ? -3.234  -2.391  -14.253 1.00 63.93  ? 52  ASP B O   1 
ATOM   1224 C CB  . ASP B 1 54  ? -5.202  -0.280  -12.284 1.00 61.77  ? 52  ASP B CB  1 
ATOM   1225 C CG  . ASP B 1 54  ? -3.945  0.571   -12.236 1.00 65.48  ? 52  ASP B CG  1 
ATOM   1226 O OD1 . ASP B 1 54  ? -2.965  0.215   -12.917 1.00 66.92  ? 52  ASP B OD1 1 
ATOM   1227 O OD2 . ASP B 1 54  ? -3.937  1.597   -11.526 1.00 68.74  ? 52  ASP B OD2 1 
ATOM   1228 N N   . GLU B 1 55  ? -4.916  -1.127  -15.057 1.00 62.17  ? 53  GLU B N   1 
ATOM   1229 C CA  . GLU B 1 55  ? -4.407  -1.157  -16.429 1.00 64.94  ? 53  GLU B CA  1 
ATOM   1230 C C   . GLU B 1 55  ? -3.039  -0.518  -16.540 1.00 61.63  ? 53  GLU B C   1 
ATOM   1231 O O   . GLU B 1 55  ? -2.290  -0.807  -17.463 1.00 57.14  ? 53  GLU B O   1 
ATOM   1232 C CB  . GLU B 1 55  ? -5.350  -0.448  -17.397 1.00 67.63  ? 53  GLU B CB  1 
ATOM   1233 C CG  . GLU B 1 55  ? -6.484  -1.299  -17.926 1.00 70.16  ? 53  GLU B CG  1 
ATOM   1234 C CD  . GLU B 1 55  ? -7.791  -1.050  -17.188 1.00 84.08  ? 53  GLU B CD  1 
ATOM   1235 O OE1 . GLU B 1 55  ? -7.751  -0.464  -16.076 1.00 84.09  ? 53  GLU B OE1 1 
ATOM   1236 O OE2 . GLU B 1 55  ? -8.856  -1.438  -17.724 1.00 85.36  ? 53  GLU B OE2 1 
ATOM   1237 N N   . GLU B 1 56  ? -2.718  0.363   -15.606 1.00 62.99  ? 54  GLU B N   1 
ATOM   1238 C CA  . GLU B 1 56  ? -1.475  1.105   -15.718 1.00 69.73  ? 54  GLU B CA  1 
ATOM   1239 C C   . GLU B 1 56  ? -0.297  0.275   -15.212 1.00 66.30  ? 54  GLU B C   1 
ATOM   1240 O O   . GLU B 1 56  ? 0.848   0.506   -15.600 1.00 66.60  ? 54  GLU B O   1 
ATOM   1241 C CB  . GLU B 1 56  ? -1.573  2.436   -14.976 1.00 71.38  ? 54  GLU B CB  1 
ATOM   1242 C CG  . GLU B 1 56  ? -2.800  3.261   -15.368 1.00 78.36  ? 54  GLU B CG  1 
ATOM   1243 C CD  . GLU B 1 56  ? -2.858  4.621   -14.674 1.00 90.71  ? 54  GLU B CD  1 
ATOM   1244 O OE1 . GLU B 1 56  ? -3.979  5.140   -14.476 1.00 92.03  ? 54  GLU B OE1 1 
ATOM   1245 O OE2 . GLU B 1 56  ? -1.789  5.171   -14.321 1.00 92.29  ? 54  GLU B OE2 1 
ATOM   1246 N N   . GLY B 1 57  ? -0.582  -0.703  -14.360 1.00 61.22  ? 55  GLY B N   1 
ATOM   1247 C CA  . GLY B 1 57  ? 0.475   -1.510  -13.789 1.00 56.93  ? 55  GLY B CA  1 
ATOM   1248 C C   . GLY B 1 57  ? 0.093   -2.099  -12.449 1.00 51.88  ? 55  GLY B C   1 
ATOM   1249 O O   . GLY B 1 57  ? -1.097  -2.252  -12.146 1.00 52.22  ? 55  GLY B O   1 
ATOM   1250 N N   . ILE B 1 58  ? 1.111   -2.411  -11.647 1.00 45.47  ? 56  ILE B N   1 
ATOM   1251 C CA  . ILE B 1 58  ? 0.952   -3.172  -10.410 1.00 43.60  ? 56  ILE B CA  1 
ATOM   1252 C C   . ILE B 1 58  ? 1.774   -2.570  -9.291  1.00 47.04  ? 56  ILE B C   1 
ATOM   1253 O O   . ILE B 1 58  ? 2.946   -2.260  -9.477  1.00 52.34  ? 56  ILE B O   1 
ATOM   1254 C CB  . ILE B 1 58  ? 1.447   -4.616  -10.589 1.00 46.37  ? 56  ILE B CB  1 
ATOM   1255 C CG1 . ILE B 1 58  ? 0.638   -5.333  -11.667 1.00 52.02  ? 56  ILE B CG1 1 
ATOM   1256 C CG2 . ILE B 1 58  ? 1.402   -5.390  -9.262  1.00 44.62  ? 56  ILE B CG2 1 
ATOM   1257 C CD1 . ILE B 1 58  ? 1.141   -6.737  -11.965 1.00 50.63  ? 56  ILE B CD1 1 
ATOM   1258 N N   . ARG B 1 59  ? 1.169   -2.451  -8.116  1.00 49.53  ? 57  ARG B N   1 
ATOM   1259 C CA  . ARG B 1 59  ? 1.822   -1.846  -6.974  1.00 48.59  ? 57  ARG B CA  1 
ATOM   1260 C C   . ARG B 1 59  ? 1.904   -2.781  -5.791  1.00 43.94  ? 57  ARG B C   1 
ATOM   1261 O O   . ARG B 1 59  ? 0.925   -3.403  -5.404  1.00 44.85  ? 57  ARG B O   1 
ATOM   1262 C CB  . ARG B 1 59  ? 1.096   -0.575  -6.548  1.00 47.54  ? 57  ARG B CB  1 
ATOM   1263 C CG  . ARG B 1 59  ? 1.592   0.667   -7.218  1.00 57.15  ? 57  ARG B CG  1 
ATOM   1264 C CD  . ARG B 1 59  ? 0.780   1.886   -6.793  1.00 61.01  ? 57  ARG B CD  1 
ATOM   1265 N NE  . ARG B 1 59  ? 1.332   3.122   -7.351  1.00 70.43  ? 57  ARG B NE  1 
ATOM   1266 C CZ  . ARG B 1 59  ? 0.823   3.784   -8.392  1.00 69.87  ? 57  ARG B CZ  1 
ATOM   1267 N NH1 . ARG B 1 59  ? -0.271  3.346   -9.008  1.00 68.70  ? 57  ARG B NH1 1 
ATOM   1268 N NH2 . ARG B 1 59  ? 1.410   4.899   -8.818  1.00 70.40  ? 57  ARG B NH2 1 
ATOM   1269 N N   . LEU B 1 60  ? 3.083   -2.851  -5.195  1.00 44.69  ? 58  LEU B N   1 
ATOM   1270 C CA  . LEU B 1 60  ? 3.238   -3.541  -3.931  1.00 49.07  ? 58  LEU B CA  1 
ATOM   1271 C C   . LEU B 1 60  ? 2.355   -2.829  -2.920  1.00 48.64  ? 58  LEU B C   1 
ATOM   1272 O O   . LEU B 1 60  ? 2.347   -1.614  -2.858  1.00 51.92  ? 58  LEU B O   1 
ATOM   1273 C CB  . LEU B 1 60  ? 4.693   -3.494  -3.482  1.00 46.21  ? 58  LEU B CB  1 
ATOM   1274 C CG  . LEU B 1 60  ? 4.907   -4.088  -2.097  1.00 50.41  ? 58  LEU B CG  1 
ATOM   1275 C CD1 . LEU B 1 60  ? 4.584   -5.565  -2.099  1.00 39.45  ? 58  LEU B CD1 1 
ATOM   1276 C CD2 . LEU B 1 60  ? 6.331   -3.831  -1.630  1.00 50.91  ? 58  LEU B CD2 1 
ATOM   1277 N N   . THR B 1 61  ? 1.584   -3.584  -2.154  1.00 47.41  ? 59  THR B N   1 
ATOM   1278 C CA  . THR B 1 61  ? 0.784   -3.013  -1.087  1.00 42.60  ? 59  THR B CA  1 
ATOM   1279 C C   . THR B 1 61  ? 1.255   -3.558  0.263   1.00 50.81  ? 59  THR B C   1 
ATOM   1280 O O   . THR B 1 61  ? 1.364   -2.821  1.247   1.00 54.56  ? 59  THR B O   1 
ATOM   1281 C CB  . THR B 1 61  ? -0.720  -3.314  -1.280  1.00 49.77  ? 59  THR B CB  1 
ATOM   1282 O OG1 . THR B 1 61  ? -1.206  -2.625  -2.439  1.00 49.31  ? 59  THR B OG1 1 
ATOM   1283 C CG2 . THR B 1 61  ? -1.523  -2.864  -0.063  1.00 48.99  ? 59  THR B CG2 1 
ATOM   1284 N N   . ASP B 1 62  ? 1.546   -4.854  0.304   1.00 50.01  ? 60  ASP B N   1 
ATOM   1285 C CA  . ASP B 1 62  ? 2.005   -5.479  1.535   1.00 49.84  ? 60  ASP B CA  1 
ATOM   1286 C C   . ASP B 1 62  ? 2.642   -6.837  1.252   1.00 50.14  ? 60  ASP B C   1 
ATOM   1287 O O   . ASP B 1 62  ? 2.347   -7.463  0.235   1.00 48.39  ? 60  ASP B O   1 
ATOM   1288 C CB  . ASP B 1 62  ? 0.826   -5.637  2.502   1.00 49.56  ? 60  ASP B CB  1 
ATOM   1289 C CG  . ASP B 1 62  ? 1.272   -5.874  3.940   1.00 53.97  ? 60  ASP B CG  1 
ATOM   1290 O OD1 . ASP B 1 62  ? 2.475   -5.693  4.231   1.00 55.38  ? 60  ASP B OD1 1 
ATOM   1291 O OD2 . ASP B 1 62  ? 0.420   -6.240  4.781   1.00 56.46  ? 60  ASP B OD2 1 
ATOM   1292 N N   . SER B 1 63  ? 3.507   -7.294  2.157   1.00 51.54  ? 61  SER B N   1 
ATOM   1293 C CA  . SER B 1 63  ? 4.056   -8.647  2.067   1.00 50.21  ? 61  SER B CA  1 
ATOM   1294 C C   . SER B 1 63  ? 4.521   -9.184  3.419   1.00 51.59  ? 61  SER B C   1 
ATOM   1295 O O   . SER B 1 63  ? 4.940   -8.426  4.285   1.00 52.68  ? 61  SER B O   1 
ATOM   1296 C CB  . SER B 1 63  ? 5.199   -8.697  1.056   1.00 50.77  ? 61  SER B CB  1 
ATOM   1297 O OG  . SER B 1 63  ? 6.156   -7.685  1.324   1.00 53.12  ? 61  SER B OG  1 
ATOM   1298 N N   . ALA B 1 64  ? 4.453   -10.501 3.583   1.00 46.60  ? 62  ALA B N   1 
ATOM   1299 C CA  . ALA B 1 64  ? 4.795   -11.154 4.845   1.00 47.51  ? 62  ALA B CA  1 
ATOM   1300 C C   . ALA B 1 64  ? 6.285   -11.078 5.049   1.00 50.02  ? 62  ALA B C   1 
ATOM   1301 O O   . ALA B 1 64  ? 6.810   -11.367 6.118   1.00 55.73  ? 62  ALA B O   1 
ATOM   1302 C CB  . ALA B 1 64  ? 4.343   -12.600 4.824   1.00 40.08  ? 62  ALA B CB  1 
ATOM   1303 N N   . GLU B 1 65  ? 6.962   -10.676 3.990   1.00 54.46  ? 63  GLU B N   1 
ATOM   1304 C CA  . GLU B 1 65  ? 8.404   -10.679 3.932   1.00 56.06  ? 63  GLU B CA  1 
ATOM   1305 C C   . GLU B 1 65  ? 8.749   -9.651  2.872   1.00 55.39  ? 63  GLU B C   1 
ATOM   1306 O O   . GLU B 1 65  ? 7.911   -9.317  2.054   1.00 53.72  ? 63  GLU B O   1 
ATOM   1307 C CB  . GLU B 1 65  ? 8.858   -12.077 3.538   1.00 58.41  ? 63  GLU B CB  1 
ATOM   1308 C CG  . GLU B 1 65  ? 10.235  -12.166 2.957   1.00 60.57  ? 63  GLU B CG  1 
ATOM   1309 C CD  . GLU B 1 65  ? 10.896  -13.475 3.309   1.00 70.69  ? 63  GLU B CD  1 
ATOM   1310 O OE1 . GLU B 1 65  ? 10.199  -14.332 3.911   1.00 70.03  ? 63  GLU B OE1 1 
ATOM   1311 O OE2 . GLU B 1 65  ? 12.104  -13.633 2.996   1.00 67.75  ? 63  GLU B OE2 1 
ATOM   1312 N N   . PRO B 1 66  ? 9.963   -9.104  2.904   1.00 56.67  ? 64  PRO B N   1 
ATOM   1313 C CA  . PRO B 1 66  ? 10.225  -8.020  1.951   1.00 51.67  ? 64  PRO B CA  1 
ATOM   1314 C C   . PRO B 1 66  ? 10.305  -8.511  0.515   1.00 50.29  ? 64  PRO B C   1 
ATOM   1315 O O   . PRO B 1 66  ? 10.868  -9.570  0.261   1.00 56.39  ? 64  PRO B O   1 
ATOM   1316 C CB  . PRO B 1 66  ? 11.578  -7.464  2.412   1.00 54.32  ? 64  PRO B CB  1 
ATOM   1317 C CG  . PRO B 1 66  ? 12.172  -8.551  3.284   1.00 49.97  ? 64  PRO B CG  1 
ATOM   1318 C CD  . PRO B 1 66  ? 11.039  -9.274  3.891   1.00 53.75  ? 64  PRO B CD  1 
ATOM   1319 N N   . LEU B 1 67  ? 9.740   -7.741  -0.405  1.00 43.44  ? 65  LEU B N   1 
ATOM   1320 C CA  . LEU B 1 67  ? 9.736   -8.080  -1.821  1.00 44.08  ? 65  LEU B CA  1 
ATOM   1321 C C   . LEU B 1 67  ? 11.003  -7.624  -2.514  1.00 47.15  ? 65  LEU B C   1 
ATOM   1322 O O   . LEU B 1 67  ? 11.319  -6.436  -2.529  1.00 50.51  ? 65  LEU B O   1 
ATOM   1323 C CB  . LEU B 1 67  ? 8.528   -7.441  -2.522  1.00 45.35  ? 65  LEU B CB  1 
ATOM   1324 C CG  . LEU B 1 67  ? 8.519   -7.577  -4.050  1.00 48.56  ? 65  LEU B CG  1 
ATOM   1325 C CD1 . LEU B 1 67  ? 8.278   -9.014  -4.445  1.00 46.30  ? 65  LEU B CD1 1 
ATOM   1326 C CD2 . LEU B 1 67  ? 7.463   -6.698  -4.674  1.00 51.34  ? 65  LEU B CD2 1 
ATOM   1327 N N   . LEU B 1 68  ? 11.729  -8.558  -3.107  1.00 49.42  ? 66  LEU B N   1 
ATOM   1328 C CA  . LEU B 1 68  ? 12.907  -8.191  -3.886  1.00 46.80  ? 66  LEU B CA  1 
ATOM   1329 C C   . LEU B 1 68  ? 12.574  -8.113  -5.374  1.00 48.75  ? 66  LEU B C   1 
ATOM   1330 O O   . LEU B 1 68  ? 11.885  -8.980  -5.920  1.00 43.90  ? 66  LEU B O   1 
ATOM   1331 C CB  . LEU B 1 68  ? 14.033  -9.193  -3.673  1.00 49.83  ? 66  LEU B CB  1 
ATOM   1332 C CG  . LEU B 1 68  ? 14.860  -9.161  -2.389  1.00 57.42  ? 66  LEU B CG  1 
ATOM   1333 C CD1 . LEU B 1 68  ? 14.137  -8.510  -1.225  1.00 48.19  ? 66  LEU B CD1 1 
ATOM   1334 C CD2 . LEU B 1 68  ? 15.252  -10.580 -2.040  1.00 56.92  ? 66  LEU B CD2 1 
ATOM   1335 N N   . GLN B 1 69  ? 13.068  -7.077  -6.035  1.00 44.12  ? 67  GLN B N   1 
ATOM   1336 C CA  . GLN B 1 69  ? 12.904  -6.972  -7.469  1.00 41.50  ? 67  GLN B CA  1 
ATOM   1337 C C   . GLN B 1 69  ? 14.269  -6.904  -8.129  1.00 46.24  ? 67  GLN B C   1 
ATOM   1338 O O   . GLN B 1 69  ? 15.046  -5.982  -7.898  1.00 51.04  ? 67  GLN B O   1 
ATOM   1339 C CB  . GLN B 1 69  ? 12.066  -5.754  -7.829  1.00 48.19  ? 67  GLN B CB  1 
ATOM   1340 C CG  . GLN B 1 69  ? 11.833  -5.591  -9.319  1.00 49.12  ? 67  GLN B CG  1 
ATOM   1341 C CD  . GLN B 1 69  ? 10.997  -4.375  -9.626  1.00 51.19  ? 67  GLN B CD  1 
ATOM   1342 O OE1 . GLN B 1 69  ? 11.526  -3.275  -9.757  1.00 56.84  ? 67  GLN B OE1 1 
ATOM   1343 N NE2 . GLN B 1 69  ? 9.677   -4.558  -9.723  1.00 49.01  ? 67  GLN B NE2 1 
ATOM   1344 N N   . GLU B 1 70  ? 14.564  -7.892  -8.958  1.00 48.59  ? 68  GLU B N   1 
ATOM   1345 C CA  . GLU B 1 70  ? 15.888  -8.012  -9.532  1.00 51.60  ? 68  GLU B CA  1 
ATOM   1346 C C   . GLU B 1 70  ? 16.929  -7.809  -8.441  1.00 53.82  ? 68  GLU B C   1 
ATOM   1347 O O   . GLU B 1 70  ? 17.964  -7.188  -8.669  1.00 60.79  ? 68  GLU B O   1 
ATOM   1348 C CB  . GLU B 1 70  ? 16.079  -7.024  -10.685 1.00 48.05  ? 68  GLU B CB  1 
ATOM   1349 C CG  . GLU B 1 70  ? 15.258  -7.337  -11.932 1.00 46.29  ? 68  GLU B CG  1 
ATOM   1350 C CD  . GLU B 1 70  ? 15.711  -8.611  -12.662 1.00 62.87  ? 68  GLU B CD  1 
ATOM   1351 O OE1 . GLU B 1 70  ? 16.615  -9.320  -12.147 1.00 59.87  ? 68  GLU B OE1 1 
ATOM   1352 O OE2 . GLU B 1 70  ? 15.162  -8.904  -13.757 1.00 60.13  ? 68  GLU B OE2 1 
ATOM   1353 N N   . GLY B 1 71  ? 16.638  -8.330  -7.251  1.00 47.82  ? 69  GLY B N   1 
ATOM   1354 C CA  . GLY B 1 71  ? 17.576  -8.295  -6.150  1.00 48.58  ? 69  GLY B CA  1 
ATOM   1355 C C   . GLY B 1 71  ? 17.308  -7.215  -5.121  1.00 57.50  ? 69  GLY B C   1 
ATOM   1356 O O   . GLY B 1 71  ? 17.579  -7.399  -3.944  1.00 60.82  ? 69  GLY B O   1 
ATOM   1357 N N   . LEU B 1 72  ? 16.787  -6.076  -5.557  1.00 54.89  ? 70  LEU B N   1 
ATOM   1358 C CA  . LEU B 1 72  ? 16.658  -4.925  -4.670  1.00 58.85  ? 70  LEU B CA  1 
ATOM   1359 C C   . LEU B 1 72  ? 15.284  -4.815  -4.038  1.00 56.61  ? 70  LEU B C   1 
ATOM   1360 O O   . LEU B 1 72  ? 14.282  -5.079  -4.687  1.00 52.14  ? 70  LEU B O   1 
ATOM   1361 C CB  . LEU B 1 72  ? 16.994  -3.638  -5.412  1.00 52.75  ? 70  LEU B CB  1 
ATOM   1362 C CG  . LEU B 1 72  ? 18.115  -3.856  -6.434  1.00 65.87  ? 70  LEU B CG  1 
ATOM   1363 C CD1 . LEU B 1 72  ? 18.339  -2.622  -7.331  1.00 65.31  ? 70  LEU B CD1 1 
ATOM   1364 C CD2 . LEU B 1 72  ? 19.412  -4.301  -5.757  1.00 61.92  ? 70  LEU B CD2 1 
ATOM   1365 N N   . PRO B 1 73  ? 15.249  -4.418  -2.753  1.00 58.51  ? 71  PRO B N   1 
ATOM   1366 C CA  . PRO B 1 73  ? 14.012  -4.233  -1.995  1.00 54.60  ? 71  PRO B CA  1 
ATOM   1367 C C   . PRO B 1 73  ? 13.099  -3.187  -2.622  1.00 56.98  ? 71  PRO B C   1 
ATOM   1368 O O   . PRO B 1 73  ? 13.551  -2.272  -3.301  1.00 57.95  ? 71  PRO B O   1 
ATOM   1369 C CB  . PRO B 1 73  ? 14.508  -3.758  -0.634  1.00 59.91  ? 71  PRO B CB  1 
ATOM   1370 C CG  . PRO B 1 73  ? 15.876  -4.385  -0.506  1.00 60.35  ? 71  PRO B CG  1 
ATOM   1371 C CD  . PRO B 1 73  ? 16.444  -4.286  -1.896  1.00 55.62  ? 71  PRO B CD  1 
ATOM   1372 N N   . VAL B 1 74  ? 11.806  -3.345  -2.390  1.00 55.30  ? 72  VAL B N   1 
ATOM   1373 C CA  . VAL B 1 74  ? 10.803  -2.494  -3.000  1.00 55.18  ? 72  VAL B CA  1 
ATOM   1374 C C   . VAL B 1 74  ? 9.995   -1.795  -1.912  1.00 59.51  ? 72  VAL B C   1 
ATOM   1375 O O   . VAL B 1 74  ? 9.312   -2.449  -1.121  1.00 57.22  ? 72  VAL B O   1 
ATOM   1376 C CB  . VAL B 1 74  ? 9.863   -3.323  -3.909  1.00 52.43  ? 72  VAL B CB  1 
ATOM   1377 C CG1 . VAL B 1 74  ? 8.564   -2.605  -4.145  1.00 52.60  ? 72  VAL B CG1 1 
ATOM   1378 C CG2 . VAL B 1 74  ? 10.544  -3.644  -5.226  1.00 50.60  ? 72  VAL B CG2 1 
ATOM   1379 N N   . PRO B 1 75  ? 10.097  -0.459  -1.855  1.00 63.03  ? 73  PRO B N   1 
ATOM   1380 C CA  . PRO B 1 75  ? 9.308   0.399   -0.963  1.00 56.64  ? 73  PRO B CA  1 
ATOM   1381 C C   . PRO B 1 75  ? 7.813   0.200   -1.173  1.00 57.65  ? 73  PRO B C   1 
ATOM   1382 O O   . PRO B 1 75  ? 7.368   -0.025  -2.299  1.00 56.45  ? 73  PRO B O   1 
ATOM   1383 C CB  . PRO B 1 75  ? 9.707   1.801   -1.399  1.00 56.60  ? 73  PRO B CB  1 
ATOM   1384 C CG  . PRO B 1 75  ? 11.087  1.634   -1.945  1.00 55.71  ? 73  PRO B CG  1 
ATOM   1385 C CD  . PRO B 1 75  ? 11.079  0.311   -2.638  1.00 59.26  ? 73  PRO B CD  1 
ATOM   1386 N N   . LEU B 1 76  ? 7.048   0.324   -0.094  1.00 56.50  ? 74  LEU B N   1 
ATOM   1387 C CA  . LEU B 1 76  ? 5.672   -0.161  -0.053  1.00 50.90  ? 74  LEU B CA  1 
ATOM   1388 C C   . LEU B 1 76  ? 4.676   0.251   -1.141  1.00 60.76  ? 74  LEU B C   1 
ATOM   1389 O O   . LEU B 1 76  ? 3.770   -0.519  -1.446  1.00 68.05  ? 74  LEU B O   1 
ATOM   1390 C CB  . LEU B 1 76  ? 5.058   0.035   1.337   1.00 54.38  ? 74  LEU B CB  1 
ATOM   1391 C CG  . LEU B 1 76  ? 5.461   -1.059  2.332   1.00 56.91  ? 74  LEU B CG  1 
ATOM   1392 C CD1 . LEU B 1 76  ? 5.041   -0.704  3.753   1.00 54.82  ? 74  LEU B CD1 1 
ATOM   1393 C CD2 . LEU B 1 76  ? 4.896   -2.414  1.906   1.00 53.66  ? 74  LEU B CD2 1 
ATOM   1394 N N   . GLY B 1 77  ? 4.789   1.427   -1.733  1.00 56.20  ? 75  GLY B N   1 
ATOM   1395 C CA  . GLY B 1 77  ? 3.788   1.775   -2.736  1.00 57.32  ? 75  GLY B CA  1 
ATOM   1396 C C   . GLY B 1 77  ? 4.260   1.706   -4.177  1.00 54.21  ? 75  GLY B C   1 
ATOM   1397 O O   . GLY B 1 77  ? 3.589   2.205   -5.076  1.00 54.26  ? 75  GLY B O   1 
ATOM   1398 N N   . THR B 1 78  ? 5.413   1.090   -4.399  1.00 53.59  ? 76  THR B N   1 
ATOM   1399 C CA  . THR B 1 78  ? 6.083   1.170   -5.693  1.00 53.30  ? 76  THR B CA  1 
ATOM   1400 C C   . THR B 1 78  ? 5.406   0.344   -6.782  1.00 55.21  ? 76  THR B C   1 
ATOM   1401 O O   . THR B 1 78  ? 4.801   -0.702  -6.513  1.00 50.17  ? 76  THR B O   1 
ATOM   1402 C CB  . THR B 1 78  ? 7.534   0.687   -5.602  1.00 54.27  ? 76  THR B CB  1 
ATOM   1403 O OG1 . THR B 1 78  ? 8.167   1.254   -4.449  1.00 61.14  ? 76  THR B OG1 1 
ATOM   1404 C CG2 . THR B 1 78  ? 8.299   1.067   -6.861  1.00 48.56  ? 76  THR B CG2 1 
ATOM   1405 N N   . LEU B 1 79  ? 5.533   0.827   -8.014  1.00 52.04  ? 77  LEU B N   1 
ATOM   1406 C CA  . LEU B 1 79  ? 5.149   0.078   -9.195  1.00 52.80  ? 77  LEU B CA  1 
ATOM   1407 C C   . LEU B 1 79  ? 6.219   -0.921  -9.590  1.00 54.58  ? 77  LEU B C   1 
ATOM   1408 O O   . LEU B 1 79  ? 7.396   -0.577  -9.701  1.00 49.16  ? 77  LEU B O   1 
ATOM   1409 C CB  . LEU B 1 79  ? 4.935   1.010   -10.375 1.00 55.71  ? 77  LEU B CB  1 
ATOM   1410 C CG  . LEU B 1 79  ? 3.453   1.200   -10.656 1.00 67.06  ? 77  LEU B CG  1 
ATOM   1411 C CD1 . LEU B 1 79  ? 2.931   2.255   -9.727  1.00 64.49  ? 77  LEU B CD1 1 
ATOM   1412 C CD2 . LEU B 1 79  ? 3.235   1.595   -12.095 1.00 66.04  ? 77  LEU B CD2 1 
ATOM   1413 N N   . LEU B 1 80  ? 5.799   -2.152  -9.846  1.00 49.21  ? 78  LEU B N   1 
ATOM   1414 C CA  . LEU B 1 80  ? 6.750   -3.208  -10.145 1.00 49.17  ? 78  LEU B CA  1 
ATOM   1415 C C   . LEU B 1 80  ? 7.084   -3.263  -11.639 1.00 47.21  ? 78  LEU B C   1 
ATOM   1416 O O   . LEU B 1 80  ? 6.259   -2.932  -12.482 1.00 43.53  ? 78  LEU B O   1 
ATOM   1417 C CB  . LEU B 1 80  ? 6.191   -4.540  -9.651  1.00 43.98  ? 78  LEU B CB  1 
ATOM   1418 C CG  . LEU B 1 80  ? 5.760   -4.484  -8.181  1.00 46.41  ? 78  LEU B CG  1 
ATOM   1419 C CD1 . LEU B 1 80  ? 5.147   -5.793  -7.740  1.00 42.11  ? 78  LEU B CD1 1 
ATOM   1420 C CD2 . LEU B 1 80  ? 6.940   -4.118  -7.287  1.00 46.32  ? 78  LEU B CD2 1 
ATOM   1421 N N   . ARG B 1 81  ? 8.295   -3.694  -11.963 1.00 50.73  ? 79  ARG B N   1 
ATOM   1422 C CA  . ARG B 1 81  ? 8.681   -3.856  -13.363 1.00 52.58  ? 79  ARG B CA  1 
ATOM   1423 C C   . ARG B 1 81  ? 8.260   -5.210  -13.965 1.00 49.08  ? 79  ARG B C   1 
ATOM   1424 O O   . ARG B 1 81  ? 8.628   -6.280  -13.470 1.00 49.50  ? 79  ARG B O   1 
ATOM   1425 C CB  . ARG B 1 81  ? 10.183  -3.646  -13.541 1.00 49.85  ? 79  ARG B CB  1 
ATOM   1426 C CG  . ARG B 1 81  ? 10.514  -2.820  -14.769 1.00 60.57  ? 79  ARG B CG  1 
ATOM   1427 C CD  . ARG B 1 81  ? 11.808  -3.267  -15.434 1.00 59.13  ? 79  ARG B CD  1 
ATOM   1428 N NE  . ARG B 1 81  ? 12.861  -3.522  -14.461 1.00 65.01  ? 79  ARG B NE  1 
ATOM   1429 C CZ  . ARG B 1 81  ? 13.343  -2.601  -13.635 1.00 68.27  ? 79  ARG B CZ  1 
ATOM   1430 N NH1 . ARG B 1 81  ? 12.852  -1.369  -13.671 1.00 71.16  ? 79  ARG B NH1 1 
ATOM   1431 N NH2 . ARG B 1 81  ? 14.309  -2.915  -12.774 1.00 65.01  ? 79  ARG B NH2 1 
ATOM   1432 N N   . ALA B 1 82  ? 7.483   -5.147  -15.041 1.00 42.09  ? 80  ALA B N   1 
ATOM   1433 C CA  . ALA B 1 82  ? 7.088   -6.336  -15.773 1.00 44.09  ? 80  ALA B CA  1 
ATOM   1434 C C   . ALA B 1 82  ? 8.313   -7.110  -16.267 1.00 45.88  ? 80  ALA B C   1 
ATOM   1435 O O   . ALA B 1 82  ? 9.303   -6.518  -16.694 1.00 47.50  ? 80  ALA B O   1 
ATOM   1436 C CB  . ALA B 1 82  ? 6.197   -5.952  -16.934 1.00 42.63  ? 80  ALA B CB  1 
ATOM   1437 N N   . GLY B 1 83  ? 8.248   -8.433  -16.191 1.00 44.31  ? 81  GLY B N   1 
ATOM   1438 C CA  . GLY B 1 83  ? 9.321   -9.264  -16.698 1.00 39.84  ? 81  GLY B CA  1 
ATOM   1439 C C   . GLY B 1 83  ? 10.499  -9.409  -15.752 1.00 44.81  ? 81  GLY B C   1 
ATOM   1440 O O   . GLY B 1 83  ? 11.429  -10.175 -16.012 1.00 43.81  ? 81  GLY B O   1 
ATOM   1441 N N   . SER B 1 84  ? 10.483  -8.683  -14.644 1.00 42.87  ? 82  SER B N   1 
ATOM   1442 C CA  . SER B 1 84  ? 11.618  -8.784  -13.745 1.00 44.54  ? 82  SER B CA  1 
ATOM   1443 C C   . SER B 1 84  ? 11.469  -9.946  -12.764 1.00 45.99  ? 82  SER B C   1 
ATOM   1444 O O   . SER B 1 84  ? 10.378  -10.487 -12.565 1.00 41.42  ? 82  SER B O   1 
ATOM   1445 C CB  . SER B 1 84  ? 11.893  -7.458  -13.026 1.00 48.09  ? 82  SER B CB  1 
ATOM   1446 O OG  . SER B 1 84  ? 10.784  -7.032  -12.268 1.00 43.15  ? 82  SER B OG  1 
ATOM   1447 N N   . CYS B 1 85  ? 12.592  -10.333 -12.176 1.00 43.22  ? 83  CYS B N   1 
ATOM   1448 C CA  . CYS B 1 85  ? 12.614  -11.375 -11.177 1.00 45.20  ? 83  CYS B CA  1 
ATOM   1449 C C   . CYS B 1 85  ? 12.049  -10.846 -9.854  1.00 43.50  ? 83  CYS B C   1 
ATOM   1450 O O   . CYS B 1 85  ? 12.601  -9.929  -9.263  1.00 42.82  ? 83  CYS B O   1 
ATOM   1451 C CB  . CYS B 1 85  ? 14.054  -11.849 -10.990 1.00 48.41  ? 83  CYS B CB  1 
ATOM   1452 S SG  . CYS B 1 85  ? 14.248  -13.140 -9.755  1.00 53.70  ? 83  CYS B SG  1 
ATOM   1453 N N   . LEU B 1 86  ? 10.951  -11.419 -9.383  1.00 43.21  ? 84  LEU B N   1 
ATOM   1454 C CA  . LEU B 1 86  ? 10.344  -10.947 -8.142  1.00 39.43  ? 84  LEU B CA  1 
ATOM   1455 C C   . LEU B 1 86  ? 10.289  -12.060 -7.083  1.00 40.39  ? 84  LEU B C   1 
ATOM   1456 O O   . LEU B 1 86  ? 9.877   -13.179 -7.392  1.00 42.84  ? 84  LEU B O   1 
ATOM   1457 C CB  . LEU B 1 86  ? 8.950   -10.375 -8.421  1.00 39.42  ? 84  LEU B CB  1 
ATOM   1458 C CG  . LEU B 1 86  ? 8.795   -9.213  -9.421  1.00 42.73  ? 84  LEU B CG  1 
ATOM   1459 C CD1 . LEU B 1 86  ? 7.382   -9.182  -9.991  1.00 44.72  ? 84  LEU B CD1 1 
ATOM   1460 C CD2 . LEU B 1 86  ? 9.116   -7.858  -8.792  1.00 41.16  ? 84  LEU B CD2 1 
ATOM   1461 N N   . GLU B 1 87  ? 10.711  -11.751 -5.852  1.00 38.68  ? 85  GLU B N   1 
ATOM   1462 C CA  . GLU B 1 87  ? 10.684  -12.711 -4.753  1.00 41.94  ? 85  GLU B CA  1 
ATOM   1463 C C   . GLU B 1 87  ? 9.992   -12.182 -3.502  1.00 46.06  ? 85  GLU B C   1 
ATOM   1464 O O   . GLU B 1 87  ? 10.242  -11.057 -3.064  1.00 45.22  ? 85  GLU B O   1 
ATOM   1465 C CB  . GLU B 1 87  ? 12.094  -13.108 -4.330  1.00 43.60  ? 85  GLU B CB  1 
ATOM   1466 C CG  . GLU B 1 87  ? 13.070  -13.473 -5.430  1.00 48.48  ? 85  GLU B CG  1 
ATOM   1467 C CD  . GLU B 1 87  ? 14.516  -13.548 -4.902  1.00 60.77  ? 85  GLU B CD  1 
ATOM   1468 O OE1 . GLU B 1 87  ? 14.767  -14.333 -3.949  1.00 66.07  ? 85  GLU B OE1 1 
ATOM   1469 O OE2 . GLU B 1 87  ? 15.393  -12.806 -5.419  1.00 57.22  ? 85  GLU B OE2 1 
ATOM   1470 N N   . VAL B 1 88  ? 9.128   -13.006 -2.918  1.00 45.57  ? 86  VAL B N   1 
ATOM   1471 C CA  . VAL B 1 88  ? 8.677   -12.799 -1.544  1.00 46.41  ? 86  VAL B CA  1 
ATOM   1472 C C   . VAL B 1 88  ? 8.984   -14.058 -0.747  1.00 47.45  ? 86  VAL B C   1 
ATOM   1473 O O   . VAL B 1 88  ? 8.114   -14.912 -0.569  1.00 43.59  ? 86  VAL B O   1 
ATOM   1474 C CB  . VAL B 1 88  ? 7.167   -12.547 -1.447  1.00 50.56  ? 86  VAL B CB  1 
ATOM   1475 C CG1 . VAL B 1 88  ? 6.835   -11.857 -0.125  1.00 47.87  ? 86  VAL B CG1 1 
ATOM   1476 C CG2 . VAL B 1 88  ? 6.684   -11.721 -2.630  1.00 49.76  ? 86  VAL B CG2 1 
ATOM   1477 N N   . GLY B 1 89  ? 10.223  -14.179 -0.278  1.00 48.13  ? 87  GLY B N   1 
ATOM   1478 C CA  . GLY B 1 89  ? 10.667  -15.397 0.372   1.00 43.94  ? 87  GLY B CA  1 
ATOM   1479 C C   . GLY B 1 89  ? 10.650  -16.557 -0.605  1.00 48.02  ? 87  GLY B C   1 
ATOM   1480 O O   . GLY B 1 89  ? 11.330  -16.533 -1.626  1.00 44.94  ? 87  GLY B O   1 
ATOM   1481 N N   . PHE B 1 90  ? 9.853   -17.574 -0.304  1.00 44.22  ? 88  PHE B N   1 
ATOM   1482 C CA  . PHE B 1 90  ? 9.731   -18.718 -1.191  1.00 45.47  ? 88  PHE B CA  1 
ATOM   1483 C C   . PHE B 1 90  ? 8.972   -18.388 -2.486  1.00 46.52  ? 88  PHE B C   1 
ATOM   1484 O O   . PHE B 1 90  ? 9.078   -19.111 -3.490  1.00 39.63  ? 88  PHE B O   1 
ATOM   1485 C CB  . PHE B 1 90  ? 9.022   -19.847 -0.460  1.00 43.79  ? 88  PHE B CB  1 
ATOM   1486 C CG  . PHE B 1 90  ? 8.945   -21.128 -1.242  1.00 46.05  ? 88  PHE B CG  1 
ATOM   1487 C CD1 . PHE B 1 90  ? 7.732   -21.560 -1.774  1.00 40.28  ? 88  PHE B CD1 1 
ATOM   1488 C CD2 . PHE B 1 90  ? 10.082  -21.906 -1.430  1.00 43.22  ? 88  PHE B CD2 1 
ATOM   1489 C CE1 . PHE B 1 90  ? 7.647   -22.753 -2.468  1.00 44.90  ? 88  PHE B CE1 1 
ATOM   1490 C CE2 . PHE B 1 90  ? 10.015  -23.097 -2.127  1.00 44.28  ? 88  PHE B CE2 1 
ATOM   1491 C CZ  . PHE B 1 90  ? 8.794   -23.527 -2.649  1.00 48.61  ? 88  PHE B CZ  1 
ATOM   1492 N N   . LEU B 1 91  ? 8.198   -17.309 -2.461  1.00 43.05  ? 89  LEU B N   1 
ATOM   1493 C CA  . LEU B 1 91  ? 7.370   -16.961 -3.611  1.00 42.43  ? 89  LEU B CA  1 
ATOM   1494 C C   . LEU B 1 91  ? 8.178   -16.305 -4.742  1.00 41.28  ? 89  LEU B C   1 
ATOM   1495 O O   . LEU B 1 91  ? 8.589   -15.149 -4.646  1.00 43.37  ? 89  LEU B O   1 
ATOM   1496 C CB  . LEU B 1 91  ? 6.199   -16.078 -3.182  1.00 41.04  ? 89  LEU B CB  1 
ATOM   1497 C CG  . LEU B 1 91  ? 5.380   -15.476 -4.324  1.00 49.79  ? 89  LEU B CG  1 
ATOM   1498 C CD1 . LEU B 1 91  ? 4.792   -16.576 -5.219  1.00 40.37  ? 89  LEU B CD1 1 
ATOM   1499 C CD2 . LEU B 1 91  ? 4.285   -14.509 -3.798  1.00 42.72  ? 89  LEU B CD2 1 
ATOM   1500 N N   . LEU B 1 92  ? 8.373   -17.053 -5.821  1.00 36.92  ? 90  LEU B N   1 
ATOM   1501 C CA  . LEU B 1 92  ? 9.174   -16.619 -6.960  1.00 37.73  ? 90  LEU B CA  1 
ATOM   1502 C C   . LEU B 1 92  ? 8.283   -16.451 -8.189  1.00 38.37  ? 90  LEU B C   1 
ATOM   1503 O O   . LEU B 1 92  ? 7.611   -17.392 -8.616  1.00 41.23  ? 90  LEU B O   1 
ATOM   1504 C CB  . LEU B 1 92  ? 10.273  -17.652 -7.251  1.00 39.97  ? 90  LEU B CB  1 
ATOM   1505 C CG  . LEU B 1 92  ? 11.245  -17.339 -8.388  1.00 42.27  ? 90  LEU B CG  1 
ATOM   1506 C CD1 . LEU B 1 92  ? 11.804  -15.939 -8.194  1.00 38.03  ? 90  LEU B CD1 1 
ATOM   1507 C CD2 . LEU B 1 92  ? 12.370  -18.375 -8.454  1.00 31.65  ? 90  LEU B CD2 1 
ATOM   1508 N N   . TRP B 1 93  ? 8.275   -15.260 -8.767  1.00 36.39  ? 91  TRP B N   1 
ATOM   1509 C CA  . TRP B 1 93  ? 7.325   -14.982 -9.836  1.00 40.48  ? 91  TRP B CA  1 
ATOM   1510 C C   . TRP B 1 93  ? 7.740   -13.783 -10.660 1.00 39.52  ? 91  TRP B C   1 
ATOM   1511 O O   . TRP B 1 93  ? 8.619   -13.014 -10.271 1.00 38.03  ? 91  TRP B O   1 
ATOM   1512 C CB  . TRP B 1 93  ? 5.918   -14.734 -9.259  1.00 30.83  ? 91  TRP B CB  1 
ATOM   1513 C CG  . TRP B 1 93  ? 5.890   -13.559 -8.350  1.00 39.96  ? 91  TRP B CG  1 
ATOM   1514 C CD1 . TRP B 1 93  ? 6.516   -13.455 -7.143  1.00 41.08  ? 91  TRP B CD1 1 
ATOM   1515 C CD2 . TRP B 1 93  ? 5.240   -12.297 -8.575  1.00 38.51  ? 91  TRP B CD2 1 
ATOM   1516 N NE1 . TRP B 1 93  ? 6.288   -12.222 -6.598  1.00 39.41  ? 91  TRP B NE1 1 
ATOM   1517 C CE2 . TRP B 1 93  ? 5.503   -11.489 -7.451  1.00 39.16  ? 91  TRP B CE2 1 
ATOM   1518 C CE3 . TRP B 1 93  ? 4.447   -11.776 -9.609  1.00 40.93  ? 91  TRP B CE3 1 
ATOM   1519 C CZ2 . TRP B 1 93  ? 5.004   -10.181 -7.325  1.00 41.16  ? 91  TRP B CZ2 1 
ATOM   1520 C CZ3 . TRP B 1 93  ? 3.949   -10.483 -9.485  1.00 42.09  ? 91  TRP B CZ3 1 
ATOM   1521 C CH2 . TRP B 1 93  ? 4.229   -9.701  -8.347  1.00 42.26  ? 91  TRP B CH2 1 
ATOM   1522 N N   . THR B 1 94  ? 7.099   -13.655 -11.816 1.00 40.03  ? 92  THR B N   1 
ATOM   1523 C CA  . THR B 1 94  ? 7.064   -12.404 -12.547 1.00 39.35  ? 92  THR B CA  1 
ATOM   1524 C C   . THR B 1 94  ? 5.683   -12.262 -13.151 1.00 40.99  ? 92  THR B C   1 
ATOM   1525 O O   . THR B 1 94  ? 4.820   -13.122 -12.982 1.00 41.15  ? 92  THR B O   1 
ATOM   1526 C CB  . THR B 1 94  ? 8.120   -12.335 -13.647 1.00 42.13  ? 92  THR B CB  1 
ATOM   1527 O OG1 . THR B 1 94  ? 8.228   -10.979 -14.110 1.00 43.67  ? 92  THR B OG1 1 
ATOM   1528 C CG2 . THR B 1 94  ? 7.752   -13.262 -14.801 1.00 41.21  ? 92  THR B CG2 1 
ATOM   1529 N N   . PHE B 1 95  ? 5.463   -11.158 -13.834 1.00 44.13  ? 93  PHE B N   1 
ATOM   1530 C CA  . PHE B 1 95  ? 4.201   -10.938 -14.502 1.00 43.59  ? 93  PHE B CA  1 
ATOM   1531 C C   . PHE B 1 95  ? 4.519   -10.212 -15.780 1.00 42.15  ? 93  PHE B C   1 
ATOM   1532 O O   . PHE B 1 95  ? 5.573   -9.579  -15.899 1.00 43.41  ? 93  PHE B O   1 
ATOM   1533 C CB  . PHE B 1 95  ? 3.291   -10.077 -13.632 1.00 45.74  ? 93  PHE B CB  1 
ATOM   1534 C CG  . PHE B 1 95  ? 3.743   -8.644  -13.519 1.00 47.40  ? 93  PHE B CG  1 
ATOM   1535 C CD1 . PHE B 1 95  ? 4.600   -8.244  -12.500 1.00 42.71  ? 93  PHE B CD1 1 
ATOM   1536 C CD2 . PHE B 1 95  ? 3.297   -7.696  -14.424 1.00 46.21  ? 93  PHE B CD2 1 
ATOM   1537 C CE1 . PHE B 1 95  ? 5.013   -6.935  -12.396 1.00 44.66  ? 93  PHE B CE1 1 
ATOM   1538 C CE2 . PHE B 1 95  ? 3.699   -6.374  -14.326 1.00 47.58  ? 93  PHE B CE2 1 
ATOM   1539 C CZ  . PHE B 1 95  ? 4.562   -5.993  -13.308 1.00 46.36  ? 93  PHE B CZ  1 
ATOM   1540 N N   . VAL B 1 96  ? 3.631   -10.306 -16.753 1.00 40.84  ? 94  VAL B N   1 
ATOM   1541 C CA  . VAL B 1 96  ? 3.800   -9.493  -17.935 1.00 40.46  ? 94  VAL B CA  1 
ATOM   1542 C C   . VAL B 1 96  ? 2.448   -8.993  -18.386 1.00 46.35  ? 94  VAL B C   1 
ATOM   1543 O O   . VAL B 1 96  ? 1.420   -9.292  -17.775 1.00 42.10  ? 94  VAL B O   1 
ATOM   1544 C CB  . VAL B 1 96  ? 4.492   -10.274 -19.065 1.00 40.69  ? 94  VAL B CB  1 
ATOM   1545 C CG1 . VAL B 1 96  ? 5.886   -10.658 -18.644 1.00 42.21  ? 94  VAL B CG1 1 
ATOM   1546 C CG2 . VAL B 1 96  ? 3.695   -11.512 -19.416 1.00 46.63  ? 94  VAL B CG2 1 
ATOM   1547 N N   . ALA B 1 97  ? 2.456   -8.230  -19.466 1.00 50.97  ? 95  ALA B N   1 
ATOM   1548 C CA  . ALA B 1 97  ? 1.218   -7.777  -20.068 1.00 51.32  ? 95  ALA B CA  1 
ATOM   1549 C C   . ALA B 1 97  ? 0.498   -8.939  -20.728 1.00 49.66  ? 95  ALA B C   1 
ATOM   1550 O O   . ALA B 1 97  ? 1.118   -9.863  -21.243 1.00 52.62  ? 95  ALA B O   1 
ATOM   1551 C CB  . ALA B 1 97  ? 1.505   -6.701  -21.078 1.00 55.54  ? 95  ALA B CB  1 
ATOM   1552 N N   . VAL B 1 98  ? -0.819  -8.869  -20.724 1.00 49.94  ? 96  VAL B N   1 
ATOM   1553 C CA  . VAL B 1 98  ? -1.664  -9.960  -21.192 1.00 55.27  ? 96  VAL B CA  1 
ATOM   1554 C C   . VAL B 1 98  ? -1.239  -10.639 -22.508 1.00 65.48  ? 96  VAL B C   1 
ATOM   1555 O O   . VAL B 1 98  ? -1.198  -11.876 -22.596 1.00 69.82  ? 96  VAL B O   1 
ATOM   1556 C CB  . VAL B 1 98  ? -3.117  -9.494  -21.305 1.00 59.77  ? 96  VAL B CB  1 
ATOM   1557 C CG1 . VAL B 1 98  ? -3.695  -9.897  -22.642 1.00 60.03  ? 96  VAL B CG1 1 
ATOM   1558 C CG2 . VAL B 1 98  ? -3.938  -10.065 -20.158 1.00 60.81  ? 96  VAL B CG2 1 
ATOM   1559 N N   . GLY B 1 99  ? -0.941  -9.853  -23.533 1.00 58.16  ? 97  GLY B N   1 
ATOM   1560 C CA  . GLY B 1 99  ? -0.587  -10.443 -24.810 1.00 65.07  ? 97  GLY B CA  1 
ATOM   1561 C C   . GLY B 1 99  ? 0.895   -10.749 -24.944 1.00 72.18  ? 97  GLY B C   1 
ATOM   1562 O O   . GLY B 1 99  ? 1.437   -10.671 -26.043 1.00 74.85  ? 97  GLY B O   1 
ATOM   1563 N N   . GLN B 1 100 ? 1.559   -11.099 -23.845 1.00 58.58  ? 98  GLN B N   1 
ATOM   1564 C CA  . GLN B 1 100 ? 3.002   -11.278 -23.896 1.00 57.35  ? 98  GLN B CA  1 
ATOM   1565 C C   . GLN B 1 100 ? 3.457   -12.665 -23.450 1.00 59.08  ? 98  GLN B C   1 
ATOM   1566 O O   . GLN B 1 100 ? 2.766   -13.340 -22.690 1.00 58.03  ? 98  GLN B O   1 
ATOM   1567 C CB  . GLN B 1 100 ? 3.693   -10.208 -23.059 1.00 61.90  ? 98  GLN B CB  1 
ATOM   1568 C CG  . GLN B 1 100 ? 3.385   -8.783  -23.485 1.00 62.14  ? 98  GLN B CG  1 
ATOM   1569 C CD  . GLN B 1 100 ? 3.900   -8.459  -24.884 1.00 75.60  ? 98  GLN B CD  1 
ATOM   1570 O OE1 . GLN B 1 100 ? 5.037   -8.796  -25.243 1.00 72.47  ? 98  GLN B OE1 1 
ATOM   1571 N NE2 . GLN B 1 100 ? 3.062   -7.795  -25.681 1.00 75.47  ? 98  GLN B NE2 1 
ATOM   1572 N N   . PRO B 1 101 ? 4.633   -13.094 -23.929 1.00 61.41  ? 99  PRO B N   1 
ATOM   1573 C CA  . PRO B 1 101 ? 5.190   -14.380 -23.507 1.00 63.82  ? 99  PRO B CA  1 
ATOM   1574 C C   . PRO B 1 101 ? 5.806   -14.266 -22.117 1.00 65.03  ? 99  PRO B C   1 
ATOM   1575 O O   . PRO B 1 101 ? 6.566   -13.323 -21.844 1.00 57.55  ? 99  PRO B O   1 
ATOM   1576 C CB  . PRO B 1 101 ? 6.298   -14.625 -24.530 1.00 59.73  ? 99  PRO B CB  1 
ATOM   1577 C CG  . PRO B 1 101 ? 6.802   -13.241 -24.833 1.00 62.62  ? 99  PRO B CG  1 
ATOM   1578 C CD  . PRO B 1 101 ? 5.549   -12.369 -24.830 1.00 64.43  ? 99  PRO B CD  1 
ATOM   1579 N N   . LEU B 1 102 ? 5.462   -15.212 -21.246 1.00 60.59  ? 100 LEU B N   1 
ATOM   1580 C CA  . LEU B 1 102 ? 6.131   -15.351 -19.966 1.00 51.88  ? 100 LEU B CA  1 
ATOM   1581 C C   . LEU B 1 102 ? 7.401   -16.185 -20.132 1.00 58.23  ? 100 LEU B C   1 
ATOM   1582 O O   . LEU B 1 102 ? 7.421   -17.157 -20.903 1.00 50.20  ? 100 LEU B O   1 
ATOM   1583 C CB  . LEU B 1 102 ? 5.186   -15.985 -18.953 1.00 51.00  ? 100 LEU B CB  1 
ATOM   1584 C CG  . LEU B 1 102 ? 4.150   -14.984 -18.456 1.00 55.83  ? 100 LEU B CG  1 
ATOM   1585 C CD1 . LEU B 1 102 ? 2.818   -15.640 -18.193 1.00 54.43  ? 100 LEU B CD1 1 
ATOM   1586 C CD2 . LEU B 1 102 ? 4.669   -14.284 -17.198 1.00 50.40  ? 100 LEU B CD2 1 
ATOM   1587 N N   . PRO B 1 103 ? 8.476   -15.794 -19.421 1.00 56.34  ? 101 PRO B N   1 
ATOM   1588 C CA  . PRO B 1 103 ? 9.768   -16.482 -19.449 1.00 51.64  ? 101 PRO B CA  1 
ATOM   1589 C C   . PRO B 1 103 ? 9.654   -17.900 -18.932 1.00 56.64  ? 101 PRO B C   1 
ATOM   1590 O O   . PRO B 1 103 ? 8.863   -18.172 -18.032 1.00 57.43  ? 101 PRO B O   1 
ATOM   1591 C CB  . PRO B 1 103 ? 10.623  -15.680 -18.467 1.00 48.35  ? 101 PRO B CB  1 
ATOM   1592 C CG  . PRO B 1 103 ? 9.952   -14.388 -18.334 1.00 51.52  ? 101 PRO B CG  1 
ATOM   1593 C CD  . PRO B 1 103 ? 8.502   -14.632 -18.525 1.00 51.26  ? 101 PRO B CD  1 
ATOM   1594 N N   . GLU B 1 104 ? 10.467  -18.790 -19.487 1.00 58.69  ? 102 GLU B N   1 
ATOM   1595 C CA  . GLU B 1 104 ? 10.462  -20.185 -19.084 1.00 63.92  ? 102 GLU B CA  1 
ATOM   1596 C C   . GLU B 1 104 ? 11.092  -20.398 -17.703 1.00 59.13  ? 102 GLU B C   1 
ATOM   1597 O O   . GLU B 1 104 ? 10.652  -21.269 -16.949 1.00 53.36  ? 102 GLU B O   1 
ATOM   1598 C CB  . GLU B 1 104 ? 11.147  -21.037 -20.153 1.00 73.75  ? 102 GLU B CB  1 
ATOM   1599 C CG  . GLU B 1 104 ? 10.417  -21.018 -21.493 1.00 79.30  ? 102 GLU B CG  1 
ATOM   1600 C CD  . GLU B 1 104 ? 10.577  -22.318 -22.271 1.00 88.92  ? 102 GLU B CD  1 
ATOM   1601 O OE1 . GLU B 1 104 ? 11.730  -22.738 -22.518 1.00 88.57  ? 102 GLU B OE1 1 
ATOM   1602 O OE2 . GLU B 1 104 ? 9.541   -22.924 -22.624 1.00 91.41  ? 102 GLU B OE2 1 
ATOM   1603 N N   . THR B 1 105 ? 12.121  -19.616 -17.375 1.00 57.52  ? 103 THR B N   1 
ATOM   1604 C CA  . THR B 1 105 ? 12.680  -19.648 -16.023 1.00 55.51  ? 103 THR B CA  1 
ATOM   1605 C C   . THR B 1 105 ? 13.186  -18.278 -15.623 1.00 52.83  ? 103 THR B C   1 
ATOM   1606 O O   . THR B 1 105 ? 13.561  -17.464 -16.467 1.00 54.36  ? 103 THR B O   1 
ATOM   1607 C CB  . THR B 1 105 ? 13.870  -20.632 -15.886 1.00 63.49  ? 103 THR B CB  1 
ATOM   1608 O OG1 . THR B 1 105 ? 14.801  -20.401 -16.954 1.00 55.77  ? 103 THR B OG1 1 
ATOM   1609 C CG2 . THR B 1 105 ? 13.405  -22.098 -15.899 1.00 60.80  ? 103 THR B CG2 1 
ATOM   1610 N N   . LEU B 1 106 ? 13.198  -18.033 -14.320 1.00 56.93  ? 104 LEU B N   1 
ATOM   1611 C CA  . LEU B 1 106 ? 13.811  -16.843 -13.769 1.00 48.35  ? 104 LEU B CA  1 
ATOM   1612 C C   . LEU B 1 106 ? 15.245  -17.172 -13.366 1.00 54.24  ? 104 LEU B C   1 
ATOM   1613 O O   . LEU B 1 106 ? 15.545  -18.298 -12.939 1.00 52.25  ? 104 LEU B O   1 
ATOM   1614 C CB  . LEU B 1 106 ? 13.023  -16.365 -12.557 1.00 48.89  ? 104 LEU B CB  1 
ATOM   1615 C CG  . LEU B 1 106 ? 11.644  -15.820 -12.906 1.00 53.40  ? 104 LEU B CG  1 
ATOM   1616 C CD1 . LEU B 1 106 ? 10.960  -15.280 -11.675 1.00 43.59  ? 104 LEU B CD1 1 
ATOM   1617 C CD2 . LEU B 1 106 ? 11.761  -14.724 -13.977 1.00 48.78  ? 104 LEU B CD2 1 
ATOM   1618 N N   . GLN B 1 107 ? 16.128  -16.194 -13.537 1.00 48.20  ? 105 GLN B N   1 
ATOM   1619 C CA  . GLN B 1 107 ? 17.443  -16.246 -12.931 1.00 50.11  ? 105 GLN B CA  1 
ATOM   1620 C C   . GLN B 1 107 ? 17.406  -15.332 -11.731 1.00 50.12  ? 105 GLN B C   1 
ATOM   1621 O O   . GLN B 1 107 ? 17.178  -14.139 -11.853 1.00 53.72  ? 105 GLN B O   1 
ATOM   1622 C CB  . GLN B 1 107 ? 18.516  -15.762 -13.887 1.00 51.75  ? 105 GLN B CB  1 
ATOM   1623 C CG  . GLN B 1 107 ? 18.915  -16.751 -14.929 1.00 54.78  ? 105 GLN B CG  1 
ATOM   1624 C CD  . GLN B 1 107 ? 20.367  -16.577 -15.350 1.00 63.01  ? 105 GLN B CD  1 
ATOM   1625 O OE1 . GLN B 1 107 ? 21.056  -15.652 -14.896 1.00 56.94  ? 105 GLN B OE1 1 
ATOM   1626 N NE2 . GLN B 1 107 ? 20.840  -17.465 -16.228 1.00 64.49  ? 105 GLN B NE2 1 
ATOM   1627 N N   . VAL B 1 108 ? 17.615  -15.897 -10.559 1.00 52.07  ? 106 VAL B N   1 
ATOM   1628 C CA  . VAL B 1 108 ? 17.566  -15.122 -9.334  1.00 49.75  ? 106 VAL B CA  1 
ATOM   1629 C C   . VAL B 1 108 ? 18.914  -14.464 -9.095  1.00 55.83  ? 106 VAL B C   1 
ATOM   1630 O O   . VAL B 1 108 ? 19.947  -15.140 -9.034  1.00 53.70  ? 106 VAL B O   1 
ATOM   1631 C CB  . VAL B 1 108 ? 17.188  -16.002 -8.141  1.00 48.99  ? 106 VAL B CB  1 
ATOM   1632 C CG1 . VAL B 1 108 ? 17.151  -15.158 -6.871  1.00 48.76  ? 106 VAL B CG1 1 
ATOM   1633 C CG2 . VAL B 1 108 ? 15.862  -16.666 -8.395  1.00 39.57  ? 106 VAL B CG2 1 
ATOM   1634 N N   . PRO B 1 109 ? 18.914  -13.129 -8.979  1.00 62.30  ? 107 PRO B N   1 
ATOM   1635 C CA  . PRO B 1 109 ? 20.190  -12.414 -8.877  1.00 60.81  ? 107 PRO B CA  1 
ATOM   1636 C C   . PRO B 1 109 ? 20.632  -12.285 -7.427  1.00 61.69  ? 107 PRO B C   1 
ATOM   1637 O O   . PRO B 1 109 ? 19.945  -12.789 -6.543  1.00 56.47  ? 107 PRO B O   1 
ATOM   1638 C CB  . PRO B 1 109 ? 19.856  -11.043 -9.469  1.00 61.04  ? 107 PRO B CB  1 
ATOM   1639 C CG  . PRO B 1 109 ? 18.399  -10.829 -9.090  1.00 57.51  ? 107 PRO B CG  1 
ATOM   1640 C CD  . PRO B 1 109 ? 17.756  -12.213 -9.011  1.00 53.97  ? 107 PRO B CD  1 
ATOM   1641 N N   . THR B 1 110 ? 21.762  -11.618 -7.196  1.00 67.31  ? 108 THR B N   1 
ATOM   1642 C CA  . THR B 1 110 ? 22.259  -11.389 -5.839  1.00 71.36  ? 108 THR B CA  1 
ATOM   1643 C C   . THR B 1 110 ? 21.774  -10.060 -5.252  1.00 74.63  ? 108 THR B C   1 
ATOM   1644 O O   . THR B 1 110 ? 22.557  -9.293  -4.679  1.00 81.57  ? 108 THR B O   1 
ATOM   1645 C CB  . THR B 1 110 ? 23.786  -11.403 -5.805  1.00 71.12  ? 108 THR B CB  1 
ATOM   1646 O OG1 . THR B 1 110 ? 24.285  -11.964 -7.027  1.00 68.47  ? 108 THR B OG1 1 
ATOM   1647 C CG2 . THR B 1 110 ? 24.265  -12.233 -4.623  1.00 68.58  ? 108 THR B CG2 1 
HETATM 1648 O O   . HOH C 2 .   ? -14.007 21.837  2.547   1.00 54.98  ? 201 HOH A O   1 
HETATM 1649 O O   . HOH C 2 .   ? -1.490  11.064  19.731  1.00 41.06  ? 202 HOH A O   1 
HETATM 1650 O O   . HOH C 2 .   ? -8.050  6.431   15.751  1.00 40.00  ? 203 HOH A O   1 
HETATM 1651 O O   . HOH C 2 .   ? -1.698  0.599   10.297  1.00 51.48  ? 204 HOH A O   1 
HETATM 1652 O O   . HOH C 2 .   ? -1.717  16.291  14.635  1.00 36.28  ? 205 HOH A O   1 
HETATM 1653 O O   . HOH C 2 .   ? 0.716   -0.115  0.640   1.00 53.40  ? 206 HOH A O   1 
HETATM 1654 O O   . HOH C 2 .   ? -16.718 13.964  3.245   1.00 47.62  ? 207 HOH A O   1 
HETATM 1655 O O   . HOH C 2 .   ? -7.134  5.435   19.963  1.00 59.63  ? 208 HOH A O   1 
HETATM 1656 O O   . HOH C 2 .   ? 16.152  17.021  4.281   1.00 46.08  ? 209 HOH A O   1 
HETATM 1657 O O   . HOH C 2 .   ? 7.652   14.645  22.354  1.00 44.41  ? 210 HOH A O   1 
HETATM 1658 O O   . HOH D 2 .   ? -3.853  -21.143 -7.657  1.00 49.42  ? 201 HOH B O   1 
HETATM 1659 O O   . HOH D 2 .   ? 7.200   -19.407 -6.522  1.00 35.67  ? 202 HOH B O   1 
HETATM 1660 O O   . HOH D 2 .   ? 3.748   -2.225  -13.085 1.00 50.33  ? 203 HOH B O   1 
HETATM 1661 O O   . HOH D 2 .   ? 8.357   -17.679 2.007   1.00 45.52  ? 204 HOH B O   1 
HETATM 1662 O O   . HOH D 2 .   ? 14.589  -10.310 -7.137  1.00 44.62  ? 205 HOH B O   1 
HETATM 1663 O O   . HOH D 2 .   ? -4.738  -23.724 -6.511  1.00 48.68  ? 206 HOH B O   1 
# 
